data_1BGC
# 
_entry.id   1BGC 
# 
_audit_conform.dict_name       mmcif_pdbx.dic 
_audit_conform.dict_version    5.399 
_audit_conform.dict_location   http://mmcif.pdb.org/dictionaries/ascii/mmcif_pdbx.dic 
# 
loop_
_database_2.database_id 
_database_2.database_code 
_database_2.pdbx_database_accession 
_database_2.pdbx_DOI 
PDB   1BGC         pdb_00001bgc 10.2210/pdb1bgc/pdb 
WWPDB D_1000171722 ?            ?                   
# 
loop_
_pdbx_audit_revision_history.ordinal 
_pdbx_audit_revision_history.data_content_type 
_pdbx_audit_revision_history.major_revision 
_pdbx_audit_revision_history.minor_revision 
_pdbx_audit_revision_history.revision_date 
1 'Structure model' 1 0 1993-10-31 
2 'Structure model' 1 1 2008-03-24 
3 'Structure model' 1 2 2011-07-13 
4 'Structure model' 1 3 2024-06-05 
5 'Structure model' 1 4 2024-11-20 
# 
_pdbx_audit_revision_details.ordinal             1 
_pdbx_audit_revision_details.revision_ordinal    1 
_pdbx_audit_revision_details.data_content_type   'Structure model' 
_pdbx_audit_revision_details.provider            repository 
_pdbx_audit_revision_details.type                'Initial release' 
_pdbx_audit_revision_details.description         ? 
_pdbx_audit_revision_details.details             ? 
# 
loop_
_pdbx_audit_revision_group.ordinal 
_pdbx_audit_revision_group.revision_ordinal 
_pdbx_audit_revision_group.data_content_type 
_pdbx_audit_revision_group.group 
1 2 'Structure model' 'Version format compliance' 
2 3 'Structure model' 'Version format compliance' 
3 4 'Structure model' 'Data collection'           
4 4 'Structure model' 'Database references'       
5 4 'Structure model' Other                       
6 5 'Structure model' 'Structure summary'         
# 
loop_
_pdbx_audit_revision_category.ordinal 
_pdbx_audit_revision_category.revision_ordinal 
_pdbx_audit_revision_category.data_content_type 
_pdbx_audit_revision_category.category 
1 4 'Structure model' chem_comp_atom            
2 4 'Structure model' chem_comp_bond            
3 4 'Structure model' database_2                
4 4 'Structure model' pdbx_database_status      
5 5 'Structure model' pdbx_entry_details        
6 5 'Structure model' pdbx_modification_feature 
# 
loop_
_pdbx_audit_revision_item.ordinal 
_pdbx_audit_revision_item.revision_ordinal 
_pdbx_audit_revision_item.data_content_type 
_pdbx_audit_revision_item.item 
1 4 'Structure model' '_database_2.pdbx_DOI'                
2 4 'Structure model' '_database_2.pdbx_database_accession' 
3 4 'Structure model' '_pdbx_database_status.process_site'  
# 
_pdbx_database_status.status_code                     REL 
_pdbx_database_status.entry_id                        1BGC 
_pdbx_database_status.recvd_initial_deposition_date   1993-04-27 
_pdbx_database_status.deposit_site                    ? 
_pdbx_database_status.process_site                    BNL 
_pdbx_database_status.status_code_sf                  REL 
_pdbx_database_status.status_code_mr                  ? 
_pdbx_database_status.SG_entry                        ? 
_pdbx_database_status.pdb_format_compatible           Y 
_pdbx_database_status.status_code_cs                  ? 
_pdbx_database_status.status_code_nmr_data            ? 
_pdbx_database_status.methods_development_category    ? 
# 
loop_
_audit_author.name 
_audit_author.pdbx_ordinal 
'Lovejoy, B.'   1 
'Cascio, D.'    2 
'Eisenberg, D.' 3 
# 
_citation.id                        primary 
_citation.title                     'Crystal structure of canine and bovine granulocyte-colony stimulating factor (G-CSF).' 
_citation.journal_abbrev            J.Mol.Biol. 
_citation.journal_volume            234 
_citation.page_first                640 
_citation.page_last                 653 
_citation.year                      1993 
_citation.journal_id_ASTM           JMOBAK 
_citation.country                   UK 
_citation.journal_id_ISSN           0022-2836 
_citation.journal_id_CSD            0070 
_citation.book_publisher            ? 
_citation.pdbx_database_id_PubMed   7504736 
_citation.pdbx_database_id_DOI      10.1006/jmbi.1993.1617 
# 
loop_
_citation_author.citation_id 
_citation_author.name 
_citation_author.ordinal 
_citation_author.identifier_ORCID 
primary 'Lovejoy, B.'   1 ? 
primary 'Cascio, D.'    2 ? 
primary 'Eisenberg, D.' 3 ? 
# 
loop_
_entity.id 
_entity.type 
_entity.src_method 
_entity.pdbx_description 
_entity.formula_weight 
_entity.pdbx_number_of_molecules 
_entity.pdbx_ec 
_entity.pdbx_mutation 
_entity.pdbx_fragment 
_entity.details 
1 polymer man 'GRANULOCYTE COLONY-STIMULATING FACTOR' 18971.906 1  ? ? ? ? 
2 water   nat water                                   18.015    97 ? ? ? ? 
# 
_entity_poly.entity_id                      1 
_entity_poly.type                           'polypeptide(L)' 
_entity_poly.nstd_linkage                   no 
_entity_poly.nstd_monomer                   no 
_entity_poly.pdbx_seq_one_letter_code       
;TPLGPARSLPQSFLLKCLEQVRKIQADGAELQERLCAAHKLCHPEELMLLRHSLGIPQAPLSSCSSQSLQLRGCLNQLHG
GLFLYQGLLQALAGISPELAPTLDTLQLDVTDFATNIWLQMEDLGAAPAVQPTQGAMPTFTSAFQRRAGGVLVASQLHRF
LELAYRGLRYLAEP
;
_entity_poly.pdbx_seq_one_letter_code_can   
;TPLGPARSLPQSFLLKCLEQVRKIQADGAELQERLCAAHKLCHPEELMLLRHSLGIPQAPLSSCSSQSLQLRGCLNQLHG
GLFLYQGLLQALAGISPELAPTLDTLQLDVTDFATNIWLQMEDLGAAPAVQPTQGAMPTFTSAFQRRAGGVLVASQLHRF
LELAYRGLRYLAEP
;
_entity_poly.pdbx_strand_id                 A 
_entity_poly.pdbx_target_identifier         ? 
# 
_pdbx_entity_nonpoly.entity_id   2 
_pdbx_entity_nonpoly.name        water 
_pdbx_entity_nonpoly.comp_id     HOH 
# 
loop_
_entity_poly_seq.entity_id 
_entity_poly_seq.num 
_entity_poly_seq.mon_id 
_entity_poly_seq.hetero 
1 1   THR n 
1 2   PRO n 
1 3   LEU n 
1 4   GLY n 
1 5   PRO n 
1 6   ALA n 
1 7   ARG n 
1 8   SER n 
1 9   LEU n 
1 10  PRO n 
1 11  GLN n 
1 12  SER n 
1 13  PHE n 
1 14  LEU n 
1 15  LEU n 
1 16  LYS n 
1 17  CYS n 
1 18  LEU n 
1 19  GLU n 
1 20  GLN n 
1 21  VAL n 
1 22  ARG n 
1 23  LYS n 
1 24  ILE n 
1 25  GLN n 
1 26  ALA n 
1 27  ASP n 
1 28  GLY n 
1 29  ALA n 
1 30  GLU n 
1 31  LEU n 
1 32  GLN n 
1 33  GLU n 
1 34  ARG n 
1 35  LEU n 
1 36  CYS n 
1 37  ALA n 
1 38  ALA n 
1 39  HIS n 
1 40  LYS n 
1 41  LEU n 
1 42  CYS n 
1 43  HIS n 
1 44  PRO n 
1 45  GLU n 
1 46  GLU n 
1 47  LEU n 
1 48  MET n 
1 49  LEU n 
1 50  LEU n 
1 51  ARG n 
1 52  HIS n 
1 53  SER n 
1 54  LEU n 
1 55  GLY n 
1 56  ILE n 
1 57  PRO n 
1 58  GLN n 
1 59  ALA n 
1 60  PRO n 
1 61  LEU n 
1 62  SER n 
1 63  SER n 
1 64  CYS n 
1 65  SER n 
1 66  SER n 
1 67  GLN n 
1 68  SER n 
1 69  LEU n 
1 70  GLN n 
1 71  LEU n 
1 72  ARG n 
1 73  GLY n 
1 74  CYS n 
1 75  LEU n 
1 76  ASN n 
1 77  GLN n 
1 78  LEU n 
1 79  HIS n 
1 80  GLY n 
1 81  GLY n 
1 82  LEU n 
1 83  PHE n 
1 84  LEU n 
1 85  TYR n 
1 86  GLN n 
1 87  GLY n 
1 88  LEU n 
1 89  LEU n 
1 90  GLN n 
1 91  ALA n 
1 92  LEU n 
1 93  ALA n 
1 94  GLY n 
1 95  ILE n 
1 96  SER n 
1 97  PRO n 
1 98  GLU n 
1 99  LEU n 
1 100 ALA n 
1 101 PRO n 
1 102 THR n 
1 103 LEU n 
1 104 ASP n 
1 105 THR n 
1 106 LEU n 
1 107 GLN n 
1 108 LEU n 
1 109 ASP n 
1 110 VAL n 
1 111 THR n 
1 112 ASP n 
1 113 PHE n 
1 114 ALA n 
1 115 THR n 
1 116 ASN n 
1 117 ILE n 
1 118 TRP n 
1 119 LEU n 
1 120 GLN n 
1 121 MET n 
1 122 GLU n 
1 123 ASP n 
1 124 LEU n 
1 125 GLY n 
1 126 ALA n 
1 127 ALA n 
1 128 PRO n 
1 129 ALA n 
1 130 VAL n 
1 131 GLN n 
1 132 PRO n 
1 133 THR n 
1 134 GLN n 
1 135 GLY n 
1 136 ALA n 
1 137 MET n 
1 138 PRO n 
1 139 THR n 
1 140 PHE n 
1 141 THR n 
1 142 SER n 
1 143 ALA n 
1 144 PHE n 
1 145 GLN n 
1 146 ARG n 
1 147 ARG n 
1 148 ALA n 
1 149 GLY n 
1 150 GLY n 
1 151 VAL n 
1 152 LEU n 
1 153 VAL n 
1 154 ALA n 
1 155 SER n 
1 156 GLN n 
1 157 LEU n 
1 158 HIS n 
1 159 ARG n 
1 160 PHE n 
1 161 LEU n 
1 162 GLU n 
1 163 LEU n 
1 164 ALA n 
1 165 TYR n 
1 166 ARG n 
1 167 GLY n 
1 168 LEU n 
1 169 ARG n 
1 170 TYR n 
1 171 LEU n 
1 172 ALA n 
1 173 GLU n 
1 174 PRO n 
# 
_entity_src_gen.entity_id                          1 
_entity_src_gen.pdbx_src_id                        1 
_entity_src_gen.pdbx_alt_source_flag               sample 
_entity_src_gen.pdbx_seq_type                      ? 
_entity_src_gen.pdbx_beg_seq_num                   ? 
_entity_src_gen.pdbx_end_seq_num                   ? 
_entity_src_gen.gene_src_common_name               cattle 
_entity_src_gen.gene_src_genus                     Bos 
_entity_src_gen.pdbx_gene_src_gene                 ? 
_entity_src_gen.gene_src_species                   ? 
_entity_src_gen.gene_src_strain                    ? 
_entity_src_gen.gene_src_tissue                    ? 
_entity_src_gen.gene_src_tissue_fraction           ? 
_entity_src_gen.gene_src_details                   ? 
_entity_src_gen.pdbx_gene_src_fragment             ? 
_entity_src_gen.pdbx_gene_src_scientific_name      'Bos taurus' 
_entity_src_gen.pdbx_gene_src_ncbi_taxonomy_id     9913 
_entity_src_gen.pdbx_gene_src_variant              ? 
_entity_src_gen.pdbx_gene_src_cell_line            ? 
_entity_src_gen.pdbx_gene_src_atcc                 ? 
_entity_src_gen.pdbx_gene_src_organ                ? 
_entity_src_gen.pdbx_gene_src_organelle            ? 
_entity_src_gen.pdbx_gene_src_cell                 ? 
_entity_src_gen.pdbx_gene_src_cellular_location    ? 
_entity_src_gen.host_org_common_name               ? 
_entity_src_gen.pdbx_host_org_scientific_name      ? 
_entity_src_gen.pdbx_host_org_ncbi_taxonomy_id     ? 
_entity_src_gen.host_org_genus                     ? 
_entity_src_gen.pdbx_host_org_gene                 ? 
_entity_src_gen.pdbx_host_org_organ                ? 
_entity_src_gen.host_org_species                   ? 
_entity_src_gen.pdbx_host_org_tissue               ? 
_entity_src_gen.pdbx_host_org_tissue_fraction      ? 
_entity_src_gen.pdbx_host_org_strain               ? 
_entity_src_gen.pdbx_host_org_variant              ? 
_entity_src_gen.pdbx_host_org_cell_line            ? 
_entity_src_gen.pdbx_host_org_atcc                 ? 
_entity_src_gen.pdbx_host_org_culture_collection   ? 
_entity_src_gen.pdbx_host_org_cell                 ? 
_entity_src_gen.pdbx_host_org_organelle            ? 
_entity_src_gen.pdbx_host_org_cellular_location    ? 
_entity_src_gen.pdbx_host_org_vector_type          ? 
_entity_src_gen.pdbx_host_org_vector               ? 
_entity_src_gen.host_org_details                   ? 
_entity_src_gen.expression_system_id               ? 
_entity_src_gen.plasmid_name                       ? 
_entity_src_gen.plasmid_details                    ? 
_entity_src_gen.pdbx_description                   ? 
# 
loop_
_chem_comp.id 
_chem_comp.type 
_chem_comp.mon_nstd_flag 
_chem_comp.name 
_chem_comp.pdbx_synonyms 
_chem_comp.formula 
_chem_comp.formula_weight 
ALA 'L-peptide linking' y ALANINE         ? 'C3 H7 N O2'     89.093  
ARG 'L-peptide linking' y ARGININE        ? 'C6 H15 N4 O2 1' 175.209 
ASN 'L-peptide linking' y ASPARAGINE      ? 'C4 H8 N2 O3'    132.118 
ASP 'L-peptide linking' y 'ASPARTIC ACID' ? 'C4 H7 N O4'     133.103 
CYS 'L-peptide linking' y CYSTEINE        ? 'C3 H7 N O2 S'   121.158 
GLN 'L-peptide linking' y GLUTAMINE       ? 'C5 H10 N2 O3'   146.144 
GLU 'L-peptide linking' y 'GLUTAMIC ACID' ? 'C5 H9 N O4'     147.129 
GLY 'peptide linking'   y GLYCINE         ? 'C2 H5 N O2'     75.067  
HIS 'L-peptide linking' y HISTIDINE       ? 'C6 H10 N3 O2 1' 156.162 
HOH non-polymer         . WATER           ? 'H2 O'           18.015  
ILE 'L-peptide linking' y ISOLEUCINE      ? 'C6 H13 N O2'    131.173 
LEU 'L-peptide linking' y LEUCINE         ? 'C6 H13 N O2'    131.173 
LYS 'L-peptide linking' y LYSINE          ? 'C6 H15 N2 O2 1' 147.195 
MET 'L-peptide linking' y METHIONINE      ? 'C5 H11 N O2 S'  149.211 
PHE 'L-peptide linking' y PHENYLALANINE   ? 'C9 H11 N O2'    165.189 
PRO 'L-peptide linking' y PROLINE         ? 'C5 H9 N O2'     115.130 
SER 'L-peptide linking' y SERINE          ? 'C3 H7 N O3'     105.093 
THR 'L-peptide linking' y THREONINE       ? 'C4 H9 N O3'     119.119 
TRP 'L-peptide linking' y TRYPTOPHAN      ? 'C11 H12 N2 O2'  204.225 
TYR 'L-peptide linking' y TYROSINE        ? 'C9 H11 N O3'    181.189 
VAL 'L-peptide linking' y VALINE          ? 'C5 H11 N O2'    117.146 
# 
loop_
_pdbx_poly_seq_scheme.asym_id 
_pdbx_poly_seq_scheme.entity_id 
_pdbx_poly_seq_scheme.seq_id 
_pdbx_poly_seq_scheme.mon_id 
_pdbx_poly_seq_scheme.ndb_seq_num 
_pdbx_poly_seq_scheme.pdb_seq_num 
_pdbx_poly_seq_scheme.auth_seq_num 
_pdbx_poly_seq_scheme.pdb_mon_id 
_pdbx_poly_seq_scheme.auth_mon_id 
_pdbx_poly_seq_scheme.pdb_strand_id 
_pdbx_poly_seq_scheme.pdb_ins_code 
_pdbx_poly_seq_scheme.hetero 
A 1 1   THR 1   2   ?   ?   ?   A . n 
A 1 2   PRO 2   3   ?   ?   ?   A . n 
A 1 3   LEU 3   4   ?   ?   ?   A . n 
A 1 4   GLY 4   5   ?   ?   ?   A . n 
A 1 5   PRO 5   6   ?   ?   ?   A . n 
A 1 6   ALA 6   7   ?   ?   ?   A . n 
A 1 7   ARG 7   8   ?   ?   ?   A . n 
A 1 8   SER 8   9   9   SER SER A . n 
A 1 9   LEU 9   10  10  LEU LEU A . n 
A 1 10  PRO 10  11  11  PRO PRO A . n 
A 1 11  GLN 11  12  12  GLN GLN A . n 
A 1 12  SER 12  13  13  SER SER A . n 
A 1 13  PHE 13  14  14  PHE PHE A . n 
A 1 14  LEU 14  15  15  LEU LEU A . n 
A 1 15  LEU 15  16  16  LEU LEU A . n 
A 1 16  LYS 16  17  17  LYS LYS A . n 
A 1 17  CYS 17  18  18  CYS CYS A . n 
A 1 18  LEU 18  19  19  LEU LEU A . n 
A 1 19  GLU 19  20  20  GLU GLU A . n 
A 1 20  GLN 20  21  21  GLN GLN A . n 
A 1 21  VAL 21  22  22  VAL VAL A . n 
A 1 22  ARG 22  23  23  ARG ARG A . n 
A 1 23  LYS 23  24  24  LYS LYS A . n 
A 1 24  ILE 24  25  25  ILE ILE A . n 
A 1 25  GLN 25  26  26  GLN GLN A . n 
A 1 26  ALA 26  27  27  ALA ALA A . n 
A 1 27  ASP 27  28  28  ASP ASP A . n 
A 1 28  GLY 28  29  29  GLY GLY A . n 
A 1 29  ALA 29  30  30  ALA ALA A . n 
A 1 30  GLU 30  31  31  GLU GLU A . n 
A 1 31  LEU 31  32  32  LEU LEU A . n 
A 1 32  GLN 32  33  33  GLN GLN A . n 
A 1 33  GLU 33  34  34  GLU GLU A . n 
A 1 34  ARG 34  35  35  ARG ARG A . n 
A 1 35  LEU 35  36  36  LEU LEU A . n 
A 1 36  CYS 36  37  37  CYS CYS A . n 
A 1 37  ALA 37  38  38  ALA ALA A . n 
A 1 38  ALA 38  39  39  ALA ALA A . n 
A 1 39  HIS 39  40  40  HIS HIS A . n 
A 1 40  LYS 40  41  41  LYS LYS A . n 
A 1 41  LEU 41  42  42  LEU LEU A . n 
A 1 42  CYS 42  43  43  CYS CYS A . n 
A 1 43  HIS 43  44  44  HIS HIS A . n 
A 1 44  PRO 44  45  45  PRO PRO A . n 
A 1 45  GLU 45  46  46  GLU GLU A . n 
A 1 46  GLU 46  47  47  GLU GLU A . n 
A 1 47  LEU 47  48  48  LEU LEU A . n 
A 1 48  MET 48  49  49  MET MET A . n 
A 1 49  LEU 49  50  50  LEU LEU A . n 
A 1 50  LEU 50  51  51  LEU LEU A . n 
A 1 51  ARG 51  52  52  ARG ARG A . n 
A 1 52  HIS 52  53  53  HIS HIS A . n 
A 1 53  SER 53  54  54  SER SER A . n 
A 1 54  LEU 54  55  55  LEU LEU A . n 
A 1 55  GLY 55  56  56  GLY GLY A . n 
A 1 56  ILE 56  57  57  ILE ILE A . n 
A 1 57  PRO 57  58  58  PRO PRO A . n 
A 1 58  GLN 58  59  59  GLN GLN A . n 
A 1 59  ALA 59  60  60  ALA ALA A . n 
A 1 60  PRO 60  61  61  PRO PRO A . n 
A 1 61  LEU 61  62  62  LEU LEU A . n 
A 1 62  SER 62  63  63  SER SER A . n 
A 1 63  SER 63  64  64  SER SER A . n 
A 1 64  CYS 64  65  65  CYS CYS A . n 
A 1 65  SER 65  66  66  SER SER A . n 
A 1 66  SER 66  67  67  SER SER A . n 
A 1 67  GLN 67  68  68  GLN GLN A . n 
A 1 68  SER 68  69  69  SER SER A . n 
A 1 69  LEU 69  70  70  LEU LEU A . n 
A 1 70  GLN 70  71  71  GLN GLN A . n 
A 1 71  LEU 71  72  72  LEU LEU A . n 
A 1 72  ARG 72  73  73  ARG ARG A . n 
A 1 73  GLY 73  74  74  GLY GLY A . n 
A 1 74  CYS 74  75  75  CYS CYS A . n 
A 1 75  LEU 75  76  76  LEU LEU A . n 
A 1 76  ASN 76  77  77  ASN ASN A . n 
A 1 77  GLN 77  78  78  GLN GLN A . n 
A 1 78  LEU 78  79  79  LEU LEU A . n 
A 1 79  HIS 79  80  80  HIS HIS A . n 
A 1 80  GLY 80  81  81  GLY GLY A . n 
A 1 81  GLY 81  82  82  GLY GLY A . n 
A 1 82  LEU 82  83  83  LEU LEU A . n 
A 1 83  PHE 83  84  84  PHE PHE A . n 
A 1 84  LEU 84  85  85  LEU LEU A . n 
A 1 85  TYR 85  86  86  TYR TYR A . n 
A 1 86  GLN 86  87  87  GLN GLN A . n 
A 1 87  GLY 87  88  88  GLY GLY A . n 
A 1 88  LEU 88  89  89  LEU LEU A . n 
A 1 89  LEU 89  90  90  LEU LEU A . n 
A 1 90  GLN 90  91  91  GLN GLN A . n 
A 1 91  ALA 91  92  92  ALA ALA A . n 
A 1 92  LEU 92  93  93  LEU LEU A . n 
A 1 93  ALA 93  94  94  ALA ALA A . n 
A 1 94  GLY 94  95  95  GLY GLY A . n 
A 1 95  ILE 95  96  96  ILE ILE A . n 
A 1 96  SER 96  97  97  SER SER A . n 
A 1 97  PRO 97  98  98  PRO PRO A . n 
A 1 98  GLU 98  99  99  GLU GLU A . n 
A 1 99  LEU 99  100 100 LEU LEU A . n 
A 1 100 ALA 100 101 101 ALA ALA A . n 
A 1 101 PRO 101 102 102 PRO PRO A . n 
A 1 102 THR 102 103 103 THR THR A . n 
A 1 103 LEU 103 104 104 LEU LEU A . n 
A 1 104 ASP 104 105 105 ASP ASP A . n 
A 1 105 THR 105 106 106 THR THR A . n 
A 1 106 LEU 106 107 107 LEU LEU A . n 
A 1 107 GLN 107 108 108 GLN GLN A . n 
A 1 108 LEU 108 109 109 LEU LEU A . n 
A 1 109 ASP 109 110 110 ASP ASP A . n 
A 1 110 VAL 110 111 111 VAL VAL A . n 
A 1 111 THR 111 112 112 THR THR A . n 
A 1 112 ASP 112 113 113 ASP ASP A . n 
A 1 113 PHE 113 114 114 PHE PHE A . n 
A 1 114 ALA 114 115 115 ALA ALA A . n 
A 1 115 THR 115 116 116 THR THR A . n 
A 1 116 ASN 116 117 117 ASN ASN A . n 
A 1 117 ILE 117 118 118 ILE ILE A . n 
A 1 118 TRP 118 119 119 TRP TRP A . n 
A 1 119 LEU 119 120 120 LEU LEU A . n 
A 1 120 GLN 120 121 121 GLN GLN A . n 
A 1 121 MET 121 122 122 MET MET A . n 
A 1 122 GLU 122 123 123 GLU GLU A . n 
A 1 123 ASP 123 124 124 ASP ASP A . n 
A 1 124 LEU 124 125 125 LEU LEU A . n 
A 1 125 GLY 125 126 126 GLY GLY A . n 
A 1 126 ALA 126 127 127 ALA ALA A . n 
A 1 127 ALA 127 128 128 ALA ALA A . n 
A 1 128 PRO 128 129 129 PRO PRO A . n 
A 1 129 ALA 129 130 ?   ?   ?   A . n 
A 1 130 VAL 130 131 ?   ?   ?   A . n 
A 1 131 GLN 131 132 ?   ?   ?   A . n 
A 1 132 PRO 132 133 ?   ?   ?   A . n 
A 1 133 THR 133 134 ?   ?   ?   A . n 
A 1 134 GLN 134 135 ?   ?   ?   A . n 
A 1 135 GLY 135 136 ?   ?   ?   A . n 
A 1 136 ALA 136 137 137 ALA ALA A . n 
A 1 137 MET 137 138 138 MET MET A . n 
A 1 138 PRO 138 139 139 PRO PRO A . n 
A 1 139 THR 139 140 140 THR THR A . n 
A 1 140 PHE 140 141 141 PHE PHE A . n 
A 1 141 THR 141 142 142 THR THR A . n 
A 1 142 SER 142 143 143 SER SER A . n 
A 1 143 ALA 143 144 144 ALA ALA A . n 
A 1 144 PHE 144 145 145 PHE PHE A . n 
A 1 145 GLN 145 146 146 GLN GLN A . n 
A 1 146 ARG 146 147 147 ARG ARG A . n 
A 1 147 ARG 147 148 148 ARG ARG A . n 
A 1 148 ALA 148 149 149 ALA ALA A . n 
A 1 149 GLY 149 150 150 GLY GLY A . n 
A 1 150 GLY 150 151 151 GLY GLY A . n 
A 1 151 VAL 151 152 152 VAL VAL A . n 
A 1 152 LEU 152 153 153 LEU LEU A . n 
A 1 153 VAL 153 154 154 VAL VAL A . n 
A 1 154 ALA 154 155 155 ALA ALA A . n 
A 1 155 SER 155 156 156 SER SER A . n 
A 1 156 GLN 156 157 157 GLN GLN A . n 
A 1 157 LEU 157 158 158 LEU LEU A . n 
A 1 158 HIS 158 159 159 HIS HIS A . n 
A 1 159 ARG 159 160 160 ARG ARG A . n 
A 1 160 PHE 160 161 161 PHE PHE A . n 
A 1 161 LEU 161 162 162 LEU LEU A . n 
A 1 162 GLU 162 163 163 GLU GLU A . n 
A 1 163 LEU 163 164 164 LEU LEU A . n 
A 1 164 ALA 164 165 165 ALA ALA A . n 
A 1 165 TYR 165 166 166 TYR TYR A . n 
A 1 166 ARG 166 167 167 ARG ARG A . n 
A 1 167 GLY 167 168 168 GLY GLY A . n 
A 1 168 LEU 168 169 169 LEU LEU A . n 
A 1 169 ARG 169 170 170 ARG ARG A . n 
A 1 170 TYR 170 171 171 TYR TYR A . n 
A 1 171 LEU 171 172 172 LEU LEU A . n 
A 1 172 ALA 172 173 173 ALA ALA A . n 
A 1 173 GLU 173 174 ?   ?   ?   A . n 
A 1 174 PRO 174 175 ?   ?   ?   A . n 
# 
loop_
_pdbx_nonpoly_scheme.asym_id 
_pdbx_nonpoly_scheme.entity_id 
_pdbx_nonpoly_scheme.mon_id 
_pdbx_nonpoly_scheme.ndb_seq_num 
_pdbx_nonpoly_scheme.pdb_seq_num 
_pdbx_nonpoly_scheme.auth_seq_num 
_pdbx_nonpoly_scheme.pdb_mon_id 
_pdbx_nonpoly_scheme.auth_mon_id 
_pdbx_nonpoly_scheme.pdb_strand_id 
_pdbx_nonpoly_scheme.pdb_ins_code 
B 2 HOH 1  201 201 HOH HOH A . 
B 2 HOH 2  202 202 HOH HOH A . 
B 2 HOH 3  203 203 HOH HOH A . 
B 2 HOH 4  204 204 HOH HOH A . 
B 2 HOH 5  205 205 HOH HOH A . 
B 2 HOH 6  206 206 HOH HOH A . 
B 2 HOH 7  207 207 HOH HOH A . 
B 2 HOH 8  208 208 HOH HOH A . 
B 2 HOH 9  209 209 HOH HOH A . 
B 2 HOH 10 210 210 HOH HOH A . 
B 2 HOH 11 211 211 HOH HOH A . 
B 2 HOH 12 212 212 HOH HOH A . 
B 2 HOH 13 213 213 HOH HOH A . 
B 2 HOH 14 214 214 HOH HOH A . 
B 2 HOH 15 215 215 HOH HOH A . 
B 2 HOH 16 216 216 HOH HOH A . 
B 2 HOH 17 217 217 HOH HOH A . 
B 2 HOH 18 218 218 HOH HOH A . 
B 2 HOH 19 219 219 HOH HOH A . 
B 2 HOH 20 220 220 HOH HOH A . 
B 2 HOH 21 221 221 HOH HOH A . 
B 2 HOH 22 222 222 HOH HOH A . 
B 2 HOH 23 223 223 HOH HOH A . 
B 2 HOH 24 224 224 HOH HOH A . 
B 2 HOH 25 225 225 HOH HOH A . 
B 2 HOH 26 226 226 HOH HOH A . 
B 2 HOH 27 227 227 HOH HOH A . 
B 2 HOH 28 228 228 HOH HOH A . 
B 2 HOH 29 229 229 HOH HOH A . 
B 2 HOH 30 230 230 HOH HOH A . 
B 2 HOH 31 231 231 HOH HOH A . 
B 2 HOH 32 232 232 HOH HOH A . 
B 2 HOH 33 233 233 HOH HOH A . 
B 2 HOH 34 234 234 HOH HOH A . 
B 2 HOH 35 235 235 HOH HOH A . 
B 2 HOH 36 236 236 HOH HOH A . 
B 2 HOH 37 237 237 HOH HOH A . 
B 2 HOH 38 238 238 HOH HOH A . 
B 2 HOH 39 239 239 HOH HOH A . 
B 2 HOH 40 240 240 HOH HOH A . 
B 2 HOH 41 241 241 HOH HOH A . 
B 2 HOH 42 242 242 HOH HOH A . 
B 2 HOH 43 243 243 HOH HOH A . 
B 2 HOH 44 244 244 HOH HOH A . 
B 2 HOH 45 245 245 HOH HOH A . 
B 2 HOH 46 246 246 HOH HOH A . 
B 2 HOH 47 247 247 HOH HOH A . 
B 2 HOH 48 248 248 HOH HOH A . 
B 2 HOH 49 249 249 HOH HOH A . 
B 2 HOH 50 250 250 HOH HOH A . 
B 2 HOH 51 251 251 HOH HOH A . 
B 2 HOH 52 252 252 HOH HOH A . 
B 2 HOH 53 253 253 HOH HOH A . 
B 2 HOH 54 254 254 HOH HOH A . 
B 2 HOH 55 255 255 HOH HOH A . 
B 2 HOH 56 256 256 HOH HOH A . 
B 2 HOH 57 257 257 HOH HOH A . 
B 2 HOH 58 258 258 HOH HOH A . 
B 2 HOH 59 259 259 HOH HOH A . 
B 2 HOH 60 260 260 HOH HOH A . 
B 2 HOH 61 261 261 HOH HOH A . 
B 2 HOH 62 262 262 HOH HOH A . 
B 2 HOH 63 263 263 HOH HOH A . 
B 2 HOH 64 264 264 HOH HOH A . 
B 2 HOH 65 265 265 HOH HOH A . 
B 2 HOH 66 266 266 HOH HOH A . 
B 2 HOH 67 267 267 HOH HOH A . 
B 2 HOH 68 268 268 HOH HOH A . 
B 2 HOH 69 269 269 HOH HOH A . 
B 2 HOH 70 270 270 HOH HOH A . 
B 2 HOH 71 271 271 HOH HOH A . 
B 2 HOH 72 272 272 HOH HOH A . 
B 2 HOH 73 273 273 HOH HOH A . 
B 2 HOH 74 274 274 HOH HOH A . 
B 2 HOH 75 275 275 HOH HOH A . 
B 2 HOH 76 276 276 HOH HOH A . 
B 2 HOH 77 277 277 HOH HOH A . 
B 2 HOH 78 278 278 HOH HOH A . 
B 2 HOH 79 279 279 HOH HOH A . 
B 2 HOH 80 280 280 HOH HOH A . 
B 2 HOH 81 281 281 HOH HOH A . 
B 2 HOH 82 282 282 HOH HOH A . 
B 2 HOH 83 283 283 HOH HOH A . 
B 2 HOH 84 284 284 HOH HOH A . 
B 2 HOH 85 285 285 HOH HOH A . 
B 2 HOH 86 286 286 HOH HOH A . 
B 2 HOH 87 287 287 HOH HOH A . 
B 2 HOH 88 288 288 HOH HOH A . 
B 2 HOH 89 289 289 HOH HOH A . 
B 2 HOH 90 290 290 HOH HOH A . 
B 2 HOH 91 291 291 HOH HOH A . 
B 2 HOH 92 292 292 HOH HOH A . 
B 2 HOH 93 293 293 HOH HOH A . 
B 2 HOH 94 294 294 HOH HOH A . 
B 2 HOH 95 295 295 HOH HOH A . 
B 2 HOH 96 296 296 HOH HOH A . 
B 2 HOH 97 297 297 HOH HOH A . 
# 
loop_
_pdbx_unobs_or_zero_occ_atoms.id 
_pdbx_unobs_or_zero_occ_atoms.PDB_model_num 
_pdbx_unobs_or_zero_occ_atoms.polymer_flag 
_pdbx_unobs_or_zero_occ_atoms.occupancy_flag 
_pdbx_unobs_or_zero_occ_atoms.auth_asym_id 
_pdbx_unobs_or_zero_occ_atoms.auth_comp_id 
_pdbx_unobs_or_zero_occ_atoms.auth_seq_id 
_pdbx_unobs_or_zero_occ_atoms.PDB_ins_code 
_pdbx_unobs_or_zero_occ_atoms.auth_atom_id 
_pdbx_unobs_or_zero_occ_atoms.label_alt_id 
_pdbx_unobs_or_zero_occ_atoms.label_asym_id 
_pdbx_unobs_or_zero_occ_atoms.label_comp_id 
_pdbx_unobs_or_zero_occ_atoms.label_seq_id 
_pdbx_unobs_or_zero_occ_atoms.label_atom_id 
1  1 Y 1 A SER 9   ? OG  ? A SER 8   OG  
2  1 Y 1 A GLU 46  ? CG  ? A GLU 45  CG  
3  1 Y 1 A GLU 46  ? CD  ? A GLU 45  CD  
4  1 Y 1 A GLU 46  ? OE1 ? A GLU 45  OE1 
5  1 Y 1 A GLU 46  ? OE2 ? A GLU 45  OE2 
6  1 Y 1 A ARG 52  ? CG  ? A ARG 51  CG  
7  1 Y 1 A ARG 52  ? CD  ? A ARG 51  CD  
8  1 Y 1 A ARG 52  ? NE  ? A ARG 51  NE  
9  1 Y 1 A ARG 52  ? CZ  ? A ARG 51  CZ  
10 1 Y 1 A ARG 52  ? NH1 ? A ARG 51  NH1 
11 1 Y 1 A ARG 52  ? NH2 ? A ARG 51  NH2 
12 1 Y 1 A GLN 59  ? CG  ? A GLN 58  CG  
13 1 Y 1 A GLN 59  ? CD  ? A GLN 58  CD  
14 1 Y 1 A GLN 59  ? OE1 ? A GLN 58  OE1 
15 1 Y 1 A GLN 59  ? NE2 ? A GLN 58  NE2 
16 1 Y 1 A GLN 68  ? CG  ? A GLN 67  CG  
17 1 Y 1 A GLN 68  ? CD  ? A GLN 67  CD  
18 1 Y 1 A GLN 68  ? OE1 ? A GLN 67  OE1 
19 1 Y 1 A GLN 68  ? NE2 ? A GLN 67  NE2 
20 1 Y 1 A GLU 123 ? CG  ? A GLU 122 CG  
21 1 Y 1 A GLU 123 ? CD  ? A GLU 122 CD  
22 1 Y 1 A GLU 123 ? OE1 ? A GLU 122 OE1 
23 1 Y 1 A GLU 123 ? OE2 ? A GLU 122 OE2 
24 1 Y 1 A THR 140 ? OG1 ? A THR 139 OG1 
25 1 Y 1 A THR 140 ? CG2 ? A THR 139 CG2 
26 1 Y 1 A THR 142 ? OG1 ? A THR 141 OG1 
27 1 Y 1 A THR 142 ? CG2 ? A THR 141 CG2 
# 
loop_
_software.name 
_software.classification 
_software.version 
_software.citation_id 
_software.pdbx_ordinal 
X-PLOR 'model building' . ? 1 
X-PLOR refinement       . ? 2 
X-PLOR phasing          . ? 3 
# 
_cell.entry_id           1BGC 
_cell.length_a           46.000 
_cell.length_b           53.900 
_cell.length_c           57.100 
_cell.angle_alpha        90.00 
_cell.angle_beta         90.00 
_cell.angle_gamma        90.00 
_cell.Z_PDB              4 
_cell.pdbx_unique_axis   ? 
# 
_symmetry.entry_id                         1BGC 
_symmetry.space_group_name_H-M             'P 21 21 21' 
_symmetry.pdbx_full_space_group_name_H-M   ? 
_symmetry.cell_setting                     ? 
_symmetry.Int_Tables_number                19 
# 
_exptl.entry_id          1BGC 
_exptl.method            'X-RAY DIFFRACTION' 
_exptl.crystals_number   ? 
# 
_exptl_crystal.id                    1 
_exptl_crystal.density_meas          ? 
_exptl_crystal.density_Matthews      1.86 
_exptl_crystal.density_percent_sol   34.03 
_exptl_crystal.description           ? 
# 
_diffrn.id                     1 
_diffrn.ambient_temp           ? 
_diffrn.ambient_temp_details   ? 
_diffrn.crystal_id             1 
# 
_diffrn_radiation.diffrn_id                        1 
_diffrn_radiation.wavelength_id                    1 
_diffrn_radiation.pdbx_monochromatic_or_laue_m_l   ? 
_diffrn_radiation.monochromator                    ? 
_diffrn_radiation.pdbx_diffrn_protocol             ? 
_diffrn_radiation.pdbx_scattering_type             x-ray 
# 
_diffrn_radiation_wavelength.id           1 
_diffrn_radiation_wavelength.wavelength   . 
_diffrn_radiation_wavelength.wt           1.0 
# 
_refine.entry_id                                 1BGC 
_refine.ls_number_reflns_obs                     14989 
_refine.ls_number_reflns_all                     ? 
_refine.pdbx_ls_sigma_I                          ? 
_refine.pdbx_ls_sigma_F                          1.0 
_refine.pdbx_data_cutoff_high_absF               ? 
_refine.pdbx_data_cutoff_low_absF                ? 
_refine.pdbx_data_cutoff_high_rms_absF           ? 
_refine.ls_d_res_low                             7.0 
_refine.ls_d_res_high                            1.7 
_refine.ls_percent_reflns_obs                    ? 
_refine.ls_R_factor_obs                          0.213 
_refine.ls_R_factor_all                          ? 
_refine.ls_R_factor_R_work                       0.213 
_refine.ls_R_factor_R_free                       ? 
_refine.ls_R_factor_R_free_error                 ? 
_refine.ls_R_factor_R_free_error_details         ? 
_refine.ls_percent_reflns_R_free                 ? 
_refine.ls_number_reflns_R_free                  ? 
_refine.ls_number_parameters                     ? 
_refine.ls_number_restraints                     ? 
_refine.occupancy_min                            ? 
_refine.occupancy_max                            ? 
_refine.B_iso_mean                               ? 
_refine.aniso_B[1][1]                            ? 
_refine.aniso_B[2][2]                            ? 
_refine.aniso_B[3][3]                            ? 
_refine.aniso_B[1][2]                            ? 
_refine.aniso_B[1][3]                            ? 
_refine.aniso_B[2][3]                            ? 
_refine.solvent_model_details                    ? 
_refine.solvent_model_param_ksol                 ? 
_refine.solvent_model_param_bsol                 ? 
_refine.pdbx_ls_cross_valid_method               ? 
_refine.details                                  ? 
_refine.pdbx_starting_model                      ? 
_refine.pdbx_method_to_determine_struct          ? 
_refine.pdbx_isotropic_thermal_model             ? 
_refine.pdbx_stereochemistry_target_values       ? 
_refine.pdbx_stereochem_target_val_spec_case     ? 
_refine.pdbx_R_Free_selection_details            ? 
_refine.pdbx_overall_ESU_R                       ? 
_refine.pdbx_overall_ESU_R_Free                  ? 
_refine.overall_SU_ML                            ? 
_refine.overall_SU_B                             ? 
_refine.pdbx_refine_id                           'X-RAY DIFFRACTION' 
_refine.pdbx_diffrn_id                           1 
_refine.pdbx_TLS_residual_ADP_flag               ? 
_refine.correlation_coeff_Fo_to_Fc               ? 
_refine.correlation_coeff_Fo_to_Fc_free          ? 
_refine.pdbx_solvent_vdw_probe_radii             ? 
_refine.pdbx_solvent_ion_probe_radii             ? 
_refine.pdbx_solvent_shrinkage_radii             ? 
_refine.pdbx_overall_phase_error                 ? 
_refine.overall_SU_R_Cruickshank_DPI             ? 
_refine.pdbx_overall_SU_R_free_Cruickshank_DPI   ? 
_refine.pdbx_overall_SU_R_Blow_DPI               ? 
_refine.pdbx_overall_SU_R_free_Blow_DPI          ? 
# 
_refine_hist.pdbx_refine_id                   'X-RAY DIFFRACTION' 
_refine_hist.cycle_id                         LAST 
_refine_hist.pdbx_number_atoms_protein        1451 
_refine_hist.pdbx_number_atoms_nucleic_acid   0 
_refine_hist.pdbx_number_atoms_ligand         0 
_refine_hist.number_atoms_solvent             291 
_refine_hist.number_atoms_total               1742 
_refine_hist.d_res_high                       1.7 
_refine_hist.d_res_low                        7.0 
# 
loop_
_refine_ls_restr.type 
_refine_ls_restr.dev_ideal 
_refine_ls_restr.dev_ideal_target 
_refine_ls_restr.weight 
_refine_ls_restr.number 
_refine_ls_restr.pdbx_refine_id 
_refine_ls_restr.pdbx_restraint_function 
x_bond_d                0.015 ? ? ? 'X-RAY DIFFRACTION' ? 
x_bond_d_na             ?     ? ? ? 'X-RAY DIFFRACTION' ? 
x_bond_d_prot           ?     ? ? ? 'X-RAY DIFFRACTION' ? 
x_angle_d               ?     ? ? ? 'X-RAY DIFFRACTION' ? 
x_angle_d_na            ?     ? ? ? 'X-RAY DIFFRACTION' ? 
x_angle_d_prot          ?     ? ? ? 'X-RAY DIFFRACTION' ? 
x_angle_deg             2.59  ? ? ? 'X-RAY DIFFRACTION' ? 
x_angle_deg_na          ?     ? ? ? 'X-RAY DIFFRACTION' ? 
x_angle_deg_prot        ?     ? ? ? 'X-RAY DIFFRACTION' ? 
x_dihedral_angle_d      ?     ? ? ? 'X-RAY DIFFRACTION' ? 
x_dihedral_angle_d_na   ?     ? ? ? 'X-RAY DIFFRACTION' ? 
x_dihedral_angle_d_prot ?     ? ? ? 'X-RAY DIFFRACTION' ? 
x_improper_angle_d      ?     ? ? ? 'X-RAY DIFFRACTION' ? 
x_improper_angle_d_na   ?     ? ? ? 'X-RAY DIFFRACTION' ? 
x_improper_angle_d_prot ?     ? ? ? 'X-RAY DIFFRACTION' ? 
x_mcbond_it             ?     ? ? ? 'X-RAY DIFFRACTION' ? 
x_mcangle_it            ?     ? ? ? 'X-RAY DIFFRACTION' ? 
x_scbond_it             ?     ? ? ? 'X-RAY DIFFRACTION' ? 
x_scangle_it            ?     ? ? ? 'X-RAY DIFFRACTION' ? 
# 
_struct.entry_id                  1BGC 
_struct.title                     'CRYSTAL STRUCTURE OF CANINE AND BOVINE GRANULOCYTE-COLONY STIMULATING FACTOR (G-CSF)' 
_struct.pdbx_model_details        ? 
_struct.pdbx_CASP_flag            ? 
_struct.pdbx_model_type_details   ? 
# 
_struct_keywords.entry_id        1BGC 
_struct_keywords.pdbx_keywords   CYTOKINE 
_struct_keywords.text            CYTOKINE 
# 
loop_
_struct_asym.id 
_struct_asym.pdbx_blank_PDB_chainid_flag 
_struct_asym.pdbx_modified 
_struct_asym.entity_id 
_struct_asym.details 
A N N 1 ? 
B N N 2 ? 
# 
_struct_ref.id                         1 
_struct_ref.db_name                    UNP 
_struct_ref.db_code                    CSF3_BOVIN 
_struct_ref.entity_id                  1 
_struct_ref.pdbx_db_accession          P35833 
_struct_ref.pdbx_align_begin           1 
_struct_ref.pdbx_seq_one_letter_code   
;TPLGPARSLPQSFLLKCLEQVRKIQADGAELQERLCAAHKLCHPEELMLLRHSLGIPQAPLSSCSSQSLQLRGCLNQLHG
GLFLYQGLLQALAGISPELAPTLDTLQLDVTDFATNIWLQMEDLGAAPAVQPTQGAMPTFTSAFQRRAGGVLVASQLHRF
LELAYRGLRYLAEP
;
_struct_ref.pdbx_db_isoform            ? 
# 
_struct_ref_seq.align_id                      1 
_struct_ref_seq.ref_id                        1 
_struct_ref_seq.pdbx_PDB_id_code              1BGC 
_struct_ref_seq.pdbx_strand_id                A 
_struct_ref_seq.seq_align_beg                 1 
_struct_ref_seq.pdbx_seq_align_beg_ins_code   ? 
_struct_ref_seq.seq_align_end                 174 
_struct_ref_seq.pdbx_seq_align_end_ins_code   ? 
_struct_ref_seq.pdbx_db_accession             P35833 
_struct_ref_seq.db_align_beg                  1 
_struct_ref_seq.pdbx_db_align_beg_ins_code    ? 
_struct_ref_seq.db_align_end                  174 
_struct_ref_seq.pdbx_db_align_end_ins_code    ? 
_struct_ref_seq.pdbx_auth_seq_align_beg       2 
_struct_ref_seq.pdbx_auth_seq_align_end       175 
# 
_pdbx_struct_assembly.id                   1 
_pdbx_struct_assembly.details              author_defined_assembly 
_pdbx_struct_assembly.method_details       ? 
_pdbx_struct_assembly.oligomeric_details   monomeric 
_pdbx_struct_assembly.oligomeric_count     1 
# 
_pdbx_struct_assembly_gen.assembly_id       1 
_pdbx_struct_assembly_gen.oper_expression   1 
_pdbx_struct_assembly_gen.asym_id_list      A,B 
# 
_pdbx_struct_oper_list.id                   1 
_pdbx_struct_oper_list.type                 'identity operation' 
_pdbx_struct_oper_list.name                 1_555 
_pdbx_struct_oper_list.symmetry_operation   x,y,z 
_pdbx_struct_oper_list.matrix[1][1]         1.0000000000 
_pdbx_struct_oper_list.matrix[1][2]         0.0000000000 
_pdbx_struct_oper_list.matrix[1][3]         0.0000000000 
_pdbx_struct_oper_list.vector[1]            0.0000000000 
_pdbx_struct_oper_list.matrix[2][1]         0.0000000000 
_pdbx_struct_oper_list.matrix[2][2]         1.0000000000 
_pdbx_struct_oper_list.matrix[2][3]         0.0000000000 
_pdbx_struct_oper_list.vector[2]            0.0000000000 
_pdbx_struct_oper_list.matrix[3][1]         0.0000000000 
_pdbx_struct_oper_list.matrix[3][2]         0.0000000000 
_pdbx_struct_oper_list.matrix[3][3]         1.0000000000 
_pdbx_struct_oper_list.vector[3]            0.0000000000 
# 
_struct_biol.id   1 
# 
loop_
_struct_conf.conf_type_id 
_struct_conf.id 
_struct_conf.pdbx_PDB_helix_id 
_struct_conf.beg_label_comp_id 
_struct_conf.beg_label_asym_id 
_struct_conf.beg_label_seq_id 
_struct_conf.pdbx_beg_PDB_ins_code 
_struct_conf.end_label_comp_id 
_struct_conf.end_label_asym_id 
_struct_conf.end_label_seq_id 
_struct_conf.pdbx_end_PDB_ins_code 
_struct_conf.beg_auth_comp_id 
_struct_conf.beg_auth_asym_id 
_struct_conf.beg_auth_seq_id 
_struct_conf.end_auth_comp_id 
_struct_conf.end_auth_asym_id 
_struct_conf.end_auth_seq_id 
_struct_conf.pdbx_PDB_helix_class 
_struct_conf.details 
_struct_conf.pdbx_PDB_helix_length 
HELX_P HELX_P1 A GLN A 11  ? HIS A 39  ? GLN A 12  HIS A 40  1 ? 29 
HELX_P HELX_P2 E PRO A 44  ? MET A 48  ? PRO A 45  MET A 49  1 ? 5  
HELX_P HELX_P3 B LEU A 71  ? ALA A 91  ? LEU A 72  ALA A 92  1 ? 21 
HELX_P HELX_P4 C ALA A 100 ? LEU A 124 ? ALA A 101 LEU A 125 1 ? 25 
HELX_P HELX_P5 D ALA A 143 ? ARG A 169 ? ALA A 144 ARG A 170 1 ? 27 
# 
_struct_conf_type.id          HELX_P 
_struct_conf_type.criteria    ? 
_struct_conf_type.reference   ? 
# 
loop_
_struct_conn.id 
_struct_conn.conn_type_id 
_struct_conn.pdbx_leaving_atom_flag 
_struct_conn.pdbx_PDB_id 
_struct_conn.ptnr1_label_asym_id 
_struct_conn.ptnr1_label_comp_id 
_struct_conn.ptnr1_label_seq_id 
_struct_conn.ptnr1_label_atom_id 
_struct_conn.pdbx_ptnr1_label_alt_id 
_struct_conn.pdbx_ptnr1_PDB_ins_code 
_struct_conn.pdbx_ptnr1_standard_comp_id 
_struct_conn.ptnr1_symmetry 
_struct_conn.ptnr2_label_asym_id 
_struct_conn.ptnr2_label_comp_id 
_struct_conn.ptnr2_label_seq_id 
_struct_conn.ptnr2_label_atom_id 
_struct_conn.pdbx_ptnr2_label_alt_id 
_struct_conn.pdbx_ptnr2_PDB_ins_code 
_struct_conn.ptnr1_auth_asym_id 
_struct_conn.ptnr1_auth_comp_id 
_struct_conn.ptnr1_auth_seq_id 
_struct_conn.ptnr2_auth_asym_id 
_struct_conn.ptnr2_auth_comp_id 
_struct_conn.ptnr2_auth_seq_id 
_struct_conn.ptnr2_symmetry 
_struct_conn.pdbx_ptnr3_label_atom_id 
_struct_conn.pdbx_ptnr3_label_seq_id 
_struct_conn.pdbx_ptnr3_label_comp_id 
_struct_conn.pdbx_ptnr3_label_asym_id 
_struct_conn.pdbx_ptnr3_label_alt_id 
_struct_conn.pdbx_ptnr3_PDB_ins_code 
_struct_conn.details 
_struct_conn.pdbx_dist_value 
_struct_conn.pdbx_value_order 
_struct_conn.pdbx_role 
disulf1 disulf ? ? A CYS 36 SG ? ? ? 1_555 A CYS 42 SG ? ? A CYS 37 A CYS 43 1_555 ? ? ? ? ? ? ? 2.039 ? ? 
disulf2 disulf ? ? A CYS 64 SG ? ? ? 1_555 A CYS 74 SG ? ? A CYS 65 A CYS 75 1_555 ? ? ? ? ? ? ? 1.998 ? ? 
# 
_struct_conn_type.id          disulf 
_struct_conn_type.criteria    ? 
_struct_conn_type.reference   ? 
# 
loop_
_pdbx_modification_feature.ordinal 
_pdbx_modification_feature.label_comp_id 
_pdbx_modification_feature.label_asym_id 
_pdbx_modification_feature.label_seq_id 
_pdbx_modification_feature.label_alt_id 
_pdbx_modification_feature.modified_residue_label_comp_id 
_pdbx_modification_feature.modified_residue_label_asym_id 
_pdbx_modification_feature.modified_residue_label_seq_id 
_pdbx_modification_feature.modified_residue_label_alt_id 
_pdbx_modification_feature.auth_comp_id 
_pdbx_modification_feature.auth_asym_id 
_pdbx_modification_feature.auth_seq_id 
_pdbx_modification_feature.PDB_ins_code 
_pdbx_modification_feature.symmetry 
_pdbx_modification_feature.modified_residue_auth_comp_id 
_pdbx_modification_feature.modified_residue_auth_asym_id 
_pdbx_modification_feature.modified_residue_auth_seq_id 
_pdbx_modification_feature.modified_residue_PDB_ins_code 
_pdbx_modification_feature.modified_residue_symmetry 
_pdbx_modification_feature.comp_id_linking_atom 
_pdbx_modification_feature.modified_residue_id_linking_atom 
_pdbx_modification_feature.modified_residue_id 
_pdbx_modification_feature.ref_pcm_id 
_pdbx_modification_feature.ref_comp_id 
_pdbx_modification_feature.type 
_pdbx_modification_feature.category 
1 CYS A 36 ? CYS A 42 ? CYS A 37 ? 1_555 CYS A 43 ? 1_555 SG SG . . . None 'Disulfide bridge' 
2 CYS A 64 ? CYS A 74 ? CYS A 65 ? 1_555 CYS A 75 ? 1_555 SG SG . . . None 'Disulfide bridge' 
# 
_pdbx_entry_details.entry_id                   1BGC 
_pdbx_entry_details.compound_details           ? 
_pdbx_entry_details.source_details             ? 
_pdbx_entry_details.nonpolymer_details         ? 
_pdbx_entry_details.sequence_details           ? 
_pdbx_entry_details.has_ligand_of_interest     ? 
_pdbx_entry_details.has_protein_modification   Y 
# 
loop_
_pdbx_validate_symm_contact.id 
_pdbx_validate_symm_contact.PDB_model_num 
_pdbx_validate_symm_contact.auth_atom_id_1 
_pdbx_validate_symm_contact.auth_asym_id_1 
_pdbx_validate_symm_contact.auth_comp_id_1 
_pdbx_validate_symm_contact.auth_seq_id_1 
_pdbx_validate_symm_contact.PDB_ins_code_1 
_pdbx_validate_symm_contact.label_alt_id_1 
_pdbx_validate_symm_contact.site_symmetry_1 
_pdbx_validate_symm_contact.auth_atom_id_2 
_pdbx_validate_symm_contact.auth_asym_id_2 
_pdbx_validate_symm_contact.auth_comp_id_2 
_pdbx_validate_symm_contact.auth_seq_id_2 
_pdbx_validate_symm_contact.PDB_ins_code_2 
_pdbx_validate_symm_contact.label_alt_id_2 
_pdbx_validate_symm_contact.site_symmetry_2 
_pdbx_validate_symm_contact.dist 
1 1 OD1  A ASP 124 ? ? 1_555 HH12 A ARG 167 ? ? 2_335 0.77 
2 1 HH21 A ARG 170 ? ? 1_555 H2   A HOH 266 ? ? 3_457 1.12 
3 1 HH21 A ARG 170 ? ? 1_555 O    A HOH 266 ? ? 3_457 1.49 
4 1 OD1  A ASP 124 ? ? 1_555 NH1  A ARG 167 ? ? 2_335 1.72 
5 1 NH2  A ARG 170 ? ? 1_555 O    A HOH 266 ? ? 3_457 1.78 
# 
loop_
_pdbx_validate_rmsd_bond.id 
_pdbx_validate_rmsd_bond.PDB_model_num 
_pdbx_validate_rmsd_bond.auth_atom_id_1 
_pdbx_validate_rmsd_bond.auth_asym_id_1 
_pdbx_validate_rmsd_bond.auth_comp_id_1 
_pdbx_validate_rmsd_bond.auth_seq_id_1 
_pdbx_validate_rmsd_bond.PDB_ins_code_1 
_pdbx_validate_rmsd_bond.label_alt_id_1 
_pdbx_validate_rmsd_bond.auth_atom_id_2 
_pdbx_validate_rmsd_bond.auth_asym_id_2 
_pdbx_validate_rmsd_bond.auth_comp_id_2 
_pdbx_validate_rmsd_bond.auth_seq_id_2 
_pdbx_validate_rmsd_bond.PDB_ins_code_2 
_pdbx_validate_rmsd_bond.label_alt_id_2 
_pdbx_validate_rmsd_bond.bond_value 
_pdbx_validate_rmsd_bond.bond_target_value 
_pdbx_validate_rmsd_bond.bond_deviation 
_pdbx_validate_rmsd_bond.bond_standard_deviation 
_pdbx_validate_rmsd_bond.linker_flag 
1 1 NE2 A HIS 80  ? ? CD2 A HIS 80  ? ? 1.306 1.373 -0.067 0.011 N 
2 1 NE2 A HIS 159 ? ? CD2 A HIS 159 ? ? 1.306 1.373 -0.067 0.011 N 
# 
loop_
_pdbx_validate_rmsd_angle.id 
_pdbx_validate_rmsd_angle.PDB_model_num 
_pdbx_validate_rmsd_angle.auth_atom_id_1 
_pdbx_validate_rmsd_angle.auth_asym_id_1 
_pdbx_validate_rmsd_angle.auth_comp_id_1 
_pdbx_validate_rmsd_angle.auth_seq_id_1 
_pdbx_validate_rmsd_angle.PDB_ins_code_1 
_pdbx_validate_rmsd_angle.label_alt_id_1 
_pdbx_validate_rmsd_angle.auth_atom_id_2 
_pdbx_validate_rmsd_angle.auth_asym_id_2 
_pdbx_validate_rmsd_angle.auth_comp_id_2 
_pdbx_validate_rmsd_angle.auth_seq_id_2 
_pdbx_validate_rmsd_angle.PDB_ins_code_2 
_pdbx_validate_rmsd_angle.label_alt_id_2 
_pdbx_validate_rmsd_angle.auth_atom_id_3 
_pdbx_validate_rmsd_angle.auth_asym_id_3 
_pdbx_validate_rmsd_angle.auth_comp_id_3 
_pdbx_validate_rmsd_angle.auth_seq_id_3 
_pdbx_validate_rmsd_angle.PDB_ins_code_3 
_pdbx_validate_rmsd_angle.label_alt_id_3 
_pdbx_validate_rmsd_angle.angle_value 
_pdbx_validate_rmsd_angle.angle_target_value 
_pdbx_validate_rmsd_angle.angle_deviation 
_pdbx_validate_rmsd_angle.angle_standard_deviation 
_pdbx_validate_rmsd_angle.linker_flag 
1 1 NE  A ARG 35  ? ? CZ  A ARG 35  ? ? NH2 A ARG 35  ? ? 116.29 120.30 -4.01 0.50 N 
2 1 NE  A ARG 73  ? ? CZ  A ARG 73  ? ? NH2 A ARG 73  ? ? 115.72 120.30 -4.58 0.50 N 
3 1 CD1 A TRP 119 ? ? CG  A TRP 119 ? ? CD2 A TRP 119 ? ? 112.95 106.30 6.65  0.80 N 
4 1 CE2 A TRP 119 ? ? CD2 A TRP 119 ? ? CG  A TRP 119 ? ? 101.60 107.30 -5.70 0.80 N 
5 1 N   A ALA 127 ? ? CA  A ALA 127 ? ? C   A ALA 127 ? ? 134.97 111.00 23.97 2.70 N 
6 1 CB  A TYR 171 ? ? CG  A TYR 171 ? ? CD2 A TYR 171 ? ? 117.16 121.00 -3.84 0.60 N 
# 
loop_
_pdbx_validate_torsion.id 
_pdbx_validate_torsion.PDB_model_num 
_pdbx_validate_torsion.auth_comp_id 
_pdbx_validate_torsion.auth_asym_id 
_pdbx_validate_torsion.auth_seq_id 
_pdbx_validate_torsion.PDB_ins_code 
_pdbx_validate_torsion.label_alt_id 
_pdbx_validate_torsion.phi 
_pdbx_validate_torsion.psi 
1 1 SER A 69 ? ? -140.94 40.38  
2 1 ILE A 96 ? ? 65.37   -58.09 
# 
_pdbx_validate_peptide_omega.id               1 
_pdbx_validate_peptide_omega.PDB_model_num    1 
_pdbx_validate_peptide_omega.auth_comp_id_1   ALA 
_pdbx_validate_peptide_omega.auth_asym_id_1   A 
_pdbx_validate_peptide_omega.auth_seq_id_1    128 
_pdbx_validate_peptide_omega.PDB_ins_code_1   ? 
_pdbx_validate_peptide_omega.label_alt_id_1   ? 
_pdbx_validate_peptide_omega.auth_comp_id_2   PRO 
_pdbx_validate_peptide_omega.auth_asym_id_2   A 
_pdbx_validate_peptide_omega.auth_seq_id_2    129 
_pdbx_validate_peptide_omega.PDB_ins_code_2   ? 
_pdbx_validate_peptide_omega.label_alt_id_2   ? 
_pdbx_validate_peptide_omega.omega            147.94 
# 
loop_
_pdbx_unobs_or_zero_occ_residues.id 
_pdbx_unobs_or_zero_occ_residues.PDB_model_num 
_pdbx_unobs_or_zero_occ_residues.polymer_flag 
_pdbx_unobs_or_zero_occ_residues.occupancy_flag 
_pdbx_unobs_or_zero_occ_residues.auth_asym_id 
_pdbx_unobs_or_zero_occ_residues.auth_comp_id 
_pdbx_unobs_or_zero_occ_residues.auth_seq_id 
_pdbx_unobs_or_zero_occ_residues.PDB_ins_code 
_pdbx_unobs_or_zero_occ_residues.label_asym_id 
_pdbx_unobs_or_zero_occ_residues.label_comp_id 
_pdbx_unobs_or_zero_occ_residues.label_seq_id 
1  1 Y 1 A THR 2   ? A THR 1   
2  1 Y 1 A PRO 3   ? A PRO 2   
3  1 Y 1 A LEU 4   ? A LEU 3   
4  1 Y 1 A GLY 5   ? A GLY 4   
5  1 Y 1 A PRO 6   ? A PRO 5   
6  1 Y 1 A ALA 7   ? A ALA 6   
7  1 Y 1 A ARG 8   ? A ARG 7   
8  1 Y 1 A ALA 130 ? A ALA 129 
9  1 Y 1 A VAL 131 ? A VAL 130 
10 1 Y 1 A GLN 132 ? A GLN 131 
11 1 Y 1 A PRO 133 ? A PRO 132 
12 1 Y 1 A THR 134 ? A THR 133 
13 1 Y 1 A GLN 135 ? A GLN 134 
14 1 Y 1 A GLY 136 ? A GLY 135 
15 1 Y 1 A GLU 174 ? A GLU 173 
16 1 Y 1 A PRO 175 ? A PRO 174 
# 
loop_
_chem_comp_atom.comp_id 
_chem_comp_atom.atom_id 
_chem_comp_atom.type_symbol 
_chem_comp_atom.pdbx_aromatic_flag 
_chem_comp_atom.pdbx_stereo_config 
_chem_comp_atom.pdbx_ordinal 
ALA N    N N N 1   
ALA CA   C N S 2   
ALA C    C N N 3   
ALA O    O N N 4   
ALA CB   C N N 5   
ALA OXT  O N N 6   
ALA H    H N N 7   
ALA H2   H N N 8   
ALA HA   H N N 9   
ALA HB1  H N N 10  
ALA HB2  H N N 11  
ALA HB3  H N N 12  
ALA HXT  H N N 13  
ARG N    N N N 14  
ARG CA   C N S 15  
ARG C    C N N 16  
ARG O    O N N 17  
ARG CB   C N N 18  
ARG CG   C N N 19  
ARG CD   C N N 20  
ARG NE   N N N 21  
ARG CZ   C N N 22  
ARG NH1  N N N 23  
ARG NH2  N N N 24  
ARG OXT  O N N 25  
ARG H    H N N 26  
ARG H2   H N N 27  
ARG HA   H N N 28  
ARG HB2  H N N 29  
ARG HB3  H N N 30  
ARG HG2  H N N 31  
ARG HG3  H N N 32  
ARG HD2  H N N 33  
ARG HD3  H N N 34  
ARG HE   H N N 35  
ARG HH11 H N N 36  
ARG HH12 H N N 37  
ARG HH21 H N N 38  
ARG HH22 H N N 39  
ARG HXT  H N N 40  
ASN N    N N N 41  
ASN CA   C N S 42  
ASN C    C N N 43  
ASN O    O N N 44  
ASN CB   C N N 45  
ASN CG   C N N 46  
ASN OD1  O N N 47  
ASN ND2  N N N 48  
ASN OXT  O N N 49  
ASN H    H N N 50  
ASN H2   H N N 51  
ASN HA   H N N 52  
ASN HB2  H N N 53  
ASN HB3  H N N 54  
ASN HD21 H N N 55  
ASN HD22 H N N 56  
ASN HXT  H N N 57  
ASP N    N N N 58  
ASP CA   C N S 59  
ASP C    C N N 60  
ASP O    O N N 61  
ASP CB   C N N 62  
ASP CG   C N N 63  
ASP OD1  O N N 64  
ASP OD2  O N N 65  
ASP OXT  O N N 66  
ASP H    H N N 67  
ASP H2   H N N 68  
ASP HA   H N N 69  
ASP HB2  H N N 70  
ASP HB3  H N N 71  
ASP HD2  H N N 72  
ASP HXT  H N N 73  
CYS N    N N N 74  
CYS CA   C N R 75  
CYS C    C N N 76  
CYS O    O N N 77  
CYS CB   C N N 78  
CYS SG   S N N 79  
CYS OXT  O N N 80  
CYS H    H N N 81  
CYS H2   H N N 82  
CYS HA   H N N 83  
CYS HB2  H N N 84  
CYS HB3  H N N 85  
CYS HG   H N N 86  
CYS HXT  H N N 87  
GLN N    N N N 88  
GLN CA   C N S 89  
GLN C    C N N 90  
GLN O    O N N 91  
GLN CB   C N N 92  
GLN CG   C N N 93  
GLN CD   C N N 94  
GLN OE1  O N N 95  
GLN NE2  N N N 96  
GLN OXT  O N N 97  
GLN H    H N N 98  
GLN H2   H N N 99  
GLN HA   H N N 100 
GLN HB2  H N N 101 
GLN HB3  H N N 102 
GLN HG2  H N N 103 
GLN HG3  H N N 104 
GLN HE21 H N N 105 
GLN HE22 H N N 106 
GLN HXT  H N N 107 
GLU N    N N N 108 
GLU CA   C N S 109 
GLU C    C N N 110 
GLU O    O N N 111 
GLU CB   C N N 112 
GLU CG   C N N 113 
GLU CD   C N N 114 
GLU OE1  O N N 115 
GLU OE2  O N N 116 
GLU OXT  O N N 117 
GLU H    H N N 118 
GLU H2   H N N 119 
GLU HA   H N N 120 
GLU HB2  H N N 121 
GLU HB3  H N N 122 
GLU HG2  H N N 123 
GLU HG3  H N N 124 
GLU HE2  H N N 125 
GLU HXT  H N N 126 
GLY N    N N N 127 
GLY CA   C N N 128 
GLY C    C N N 129 
GLY O    O N N 130 
GLY OXT  O N N 131 
GLY H    H N N 132 
GLY H2   H N N 133 
GLY HA2  H N N 134 
GLY HA3  H N N 135 
GLY HXT  H N N 136 
HIS N    N N N 137 
HIS CA   C N S 138 
HIS C    C N N 139 
HIS O    O N N 140 
HIS CB   C N N 141 
HIS CG   C Y N 142 
HIS ND1  N Y N 143 
HIS CD2  C Y N 144 
HIS CE1  C Y N 145 
HIS NE2  N Y N 146 
HIS OXT  O N N 147 
HIS H    H N N 148 
HIS H2   H N N 149 
HIS HA   H N N 150 
HIS HB2  H N N 151 
HIS HB3  H N N 152 
HIS HD1  H N N 153 
HIS HD2  H N N 154 
HIS HE1  H N N 155 
HIS HE2  H N N 156 
HIS HXT  H N N 157 
HOH O    O N N 158 
HOH H1   H N N 159 
HOH H2   H N N 160 
ILE N    N N N 161 
ILE CA   C N S 162 
ILE C    C N N 163 
ILE O    O N N 164 
ILE CB   C N S 165 
ILE CG1  C N N 166 
ILE CG2  C N N 167 
ILE CD1  C N N 168 
ILE OXT  O N N 169 
ILE H    H N N 170 
ILE H2   H N N 171 
ILE HA   H N N 172 
ILE HB   H N N 173 
ILE HG12 H N N 174 
ILE HG13 H N N 175 
ILE HG21 H N N 176 
ILE HG22 H N N 177 
ILE HG23 H N N 178 
ILE HD11 H N N 179 
ILE HD12 H N N 180 
ILE HD13 H N N 181 
ILE HXT  H N N 182 
LEU N    N N N 183 
LEU CA   C N S 184 
LEU C    C N N 185 
LEU O    O N N 186 
LEU CB   C N N 187 
LEU CG   C N N 188 
LEU CD1  C N N 189 
LEU CD2  C N N 190 
LEU OXT  O N N 191 
LEU H    H N N 192 
LEU H2   H N N 193 
LEU HA   H N N 194 
LEU HB2  H N N 195 
LEU HB3  H N N 196 
LEU HG   H N N 197 
LEU HD11 H N N 198 
LEU HD12 H N N 199 
LEU HD13 H N N 200 
LEU HD21 H N N 201 
LEU HD22 H N N 202 
LEU HD23 H N N 203 
LEU HXT  H N N 204 
LYS N    N N N 205 
LYS CA   C N S 206 
LYS C    C N N 207 
LYS O    O N N 208 
LYS CB   C N N 209 
LYS CG   C N N 210 
LYS CD   C N N 211 
LYS CE   C N N 212 
LYS NZ   N N N 213 
LYS OXT  O N N 214 
LYS H    H N N 215 
LYS H2   H N N 216 
LYS HA   H N N 217 
LYS HB2  H N N 218 
LYS HB3  H N N 219 
LYS HG2  H N N 220 
LYS HG3  H N N 221 
LYS HD2  H N N 222 
LYS HD3  H N N 223 
LYS HE2  H N N 224 
LYS HE3  H N N 225 
LYS HZ1  H N N 226 
LYS HZ2  H N N 227 
LYS HZ3  H N N 228 
LYS HXT  H N N 229 
MET N    N N N 230 
MET CA   C N S 231 
MET C    C N N 232 
MET O    O N N 233 
MET CB   C N N 234 
MET CG   C N N 235 
MET SD   S N N 236 
MET CE   C N N 237 
MET OXT  O N N 238 
MET H    H N N 239 
MET H2   H N N 240 
MET HA   H N N 241 
MET HB2  H N N 242 
MET HB3  H N N 243 
MET HG2  H N N 244 
MET HG3  H N N 245 
MET HE1  H N N 246 
MET HE2  H N N 247 
MET HE3  H N N 248 
MET HXT  H N N 249 
PHE N    N N N 250 
PHE CA   C N S 251 
PHE C    C N N 252 
PHE O    O N N 253 
PHE CB   C N N 254 
PHE CG   C Y N 255 
PHE CD1  C Y N 256 
PHE CD2  C Y N 257 
PHE CE1  C Y N 258 
PHE CE2  C Y N 259 
PHE CZ   C Y N 260 
PHE OXT  O N N 261 
PHE H    H N N 262 
PHE H2   H N N 263 
PHE HA   H N N 264 
PHE HB2  H N N 265 
PHE HB3  H N N 266 
PHE HD1  H N N 267 
PHE HD2  H N N 268 
PHE HE1  H N N 269 
PHE HE2  H N N 270 
PHE HZ   H N N 271 
PHE HXT  H N N 272 
PRO N    N N N 273 
PRO CA   C N S 274 
PRO C    C N N 275 
PRO O    O N N 276 
PRO CB   C N N 277 
PRO CG   C N N 278 
PRO CD   C N N 279 
PRO OXT  O N N 280 
PRO H    H N N 281 
PRO HA   H N N 282 
PRO HB2  H N N 283 
PRO HB3  H N N 284 
PRO HG2  H N N 285 
PRO HG3  H N N 286 
PRO HD2  H N N 287 
PRO HD3  H N N 288 
PRO HXT  H N N 289 
SER N    N N N 290 
SER CA   C N S 291 
SER C    C N N 292 
SER O    O N N 293 
SER CB   C N N 294 
SER OG   O N N 295 
SER OXT  O N N 296 
SER H    H N N 297 
SER H2   H N N 298 
SER HA   H N N 299 
SER HB2  H N N 300 
SER HB3  H N N 301 
SER HG   H N N 302 
SER HXT  H N N 303 
THR N    N N N 304 
THR CA   C N S 305 
THR C    C N N 306 
THR O    O N N 307 
THR CB   C N R 308 
THR OG1  O N N 309 
THR CG2  C N N 310 
THR OXT  O N N 311 
THR H    H N N 312 
THR H2   H N N 313 
THR HA   H N N 314 
THR HB   H N N 315 
THR HG1  H N N 316 
THR HG21 H N N 317 
THR HG22 H N N 318 
THR HG23 H N N 319 
THR HXT  H N N 320 
TRP N    N N N 321 
TRP CA   C N S 322 
TRP C    C N N 323 
TRP O    O N N 324 
TRP CB   C N N 325 
TRP CG   C Y N 326 
TRP CD1  C Y N 327 
TRP CD2  C Y N 328 
TRP NE1  N Y N 329 
TRP CE2  C Y N 330 
TRP CE3  C Y N 331 
TRP CZ2  C Y N 332 
TRP CZ3  C Y N 333 
TRP CH2  C Y N 334 
TRP OXT  O N N 335 
TRP H    H N N 336 
TRP H2   H N N 337 
TRP HA   H N N 338 
TRP HB2  H N N 339 
TRP HB3  H N N 340 
TRP HD1  H N N 341 
TRP HE1  H N N 342 
TRP HE3  H N N 343 
TRP HZ2  H N N 344 
TRP HZ3  H N N 345 
TRP HH2  H N N 346 
TRP HXT  H N N 347 
TYR N    N N N 348 
TYR CA   C N S 349 
TYR C    C N N 350 
TYR O    O N N 351 
TYR CB   C N N 352 
TYR CG   C Y N 353 
TYR CD1  C Y N 354 
TYR CD2  C Y N 355 
TYR CE1  C Y N 356 
TYR CE2  C Y N 357 
TYR CZ   C Y N 358 
TYR OH   O N N 359 
TYR OXT  O N N 360 
TYR H    H N N 361 
TYR H2   H N N 362 
TYR HA   H N N 363 
TYR HB2  H N N 364 
TYR HB3  H N N 365 
TYR HD1  H N N 366 
TYR HD2  H N N 367 
TYR HE1  H N N 368 
TYR HE2  H N N 369 
TYR HH   H N N 370 
TYR HXT  H N N 371 
VAL N    N N N 372 
VAL CA   C N S 373 
VAL C    C N N 374 
VAL O    O N N 375 
VAL CB   C N N 376 
VAL CG1  C N N 377 
VAL CG2  C N N 378 
VAL OXT  O N N 379 
VAL H    H N N 380 
VAL H2   H N N 381 
VAL HA   H N N 382 
VAL HB   H N N 383 
VAL HG11 H N N 384 
VAL HG12 H N N 385 
VAL HG13 H N N 386 
VAL HG21 H N N 387 
VAL HG22 H N N 388 
VAL HG23 H N N 389 
VAL HXT  H N N 390 
# 
loop_
_chem_comp_bond.comp_id 
_chem_comp_bond.atom_id_1 
_chem_comp_bond.atom_id_2 
_chem_comp_bond.value_order 
_chem_comp_bond.pdbx_aromatic_flag 
_chem_comp_bond.pdbx_stereo_config 
_chem_comp_bond.pdbx_ordinal 
ALA N   CA   sing N N 1   
ALA N   H    sing N N 2   
ALA N   H2   sing N N 3   
ALA CA  C    sing N N 4   
ALA CA  CB   sing N N 5   
ALA CA  HA   sing N N 6   
ALA C   O    doub N N 7   
ALA C   OXT  sing N N 8   
ALA CB  HB1  sing N N 9   
ALA CB  HB2  sing N N 10  
ALA CB  HB3  sing N N 11  
ALA OXT HXT  sing N N 12  
ARG N   CA   sing N N 13  
ARG N   H    sing N N 14  
ARG N   H2   sing N N 15  
ARG CA  C    sing N N 16  
ARG CA  CB   sing N N 17  
ARG CA  HA   sing N N 18  
ARG C   O    doub N N 19  
ARG C   OXT  sing N N 20  
ARG CB  CG   sing N N 21  
ARG CB  HB2  sing N N 22  
ARG CB  HB3  sing N N 23  
ARG CG  CD   sing N N 24  
ARG CG  HG2  sing N N 25  
ARG CG  HG3  sing N N 26  
ARG CD  NE   sing N N 27  
ARG CD  HD2  sing N N 28  
ARG CD  HD3  sing N N 29  
ARG NE  CZ   sing N N 30  
ARG NE  HE   sing N N 31  
ARG CZ  NH1  sing N N 32  
ARG CZ  NH2  doub N N 33  
ARG NH1 HH11 sing N N 34  
ARG NH1 HH12 sing N N 35  
ARG NH2 HH21 sing N N 36  
ARG NH2 HH22 sing N N 37  
ARG OXT HXT  sing N N 38  
ASN N   CA   sing N N 39  
ASN N   H    sing N N 40  
ASN N   H2   sing N N 41  
ASN CA  C    sing N N 42  
ASN CA  CB   sing N N 43  
ASN CA  HA   sing N N 44  
ASN C   O    doub N N 45  
ASN C   OXT  sing N N 46  
ASN CB  CG   sing N N 47  
ASN CB  HB2  sing N N 48  
ASN CB  HB3  sing N N 49  
ASN CG  OD1  doub N N 50  
ASN CG  ND2  sing N N 51  
ASN ND2 HD21 sing N N 52  
ASN ND2 HD22 sing N N 53  
ASN OXT HXT  sing N N 54  
ASP N   CA   sing N N 55  
ASP N   H    sing N N 56  
ASP N   H2   sing N N 57  
ASP CA  C    sing N N 58  
ASP CA  CB   sing N N 59  
ASP CA  HA   sing N N 60  
ASP C   O    doub N N 61  
ASP C   OXT  sing N N 62  
ASP CB  CG   sing N N 63  
ASP CB  HB2  sing N N 64  
ASP CB  HB3  sing N N 65  
ASP CG  OD1  doub N N 66  
ASP CG  OD2  sing N N 67  
ASP OD2 HD2  sing N N 68  
ASP OXT HXT  sing N N 69  
CYS N   CA   sing N N 70  
CYS N   H    sing N N 71  
CYS N   H2   sing N N 72  
CYS CA  C    sing N N 73  
CYS CA  CB   sing N N 74  
CYS CA  HA   sing N N 75  
CYS C   O    doub N N 76  
CYS C   OXT  sing N N 77  
CYS CB  SG   sing N N 78  
CYS CB  HB2  sing N N 79  
CYS CB  HB3  sing N N 80  
CYS SG  HG   sing N N 81  
CYS OXT HXT  sing N N 82  
GLN N   CA   sing N N 83  
GLN N   H    sing N N 84  
GLN N   H2   sing N N 85  
GLN CA  C    sing N N 86  
GLN CA  CB   sing N N 87  
GLN CA  HA   sing N N 88  
GLN C   O    doub N N 89  
GLN C   OXT  sing N N 90  
GLN CB  CG   sing N N 91  
GLN CB  HB2  sing N N 92  
GLN CB  HB3  sing N N 93  
GLN CG  CD   sing N N 94  
GLN CG  HG2  sing N N 95  
GLN CG  HG3  sing N N 96  
GLN CD  OE1  doub N N 97  
GLN CD  NE2  sing N N 98  
GLN NE2 HE21 sing N N 99  
GLN NE2 HE22 sing N N 100 
GLN OXT HXT  sing N N 101 
GLU N   CA   sing N N 102 
GLU N   H    sing N N 103 
GLU N   H2   sing N N 104 
GLU CA  C    sing N N 105 
GLU CA  CB   sing N N 106 
GLU CA  HA   sing N N 107 
GLU C   O    doub N N 108 
GLU C   OXT  sing N N 109 
GLU CB  CG   sing N N 110 
GLU CB  HB2  sing N N 111 
GLU CB  HB3  sing N N 112 
GLU CG  CD   sing N N 113 
GLU CG  HG2  sing N N 114 
GLU CG  HG3  sing N N 115 
GLU CD  OE1  doub N N 116 
GLU CD  OE2  sing N N 117 
GLU OE2 HE2  sing N N 118 
GLU OXT HXT  sing N N 119 
GLY N   CA   sing N N 120 
GLY N   H    sing N N 121 
GLY N   H2   sing N N 122 
GLY CA  C    sing N N 123 
GLY CA  HA2  sing N N 124 
GLY CA  HA3  sing N N 125 
GLY C   O    doub N N 126 
GLY C   OXT  sing N N 127 
GLY OXT HXT  sing N N 128 
HIS N   CA   sing N N 129 
HIS N   H    sing N N 130 
HIS N   H2   sing N N 131 
HIS CA  C    sing N N 132 
HIS CA  CB   sing N N 133 
HIS CA  HA   sing N N 134 
HIS C   O    doub N N 135 
HIS C   OXT  sing N N 136 
HIS CB  CG   sing N N 137 
HIS CB  HB2  sing N N 138 
HIS CB  HB3  sing N N 139 
HIS CG  ND1  sing Y N 140 
HIS CG  CD2  doub Y N 141 
HIS ND1 CE1  doub Y N 142 
HIS ND1 HD1  sing N N 143 
HIS CD2 NE2  sing Y N 144 
HIS CD2 HD2  sing N N 145 
HIS CE1 NE2  sing Y N 146 
HIS CE1 HE1  sing N N 147 
HIS NE2 HE2  sing N N 148 
HIS OXT HXT  sing N N 149 
HOH O   H1   sing N N 150 
HOH O   H2   sing N N 151 
ILE N   CA   sing N N 152 
ILE N   H    sing N N 153 
ILE N   H2   sing N N 154 
ILE CA  C    sing N N 155 
ILE CA  CB   sing N N 156 
ILE CA  HA   sing N N 157 
ILE C   O    doub N N 158 
ILE C   OXT  sing N N 159 
ILE CB  CG1  sing N N 160 
ILE CB  CG2  sing N N 161 
ILE CB  HB   sing N N 162 
ILE CG1 CD1  sing N N 163 
ILE CG1 HG12 sing N N 164 
ILE CG1 HG13 sing N N 165 
ILE CG2 HG21 sing N N 166 
ILE CG2 HG22 sing N N 167 
ILE CG2 HG23 sing N N 168 
ILE CD1 HD11 sing N N 169 
ILE CD1 HD12 sing N N 170 
ILE CD1 HD13 sing N N 171 
ILE OXT HXT  sing N N 172 
LEU N   CA   sing N N 173 
LEU N   H    sing N N 174 
LEU N   H2   sing N N 175 
LEU CA  C    sing N N 176 
LEU CA  CB   sing N N 177 
LEU CA  HA   sing N N 178 
LEU C   O    doub N N 179 
LEU C   OXT  sing N N 180 
LEU CB  CG   sing N N 181 
LEU CB  HB2  sing N N 182 
LEU CB  HB3  sing N N 183 
LEU CG  CD1  sing N N 184 
LEU CG  CD2  sing N N 185 
LEU CG  HG   sing N N 186 
LEU CD1 HD11 sing N N 187 
LEU CD1 HD12 sing N N 188 
LEU CD1 HD13 sing N N 189 
LEU CD2 HD21 sing N N 190 
LEU CD2 HD22 sing N N 191 
LEU CD2 HD23 sing N N 192 
LEU OXT HXT  sing N N 193 
LYS N   CA   sing N N 194 
LYS N   H    sing N N 195 
LYS N   H2   sing N N 196 
LYS CA  C    sing N N 197 
LYS CA  CB   sing N N 198 
LYS CA  HA   sing N N 199 
LYS C   O    doub N N 200 
LYS C   OXT  sing N N 201 
LYS CB  CG   sing N N 202 
LYS CB  HB2  sing N N 203 
LYS CB  HB3  sing N N 204 
LYS CG  CD   sing N N 205 
LYS CG  HG2  sing N N 206 
LYS CG  HG3  sing N N 207 
LYS CD  CE   sing N N 208 
LYS CD  HD2  sing N N 209 
LYS CD  HD3  sing N N 210 
LYS CE  NZ   sing N N 211 
LYS CE  HE2  sing N N 212 
LYS CE  HE3  sing N N 213 
LYS NZ  HZ1  sing N N 214 
LYS NZ  HZ2  sing N N 215 
LYS NZ  HZ3  sing N N 216 
LYS OXT HXT  sing N N 217 
MET N   CA   sing N N 218 
MET N   H    sing N N 219 
MET N   H2   sing N N 220 
MET CA  C    sing N N 221 
MET CA  CB   sing N N 222 
MET CA  HA   sing N N 223 
MET C   O    doub N N 224 
MET C   OXT  sing N N 225 
MET CB  CG   sing N N 226 
MET CB  HB2  sing N N 227 
MET CB  HB3  sing N N 228 
MET CG  SD   sing N N 229 
MET CG  HG2  sing N N 230 
MET CG  HG3  sing N N 231 
MET SD  CE   sing N N 232 
MET CE  HE1  sing N N 233 
MET CE  HE2  sing N N 234 
MET CE  HE3  sing N N 235 
MET OXT HXT  sing N N 236 
PHE N   CA   sing N N 237 
PHE N   H    sing N N 238 
PHE N   H2   sing N N 239 
PHE CA  C    sing N N 240 
PHE CA  CB   sing N N 241 
PHE CA  HA   sing N N 242 
PHE C   O    doub N N 243 
PHE C   OXT  sing N N 244 
PHE CB  CG   sing N N 245 
PHE CB  HB2  sing N N 246 
PHE CB  HB3  sing N N 247 
PHE CG  CD1  doub Y N 248 
PHE CG  CD2  sing Y N 249 
PHE CD1 CE1  sing Y N 250 
PHE CD1 HD1  sing N N 251 
PHE CD2 CE2  doub Y N 252 
PHE CD2 HD2  sing N N 253 
PHE CE1 CZ   doub Y N 254 
PHE CE1 HE1  sing N N 255 
PHE CE2 CZ   sing Y N 256 
PHE CE2 HE2  sing N N 257 
PHE CZ  HZ   sing N N 258 
PHE OXT HXT  sing N N 259 
PRO N   CA   sing N N 260 
PRO N   CD   sing N N 261 
PRO N   H    sing N N 262 
PRO CA  C    sing N N 263 
PRO CA  CB   sing N N 264 
PRO CA  HA   sing N N 265 
PRO C   O    doub N N 266 
PRO C   OXT  sing N N 267 
PRO CB  CG   sing N N 268 
PRO CB  HB2  sing N N 269 
PRO CB  HB3  sing N N 270 
PRO CG  CD   sing N N 271 
PRO CG  HG2  sing N N 272 
PRO CG  HG3  sing N N 273 
PRO CD  HD2  sing N N 274 
PRO CD  HD3  sing N N 275 
PRO OXT HXT  sing N N 276 
SER N   CA   sing N N 277 
SER N   H    sing N N 278 
SER N   H2   sing N N 279 
SER CA  C    sing N N 280 
SER CA  CB   sing N N 281 
SER CA  HA   sing N N 282 
SER C   O    doub N N 283 
SER C   OXT  sing N N 284 
SER CB  OG   sing N N 285 
SER CB  HB2  sing N N 286 
SER CB  HB3  sing N N 287 
SER OG  HG   sing N N 288 
SER OXT HXT  sing N N 289 
THR N   CA   sing N N 290 
THR N   H    sing N N 291 
THR N   H2   sing N N 292 
THR CA  C    sing N N 293 
THR CA  CB   sing N N 294 
THR CA  HA   sing N N 295 
THR C   O    doub N N 296 
THR C   OXT  sing N N 297 
THR CB  OG1  sing N N 298 
THR CB  CG2  sing N N 299 
THR CB  HB   sing N N 300 
THR OG1 HG1  sing N N 301 
THR CG2 HG21 sing N N 302 
THR CG2 HG22 sing N N 303 
THR CG2 HG23 sing N N 304 
THR OXT HXT  sing N N 305 
TRP N   CA   sing N N 306 
TRP N   H    sing N N 307 
TRP N   H2   sing N N 308 
TRP CA  C    sing N N 309 
TRP CA  CB   sing N N 310 
TRP CA  HA   sing N N 311 
TRP C   O    doub N N 312 
TRP C   OXT  sing N N 313 
TRP CB  CG   sing N N 314 
TRP CB  HB2  sing N N 315 
TRP CB  HB3  sing N N 316 
TRP CG  CD1  doub Y N 317 
TRP CG  CD2  sing Y N 318 
TRP CD1 NE1  sing Y N 319 
TRP CD1 HD1  sing N N 320 
TRP CD2 CE2  doub Y N 321 
TRP CD2 CE3  sing Y N 322 
TRP NE1 CE2  sing Y N 323 
TRP NE1 HE1  sing N N 324 
TRP CE2 CZ2  sing Y N 325 
TRP CE3 CZ3  doub Y N 326 
TRP CE3 HE3  sing N N 327 
TRP CZ2 CH2  doub Y N 328 
TRP CZ2 HZ2  sing N N 329 
TRP CZ3 CH2  sing Y N 330 
TRP CZ3 HZ3  sing N N 331 
TRP CH2 HH2  sing N N 332 
TRP OXT HXT  sing N N 333 
TYR N   CA   sing N N 334 
TYR N   H    sing N N 335 
TYR N   H2   sing N N 336 
TYR CA  C    sing N N 337 
TYR CA  CB   sing N N 338 
TYR CA  HA   sing N N 339 
TYR C   O    doub N N 340 
TYR C   OXT  sing N N 341 
TYR CB  CG   sing N N 342 
TYR CB  HB2  sing N N 343 
TYR CB  HB3  sing N N 344 
TYR CG  CD1  doub Y N 345 
TYR CG  CD2  sing Y N 346 
TYR CD1 CE1  sing Y N 347 
TYR CD1 HD1  sing N N 348 
TYR CD2 CE2  doub Y N 349 
TYR CD2 HD2  sing N N 350 
TYR CE1 CZ   doub Y N 351 
TYR CE1 HE1  sing N N 352 
TYR CE2 CZ   sing Y N 353 
TYR CE2 HE2  sing N N 354 
TYR CZ  OH   sing N N 355 
TYR OH  HH   sing N N 356 
TYR OXT HXT  sing N N 357 
VAL N   CA   sing N N 358 
VAL N   H    sing N N 359 
VAL N   H2   sing N N 360 
VAL CA  C    sing N N 361 
VAL CA  CB   sing N N 362 
VAL CA  HA   sing N N 363 
VAL C   O    doub N N 364 
VAL C   OXT  sing N N 365 
VAL CB  CG1  sing N N 366 
VAL CB  CG2  sing N N 367 
VAL CB  HB   sing N N 368 
VAL CG1 HG11 sing N N 369 
VAL CG1 HG12 sing N N 370 
VAL CG1 HG13 sing N N 371 
VAL CG2 HG21 sing N N 372 
VAL CG2 HG22 sing N N 373 
VAL CG2 HG23 sing N N 374 
VAL OXT HXT  sing N N 375 
# 
_atom_sites.entry_id                    1BGC 
_atom_sites.fract_transf_matrix[1][1]   0.00031530 
_atom_sites.fract_transf_matrix[1][2]   -0.01876149 
_atom_sites.fract_transf_matrix[1][3]   0.01097686 
_atom_sites.fract_transf_matrix[2][1]   -0.01843218 
_atom_sites.fract_transf_matrix[2][2]   -0.00128971 
_atom_sites.fract_transf_matrix[2][3]   -0.00167490 
_atom_sites.fract_transf_matrix[3][1]   0.00197919 
_atom_sites.fract_transf_matrix[3][2]   -0.00876247 
_atom_sites.fract_transf_matrix[3][3]   -0.01503353 
_atom_sites.fract_transf_vector[1]      -0.459584 
_atom_sites.fract_transf_vector[2]      -0.980226 
_atom_sites.fract_transf_vector[3]      1.280408 
# 
loop_
_atom_type.symbol 
C 
H 
N 
O 
S 
# 
loop_
_atom_site.group_PDB 
_atom_site.id 
_atom_site.type_symbol 
_atom_site.label_atom_id 
_atom_site.label_alt_id 
_atom_site.label_comp_id 
_atom_site.label_asym_id 
_atom_site.label_entity_id 
_atom_site.label_seq_id 
_atom_site.pdbx_PDB_ins_code 
_atom_site.Cartn_x 
_atom_site.Cartn_y 
_atom_site.Cartn_z 
_atom_site.occupancy 
_atom_site.B_iso_or_equiv 
_atom_site.pdbx_formal_charge 
_atom_site.auth_seq_id 
_atom_site.auth_comp_id 
_atom_site.auth_asym_id 
_atom_site.auth_atom_id 
_atom_site.pdbx_PDB_model_num 
ATOM   1    N N    . SER A 1 8   ? -0.926  13.123  -19.939 1.00 33.77 ? 9   SER A N    1 
ATOM   2    C CA   . SER A 1 8   ? 0.053   12.208  -20.527 1.00 33.24 ? 9   SER A CA   1 
ATOM   3    C C    . SER A 1 8   ? -0.284  10.731  -20.317 1.00 33.27 ? 9   SER A C    1 
ATOM   4    O O    . SER A 1 8   ? 0.237   9.848   -21.005 1.00 39.13 ? 9   SER A O    1 
ATOM   5    C CB   . SER A 1 8   ? 1.427   12.387  -19.935 1.00 36.98 ? 9   SER A CB   1 
ATOM   6    N N    . LEU A 1 9   ? -1.145  10.418  -19.359 1.00 29.77 ? 10  LEU A N    1 
ATOM   7    C CA   . LEU A 1 9   ? -1.537  9.045   -19.120 1.00 28.46 ? 10  LEU A CA   1 
ATOM   8    C C    . LEU A 1 9   ? -2.857  8.893   -19.836 1.00 27.29 ? 10  LEU A C    1 
ATOM   9    O O    . LEU A 1 9   ? -3.705  9.782   -19.773 1.00 28.28 ? 10  LEU A O    1 
ATOM   10   C CB   . LEU A 1 9   ? -1.722  8.817   -17.629 1.00 29.17 ? 10  LEU A CB   1 
ATOM   11   C CG   . LEU A 1 9   ? -0.504  8.889   -16.755 1.00 29.61 ? 10  LEU A CG   1 
ATOM   12   C CD1  . LEU A 1 9   ? -0.929  8.660   -15.299 1.00 29.95 ? 10  LEU A CD1  1 
ATOM   13   C CD2  . LEU A 1 9   ? 0.506   7.843   -17.217 1.00 30.02 ? 10  LEU A CD2  1 
ATOM   14   H H    . LEU A 1 9   ? -1.667  11.097  -18.872 1.00 0.00  ? 10  LEU A H    1 
ATOM   15   N N    . PRO A 1 10  ? -3.073  7.841   -20.587 1.00 22.25 ? 11  PRO A N    1 
ATOM   16   C CA   . PRO A 1 10  ? -4.349  7.623   -21.268 1.00 23.60 ? 11  PRO A CA   1 
ATOM   17   C C    . PRO A 1 10  ? -5.440  7.323   -20.285 1.00 24.40 ? 11  PRO A C    1 
ATOM   18   O O    . PRO A 1 10  ? -5.171  6.689   -19.265 1.00 30.15 ? 11  PRO A O    1 
ATOM   19   C CB   . PRO A 1 10  ? -4.080  6.485   -22.192 1.00 28.38 ? 11  PRO A CB   1 
ATOM   20   C CG   . PRO A 1 10  ? -2.854  5.800   -21.613 1.00 28.47 ? 11  PRO A CG   1 
ATOM   21   C CD   . PRO A 1 10  ? -2.034  6.935   -21.049 1.00 27.33 ? 11  PRO A CD   1 
ATOM   22   N N    . GLN A 1 11  ? -6.680  7.701   -20.569 1.00 31.22 ? 12  GLN A N    1 
ATOM   23   C CA   . GLN A 1 11  ? -7.821  7.376   -19.704 1.00 32.02 ? 12  GLN A CA   1 
ATOM   24   C C    . GLN A 1 11  ? -8.017  5.876   -19.507 1.00 31.55 ? 12  GLN A C    1 
ATOM   25   O O    . GLN A 1 11  ? -8.475  5.456   -18.433 1.00 39.81 ? 12  GLN A O    1 
ATOM   26   C CB   . GLN A 1 11  ? -9.157  7.924   -20.258 1.00 43.47 ? 12  GLN A CB   1 
ATOM   27   C CG   . GLN A 1 11  ? -9.337  9.462   -20.253 1.00 47.44 ? 12  GLN A CG   1 
ATOM   28   C CD   . GLN A 1 11  ? -9.046  10.196  -18.923 1.00 48.77 ? 12  GLN A CD   1 
ATOM   29   O OE1  . GLN A 1 11  ? -9.683  9.952   -17.890 1.00 49.01 ? 12  GLN A OE1  1 
ATOM   30   N NE2  . GLN A 1 11  ? -8.099  11.143  -18.902 1.00 49.83 ? 12  GLN A NE2  1 
ATOM   31   H H    . GLN A 1 11  ? -6.828  8.217   -21.390 1.00 0.00  ? 12  GLN A H    1 
ATOM   32   H HE21 . GLN A 1 11  ? -7.928  11.573  -18.042 1.00 0.00  ? 12  GLN A HE21 1 
ATOM   33   H HE22 . GLN A 1 11  ? -7.580  11.370  -19.703 1.00 0.00  ? 12  GLN A HE22 1 
ATOM   34   N N    . SER A 1 12  ? -7.717  5.029   -20.508 1.00 32.99 ? 13  SER A N    1 
ATOM   35   C CA   . SER A 1 12  ? -7.859  3.585   -20.305 1.00 33.40 ? 13  SER A CA   1 
ATOM   36   C C    . SER A 1 12  ? -6.923  3.107   -19.191 1.00 31.84 ? 13  SER A C    1 
ATOM   37   O O    . SER A 1 12  ? -7.324  2.317   -18.347 1.00 34.42 ? 13  SER A O    1 
ATOM   38   C CB   . SER A 1 12  ? -7.565  2.813   -21.604 1.00 35.64 ? 13  SER A CB   1 
ATOM   39   O OG   . SER A 1 12  ? -6.542  3.439   -22.371 1.00 38.39 ? 13  SER A OG   1 
ATOM   40   H H    . SER A 1 12  ? -7.402  5.356   -21.376 1.00 0.00  ? 13  SER A H    1 
ATOM   41   H HG   . SER A 1 12  ? -6.907  4.189   -22.864 1.00 0.00  ? 13  SER A HG   1 
ATOM   42   N N    . PHE A 1 13  ? -5.717  3.647   -19.114 1.00 24.35 ? 14  PHE A N    1 
ATOM   43   C CA   . PHE A 1 13  ? -4.790  3.318   -18.082 1.00 23.18 ? 14  PHE A CA   1 
ATOM   44   C C    . PHE A 1 13  ? -5.338  3.809   -16.730 1.00 23.06 ? 14  PHE A C    1 
ATOM   45   O O    . PHE A 1 13  ? -5.270  3.108   -15.701 1.00 22.84 ? 14  PHE A O    1 
ATOM   46   C CB   . PHE A 1 13  ? -3.434  3.971   -18.435 1.00 24.11 ? 14  PHE A CB   1 
ATOM   47   C CG   . PHE A 1 13  ? -2.360  3.782   -17.372 1.00 23.16 ? 14  PHE A CG   1 
ATOM   48   C CD1  . PHE A 1 13  ? -1.762  2.545   -17.217 1.00 22.97 ? 14  PHE A CD1  1 
ATOM   49   C CD2  . PHE A 1 13  ? -2.048  4.826   -16.519 1.00 22.34 ? 14  PHE A CD2  1 
ATOM   50   C CE1  . PHE A 1 13  ? -0.852  2.360   -16.196 1.00 24.89 ? 14  PHE A CE1  1 
ATOM   51   C CE2  . PHE A 1 13  ? -1.139  4.624   -15.509 1.00 23.35 ? 14  PHE A CE2  1 
ATOM   52   C CZ   . PHE A 1 13  ? -0.538  3.394   -15.345 1.00 24.10 ? 14  PHE A CZ   1 
ATOM   53   H H    . PHE A 1 13  ? -5.419  4.221   -19.845 1.00 0.00  ? 14  PHE A H    1 
ATOM   54   N N    . LEU A 1 14  ? -5.898  5.014   -16.694 1.00 18.38 ? 15  LEU A N    1 
ATOM   55   C CA   . LEU A 1 14  ? -6.401  5.514   -15.472 1.00 18.70 ? 15  LEU A CA   1 
ATOM   56   C C    . LEU A 1 14  ? -7.515  4.630   -14.987 1.00 18.63 ? 15  LEU A C    1 
ATOM   57   O O    . LEU A 1 14  ? -7.557  4.321   -13.798 1.00 31.00 ? 15  LEU A O    1 
ATOM   58   C CB   . LEU A 1 14  ? -6.914  6.891   -15.649 1.00 34.30 ? 15  LEU A CB   1 
ATOM   59   C CG   . LEU A 1 14  ? -6.420  7.777   -14.562 1.00 36.82 ? 15  LEU A CG   1 
ATOM   60   C CD1  . LEU A 1 14  ? -5.003  8.213   -14.909 1.00 38.06 ? 15  LEU A CD1  1 
ATOM   61   C CD2  . LEU A 1 14  ? -7.358  8.946   -14.393 1.00 39.25 ? 15  LEU A CD2  1 
ATOM   62   H H    . LEU A 1 14  ? -5.905  5.567   -17.498 1.00 0.00  ? 15  LEU A H    1 
ATOM   63   N N    . LEU A 1 15  ? -8.403  4.130   -15.856 1.00 25.24 ? 16  LEU A N    1 
ATOM   64   C CA   . LEU A 1 15  ? -9.495  3.312   -15.355 1.00 25.17 ? 16  LEU A CA   1 
ATOM   65   C C    . LEU A 1 15  ? -8.995  1.959   -14.840 1.00 23.85 ? 16  LEU A C    1 
ATOM   66   O O    . LEU A 1 15  ? -9.537  1.453   -13.858 1.00 22.84 ? 16  LEU A O    1 
ATOM   67   C CB   . LEU A 1 15  ? -10.552 3.083   -16.421 1.00 26.84 ? 16  LEU A CB   1 
ATOM   68   C CG   . LEU A 1 15  ? -11.931 2.720   -15.803 1.00 29.03 ? 16  LEU A CG   1 
ATOM   69   C CD1  . LEU A 1 15  ? -12.795 3.957   -15.662 1.00 28.71 ? 16  LEU A CD1  1 
ATOM   70   C CD2  . LEU A 1 15  ? -12.637 1.728   -16.680 1.00 30.02 ? 16  LEU A CD2  1 
ATOM   71   H H    . LEU A 1 15  ? -8.326  4.327   -16.814 1.00 0.00  ? 16  LEU A H    1 
ATOM   72   N N    . LYS A 1 16  ? -7.934  1.396   -15.422 1.00 20.79 ? 17  LYS A N    1 
ATOM   73   C CA   . LYS A 1 16  ? -7.323  0.184   -14.904 1.00 21.37 ? 17  LYS A CA   1 
ATOM   74   C C    . LYS A 1 16  ? -6.707  0.464   -13.529 1.00 19.60 ? 17  LYS A C    1 
ATOM   75   O O    . LYS A 1 16  ? -6.788  -0.378  -12.619 1.00 21.53 ? 17  LYS A O    1 
ATOM   76   C CB   . LYS A 1 16  ? -6.234  -0.327  -15.886 1.00 25.59 ? 17  LYS A CB   1 
ATOM   77   C CG   . LYS A 1 16  ? -5.606  -1.689  -15.491 1.00 30.94 ? 17  LYS A CG   1 
ATOM   78   C CD   . LYS A 1 16  ? -6.752  -2.740  -15.366 1.00 34.93 ? 17  LYS A CD   1 
ATOM   79   C CE   . LYS A 1 16  ? -6.376  -4.146  -14.847 1.00 36.40 ? 17  LYS A CE   1 
ATOM   80   N NZ   . LYS A 1 16  ? -7.567  -4.999  -14.790 1.00 37.66 ? 17  LYS A NZ   1 
ATOM   81   H H    . LYS A 1 16  ? -7.565  1.794   -16.242 1.00 0.00  ? 17  LYS A H    1 
ATOM   82   H HZ1  . LYS A 1 16  ? -8.127  -4.918  -15.662 1.00 0.00  ? 17  LYS A HZ1  1 
ATOM   83   H HZ2  . LYS A 1 16  ? -7.324  -5.988  -14.610 1.00 0.00  ? 17  LYS A HZ2  1 
ATOM   84   H HZ3  . LYS A 1 16  ? -8.204  -4.673  -14.027 1.00 0.00  ? 17  LYS A HZ3  1 
ATOM   85   N N    . CYS A 1 17  ? -6.044  1.617   -13.366 1.00 19.03 ? 18  CYS A N    1 
ATOM   86   C CA   . CYS A 1 17  ? -5.520  2.028   -12.078 1.00 19.06 ? 18  CYS A CA   1 
ATOM   87   C C    . CYS A 1 17  ? -6.622  2.174   -11.047 1.00 18.84 ? 18  CYS A C    1 
ATOM   88   O O    . CYS A 1 17  ? -6.439  1.743   -9.898  1.00 21.77 ? 18  CYS A O    1 
ATOM   89   C CB   . CYS A 1 17  ? -4.780  3.347   -12.174 1.00 20.21 ? 18  CYS A CB   1 
ATOM   90   S SG   . CYS A 1 17  ? -3.203  3.108   -12.998 1.00 20.64 ? 18  CYS A SG   1 
ATOM   91   H H    . CYS A 1 17  ? -5.860  2.177   -14.147 1.00 0.00  ? 18  CYS A H    1 
ATOM   92   N N    . LEU A 1 18  ? -7.786  2.723   -11.402 1.00 19.94 ? 19  LEU A N    1 
ATOM   93   C CA   . LEU A 1 18  ? -8.927  2.816   -10.488 1.00 19.65 ? 19  LEU A CA   1 
ATOM   94   C C    . LEU A 1 18  ? -9.371  1.435   -10.019 1.00 18.98 ? 19  LEU A C    1 
ATOM   95   O O    . LEU A 1 18  ? -9.608  1.207   -8.833  1.00 17.24 ? 19  LEU A O    1 
ATOM   96   C CB   . LEU A 1 18  ? -10.116 3.496   -11.152 1.00 17.34 ? 19  LEU A CB   1 
ATOM   97   C CG   . LEU A 1 18  ? -11.382 3.584   -10.292 1.00 17.61 ? 19  LEU A CG   1 
ATOM   98   C CD1  . LEU A 1 18  ? -11.146 4.426   -8.996  1.00 18.57 ? 19  LEU A CD1  1 
ATOM   99   C CD2  . LEU A 1 18  ? -12.481 4.160   -11.161 1.00 19.52 ? 19  LEU A CD2  1 
ATOM   100  H H    . LEU A 1 18  ? -7.878  3.084   -12.308 1.00 0.00  ? 19  LEU A H    1 
ATOM   101  N N    . GLU A 1 19  ? -9.463  0.517   -10.966 1.00 19.06 ? 20  GLU A N    1 
ATOM   102  C CA   . GLU A 1 19  ? -9.888  -0.846  -10.697 1.00 21.21 ? 20  GLU A CA   1 
ATOM   103  C C    . GLU A 1 19  ? -8.933  -1.541  -9.705  1.00 19.96 ? 20  GLU A C    1 
ATOM   104  O O    . GLU A 1 19  ? -9.350  -2.052  -8.651  1.00 23.89 ? 20  GLU A O    1 
ATOM   105  C CB   . GLU A 1 19  ? -9.909  -1.533  -12.030 1.00 28.58 ? 20  GLU A CB   1 
ATOM   106  C CG   . GLU A 1 19  ? -10.659 -2.824  -12.142 1.00 35.27 ? 20  GLU A CG   1 
ATOM   107  C CD   . GLU A 1 19  ? -10.375 -3.453  -13.492 1.00 37.79 ? 20  GLU A CD   1 
ATOM   108  O OE1  . GLU A 1 19  ? -10.568 -2.804  -14.522 1.00 38.79 ? 20  GLU A OE1  1 
ATOM   109  O OE2  . GLU A 1 19  ? -9.902  -4.590  -13.529 1.00 41.21 ? 20  GLU A OE2  1 
ATOM   110  H H    . GLU A 1 19  ? -9.280  0.762   -11.901 1.00 0.00  ? 20  GLU A H    1 
ATOM   111  N N    . GLN A 1 20  ? -7.635  -1.478  -10.013 1.00 17.00 ? 21  GLN A N    1 
ATOM   112  C CA   . GLN A 1 20  ? -6.603  -2.038  -9.162  1.00 18.14 ? 21  GLN A CA   1 
ATOM   113  C C    . GLN A 1 20  ? -6.442  -1.392  -7.777  1.00 17.40 ? 21  GLN A C    1 
ATOM   114  O O    . GLN A 1 20  ? -6.264  -2.116  -6.773  1.00 19.74 ? 21  GLN A O    1 
ATOM   115  C CB   . GLN A 1 20  ? -5.326  -1.978  -9.913  1.00 21.25 ? 21  GLN A CB   1 
ATOM   116  C CG   . GLN A 1 20  ? -5.467  -2.978  -11.015 1.00 23.33 ? 21  GLN A CG   1 
ATOM   117  C CD   . GLN A 1 20  ? -4.153  -3.211  -11.687 1.00 24.02 ? 21  GLN A CD   1 
ATOM   118  O OE1  . GLN A 1 20  ? -3.519  -4.246  -11.513 1.00 27.07 ? 21  GLN A OE1  1 
ATOM   119  N NE2  . GLN A 1 20  ? -3.690  -2.275  -12.478 1.00 23.42 ? 21  GLN A NE2  1 
ATOM   120  H H    . GLN A 1 20  ? -7.378  -1.055  -10.860 1.00 0.00  ? 21  GLN A H    1 
ATOM   121  H HE21 . GLN A 1 20  ? -2.804  -2.356  -12.868 1.00 0.00  ? 21  GLN A HE21 1 
ATOM   122  H HE22 . GLN A 1 20  ? -4.220  -1.464  -12.611 1.00 0.00  ? 21  GLN A HE22 1 
ATOM   123  N N    . VAL A 1 21  ? -6.530  -0.051  -7.646  1.00 19.53 ? 22  VAL A N    1 
ATOM   124  C CA   . VAL A 1 21  ? -6.500  0.545   -6.312  1.00 19.43 ? 22  VAL A CA   1 
ATOM   125  C C    . VAL A 1 21  ? -7.793  0.198   -5.560  1.00 18.74 ? 22  VAL A C    1 
ATOM   126  O O    . VAL A 1 21  ? -7.710  -0.070  -4.352  1.00 18.93 ? 22  VAL A O    1 
ATOM   127  C CB   . VAL A 1 21  ? -6.281  2.114   -6.348  1.00 21.50 ? 22  VAL A CB   1 
ATOM   128  C CG1  . VAL A 1 21  ? -4.984  2.468   -7.093  1.00 20.07 ? 22  VAL A CG1  1 
ATOM   129  C CG2  . VAL A 1 21  ? -7.332  2.778   -7.118  1.00 23.44 ? 22  VAL A CG2  1 
ATOM   130  H H    . VAL A 1 21  ? -6.579  0.522   -8.437  1.00 0.00  ? 22  VAL A H    1 
ATOM   131  N N    . ARG A 1 22  ? -8.994  0.105   -6.169  1.00 14.11 ? 23  ARG A N    1 
ATOM   132  C CA   . ARG A 1 22  ? -10.181 -0.307  -5.409  1.00 14.65 ? 23  ARG A CA   1 
ATOM   133  C C    . ARG A 1 22  ? -10.059 -1.774  -4.951  1.00 14.89 ? 23  ARG A C    1 
ATOM   134  O O    . ARG A 1 22  ? -10.457 -2.102  -3.837  1.00 20.18 ? 23  ARG A O    1 
ATOM   135  C CB   . ARG A 1 22  ? -11.443 -0.147  -6.239  1.00 21.16 ? 23  ARG A CB   1 
ATOM   136  C CG   . ARG A 1 22  ? -11.776 1.330   -6.529  1.00 24.20 ? 23  ARG A CG   1 
ATOM   137  C CD   . ARG A 1 22  ? -13.243 1.618   -6.814  1.00 24.98 ? 23  ARG A CD   1 
ATOM   138  N NE   . ARG A 1 22  ? -14.015 1.061   -5.731  1.00 26.55 ? 23  ARG A NE   1 
ATOM   139  C CZ   . ARG A 1 22  ? -14.378 1.738   -4.630  1.00 27.49 ? 23  ARG A CZ   1 
ATOM   140  N NH1  . ARG A 1 22  ? -14.096 3.026   -4.447  1.00 27.98 ? 23  ARG A NH1  1 
ATOM   141  N NH2  . ARG A 1 22  ? -14.956 1.051   -3.636  1.00 30.60 ? 23  ARG A NH2  1 
ATOM   142  H H    . ARG A 1 22  ? -9.063  0.241   -7.143  1.00 0.00  ? 23  ARG A H    1 
ATOM   143  H HE   . ARG A 1 22  ? -14.240 0.113   -5.821  1.00 0.00  ? 23  ARG A HE   1 
ATOM   144  H HH11 . ARG A 1 22  ? -13.789 3.550   -5.245  1.00 0.00  ? 23  ARG A HH11 1 
ATOM   145  H HH12 . ARG A 1 22  ? -14.447 3.539   -3.667  1.00 0.00  ? 23  ARG A HH12 1 
ATOM   146  H HH21 . ARG A 1 22  ? -14.999 0.049   -3.672  1.00 0.00  ? 23  ARG A HH21 1 
ATOM   147  H HH22 . ARG A 1 22  ? -15.219 1.496   -2.783  1.00 0.00  ? 23  ARG A HH22 1 
ATOM   148  N N    . LYS A 1 23  ? -9.431  -2.653  -5.745  1.00 17.45 ? 24  LYS A N    1 
ATOM   149  C CA   . LYS A 1 23  ? -9.204  -4.044  -5.377  1.00 18.90 ? 24  LYS A CA   1 
ATOM   150  C C    . LYS A 1 23  ? -8.263  -4.136  -4.169  1.00 18.13 ? 24  LYS A C    1 
ATOM   151  O O    . LYS A 1 23  ? -8.577  -4.851  -3.205  1.00 23.17 ? 24  LYS A O    1 
ATOM   152  C CB   . LYS A 1 23  ? -8.615  -4.792  -6.583  1.00 24.47 ? 24  LYS A CB   1 
ATOM   153  C CG   . LYS A 1 23  ? -8.177  -6.258  -6.383  1.00 29.32 ? 24  LYS A CG   1 
ATOM   154  C CD   . LYS A 1 23  ? -9.377  -7.167  -6.108  1.00 33.22 ? 24  LYS A CD   1 
ATOM   155  C CE   . LYS A 1 23  ? -8.978  -8.608  -5.700  1.00 35.43 ? 24  LYS A CE   1 
ATOM   156  N NZ   . LYS A 1 23  ? -8.328  -8.625  -4.402  1.00 37.56 ? 24  LYS A NZ   1 
ATOM   157  H H    . LYS A 1 23  ? -9.087  -2.347  -6.614  1.00 0.00  ? 24  LYS A H    1 
ATOM   158  H HZ1  . LYS A 1 23  ? -7.689  -7.808  -4.290  1.00 0.00  ? 24  LYS A HZ1  1 
ATOM   159  H HZ2  . LYS A 1 23  ? -8.900  -8.612  -3.533  1.00 0.00  ? 24  LYS A HZ2  1 
ATOM   160  H HZ3  . LYS A 1 23  ? -7.582  -9.346  -4.343  1.00 0.00  ? 24  LYS A HZ3  1 
ATOM   161  N N    . ILE A 1 24  ? -7.131  -3.416  -4.163  1.00 18.23 ? 25  ILE A N    1 
ATOM   162  C CA   . ILE A 1 24  ? -6.258  -3.397  -2.986  1.00 18.04 ? 25  ILE A CA   1 
ATOM   163  C C    . ILE A 1 24  ? -6.990  -2.815  -1.770  1.00 17.24 ? 25  ILE A C    1 
ATOM   164  O O    . ILE A 1 24  ? -6.911  -3.341  -0.666  1.00 16.63 ? 25  ILE A O    1 
ATOM   165  C CB   . ILE A 1 24  ? -4.976  -2.579  -3.312  1.00 17.34 ? 25  ILE A CB   1 
ATOM   166  C CG1  . ILE A 1 24  ? -4.239  -3.277  -4.469  1.00 17.19 ? 25  ILE A CG1  1 
ATOM   167  C CG2  . ILE A 1 24  ? -4.070  -2.427  -2.084  1.00 15.98 ? 25  ILE A CG2  1 
ATOM   168  C CD1  . ILE A 1 24  ? -3.095  -2.431  -5.042  1.00 15.79 ? 25  ILE A CD1  1 
ATOM   169  H H    . ILE A 1 24  ? -6.837  -2.967  -4.986  1.00 0.00  ? 25  ILE A H    1 
ATOM   170  N N    . GLN A 1 25  ? -7.743  -1.740  -1.926  1.00 14.36 ? 26  GLN A N    1 
ATOM   171  C CA   . GLN A 1 25  ? -8.496  -1.209  -0.812  1.00 16.27 ? 26  GLN A CA   1 
ATOM   172  C C    . GLN A 1 25  ? -9.508  -2.201  -0.205  1.00 16.12 ? 26  GLN A C    1 
ATOM   173  O O    . GLN A 1 25  ? -9.632  -2.260  1.022   1.00 17.69 ? 26  GLN A O    1 
ATOM   174  C CB   . GLN A 1 25  ? -9.210  0.117   -1.267  1.00 17.36 ? 26  GLN A CB   1 
ATOM   175  C CG   . GLN A 1 25  ? -8.192  1.247   -1.478  1.00 19.03 ? 26  GLN A CG   1 
ATOM   176  C CD   . GLN A 1 25  ? -8.739  2.592   -1.949  1.00 21.73 ? 26  GLN A CD   1 
ATOM   177  O OE1  . GLN A 1 25  ? -8.255  3.662   -1.562  1.00 24.23 ? 26  GLN A OE1  1 
ATOM   178  N NE2  . GLN A 1 25  ? -9.787  2.653   -2.721  1.00 22.71 ? 26  GLN A NE2  1 
ATOM   179  H H    . GLN A 1 25  ? -7.765  -1.281  -2.790  1.00 0.00  ? 26  GLN A H    1 
ATOM   180  H HE21 . GLN A 1 25  ? -9.992  3.536   -3.069  1.00 0.00  ? 26  GLN A HE21 1 
ATOM   181  H HE22 . GLN A 1 25  ? -10.313 1.850   -2.902  1.00 0.00  ? 26  GLN A HE22 1 
ATOM   182  N N    . ALA A 1 26  ? -10.229 -2.984  -1.018  1.00 19.04 ? 27  ALA A N    1 
ATOM   183  C CA   . ALA A 1 26  ? -11.179 -4.000  -0.552  1.00 19.57 ? 27  ALA A CA   1 
ATOM   184  C C    . ALA A 1 26  ? -10.443 -5.120  0.187   1.00 20.37 ? 27  ALA A C    1 
ATOM   185  O O    . ALA A 1 26  ? -10.968 -5.665  1.165   1.00 18.14 ? 27  ALA A O    1 
ATOM   186  C CB   . ALA A 1 26  ? -11.911 -4.630  -1.724  1.00 16.84 ? 27  ALA A CB   1 
ATOM   187  H H    . ALA A 1 26  ? -10.063 -2.931  -1.981  1.00 0.00  ? 27  ALA A H    1 
ATOM   188  N N    . ASP A 1 27  ? -9.201  -5.426  -0.229  1.00 21.88 ? 28  ASP A N    1 
ATOM   189  C CA   . ASP A 1 27  ? -8.344  -6.413  0.437   1.00 21.50 ? 28  ASP A CA   1 
ATOM   190  C C    . ASP A 1 27  ? -7.921  -5.938  1.809   1.00 21.13 ? 28  ASP A C    1 
ATOM   191  O O    . ASP A 1 27  ? -7.912  -6.680  2.783   1.00 17.53 ? 28  ASP A O    1 
ATOM   192  C CB   . ASP A 1 27  ? -7.058  -6.672  -0.311  1.00 18.12 ? 28  ASP A CB   1 
ATOM   193  C CG   . ASP A 1 27  ? -7.136  -7.353  -1.662  1.00 19.78 ? 28  ASP A CG   1 
ATOM   194  O OD1  . ASP A 1 27  ? -8.137  -7.989  -2.014  1.00 19.26 ? 28  ASP A OD1  1 
ATOM   195  O OD2  . ASP A 1 27  ? -6.164  -7.226  -2.378  1.00 19.76 ? 28  ASP A OD2  1 
ATOM   196  H H    . ASP A 1 27  ? -8.854  -5.023  -1.056  1.00 0.00  ? 28  ASP A H    1 
ATOM   197  N N    . GLY A 1 28  ? -7.522  -4.677  1.883   1.00 19.09 ? 29  GLY A N    1 
ATOM   198  C CA   . GLY A 1 28  ? -7.164  -4.056  3.139   1.00 18.12 ? 29  GLY A CA   1 
ATOM   199  C C    . GLY A 1 28  ? -8.378  -4.053  4.065   1.00 18.06 ? 29  GLY A C    1 
ATOM   200  O O    . GLY A 1 28  ? -8.245  -4.307  5.265   1.00 18.68 ? 29  GLY A O    1 
ATOM   201  H H    . GLY A 1 28  ? -7.426  -4.183  1.041   1.00 0.00  ? 29  GLY A H    1 
ATOM   202  N N    . ALA A 1 29  ? -9.575  -3.785  3.547   1.00 20.17 ? 30  ALA A N    1 
ATOM   203  C CA   . ALA A 1 29  ? -10.780 -3.774  4.372   1.00 21.83 ? 30  ALA A CA   1 
ATOM   204  C C    . ALA A 1 29  ? -11.077 -5.139  4.974   1.00 21.59 ? 30  ALA A C    1 
ATOM   205  O O    . ALA A 1 29  ? -11.312 -5.267  6.172   1.00 21.06 ? 30  ALA A O    1 
ATOM   206  C CB   . ALA A 1 29  ? -12.028 -3.348  3.567   1.00 20.49 ? 30  ALA A CB   1 
ATOM   207  H H    . ALA A 1 29  ? -9.639  -3.535  2.602   1.00 0.00  ? 30  ALA A H    1 
ATOM   208  N N    . GLU A 1 30  ? -10.993 -6.175  4.174   1.00 16.31 ? 31  GLU A N    1 
ATOM   209  C CA   . GLU A 1 30  ? -11.213 -7.501  4.680   1.00 17.42 ? 31  GLU A CA   1 
ATOM   210  C C    . GLU A 1 30  ? -10.168 -7.871  5.723   1.00 15.78 ? 31  GLU A C    1 
ATOM   211  O O    . GLU A 1 30  ? -10.514 -8.485  6.730   1.00 22.61 ? 31  GLU A O    1 
ATOM   212  C CB   . GLU A 1 30  ? -11.184 -8.434  3.503   1.00 27.99 ? 31  GLU A CB   1 
ATOM   213  C CG   . GLU A 1 30  ? -11.578 -9.848  3.814   1.00 34.82 ? 31  GLU A CG   1 
ATOM   214  C CD   . GLU A 1 30  ? -12.952 -10.020 4.480   1.00 40.23 ? 31  GLU A CD   1 
ATOM   215  O OE1  . GLU A 1 30  ? -13.870 -9.205  4.301   1.00 41.05 ? 31  GLU A OE1  1 
ATOM   216  O OE2  . GLU A 1 30  ? -13.110 -11.035 5.164   1.00 43.18 ? 31  GLU A OE2  1 
ATOM   217  H H    . GLU A 1 30  ? -10.785 -6.064  3.225   1.00 0.00  ? 31  GLU A H    1 
ATOM   218  N N    . LEU A 1 31  ? -8.880  -7.497  5.540   1.00 17.62 ? 32  LEU A N    1 
ATOM   219  C CA   . LEU A 1 31  ? -7.807  -7.754  6.510   1.00 18.54 ? 32  LEU A CA   1 
ATOM   220  C C    . LEU A 1 31  ? -8.178  -7.202  7.868   1.00 19.24 ? 32  LEU A C    1 
ATOM   221  O O    . LEU A 1 31  ? -8.103  -7.918  8.871   1.00 20.58 ? 32  LEU A O    1 
ATOM   222  C CB   . LEU A 1 31  ? -6.522  -7.074  6.107   1.00 21.51 ? 32  LEU A CB   1 
ATOM   223  C CG   . LEU A 1 31  ? -5.145  -7.694  6.283   1.00 23.91 ? 32  LEU A CG   1 
ATOM   224  C CD1  . LEU A 1 31  ? -4.174  -6.586  6.562   1.00 23.73 ? 32  LEU A CD1  1 
ATOM   225  C CD2  . LEU A 1 31  ? -5.086  -8.668  7.428   1.00 26.31 ? 32  LEU A CD2  1 
ATOM   226  H H    . LEU A 1 31  ? -8.640  -7.071  4.687   1.00 0.00  ? 32  LEU A H    1 
ATOM   227  N N    . GLN A 1 32  ? -8.561  -5.916  7.923   1.00 22.76 ? 33  GLN A N    1 
ATOM   228  C CA   . GLN A 1 32  ? -8.969  -5.260  9.177   1.00 23.75 ? 33  GLN A CA   1 
ATOM   229  C C    . GLN A 1 32  ? -10.226 -5.901  9.806   1.00 24.20 ? 33  GLN A C    1 
ATOM   230  O O    . GLN A 1 32  ? -10.318 -6.051  11.023  1.00 21.81 ? 33  GLN A O    1 
ATOM   231  C CB   . GLN A 1 32  ? -9.218  -3.769  8.918   1.00 22.47 ? 33  GLN A CB   1 
ATOM   232  C CG   . GLN A 1 32  ? -7.860  -3.102  8.747   1.00 24.97 ? 33  GLN A CG   1 
ATOM   233  C CD   . GLN A 1 32  ? -7.812  -1.600  8.445   1.00 26.69 ? 33  GLN A CD   1 
ATOM   234  O OE1  . GLN A 1 32  ? -6.904  -0.901  8.903   1.00 27.99 ? 33  GLN A OE1  1 
ATOM   235  N NE2  . GLN A 1 32  ? -8.697  -1.010  7.657   1.00 27.14 ? 33  GLN A NE2  1 
ATOM   236  H H    . GLN A 1 32  ? -8.567  -5.393  7.089   1.00 0.00  ? 33  GLN A H    1 
ATOM   237  H HE21 . GLN A 1 32  ? -8.572  -0.054  7.508   1.00 0.00  ? 33  GLN A HE21 1 
ATOM   238  H HE22 . GLN A 1 32  ? -9.427  -1.533  7.270   1.00 0.00  ? 33  GLN A HE22 1 
ATOM   239  N N    . GLU A 1 33  ? -11.203 -6.339  9.009   1.00 20.24 ? 34  GLU A N    1 
ATOM   240  C CA   . GLU A 1 33  ? -12.401 -7.007  9.483   1.00 21.95 ? 34  GLU A CA   1 
ATOM   241  C C    . GLU A 1 33  ? -12.002 -8.266  10.214  1.00 21.55 ? 34  GLU A C    1 
ATOM   242  O O    . GLU A 1 33  ? -12.436 -8.517  11.338  1.00 25.91 ? 34  GLU A O    1 
ATOM   243  C CB   . GLU A 1 33  ? -13.251 -7.401  8.328   1.00 30.76 ? 34  GLU A CB   1 
ATOM   244  C CG   . GLU A 1 33  ? -14.685 -7.137  8.538   1.00 37.15 ? 34  GLU A CG   1 
ATOM   245  C CD   . GLU A 1 33  ? -15.163 -6.147  7.504   1.00 42.10 ? 34  GLU A CD   1 
ATOM   246  O OE1  . GLU A 1 33  ? -15.566 -6.521  6.398   1.00 44.01 ? 34  GLU A OE1  1 
ATOM   247  O OE2  . GLU A 1 33  ? -15.152 -4.958  7.817   1.00 44.94 ? 34  GLU A OE2  1 
ATOM   248  H H    . GLU A 1 33  ? -11.120 -6.185  8.042   1.00 0.00  ? 34  GLU A H    1 
ATOM   249  N N    . ARG A 1 34  ? -11.141 -9.041  9.541   1.00 22.46 ? 35  ARG A N    1 
ATOM   250  C CA   . ARG A 1 34  ? -10.624 -10.296 10.085  1.00 23.12 ? 35  ARG A CA   1 
ATOM   251  C C    . ARG A 1 34  ? -9.760  -10.140 11.326  1.00 22.53 ? 35  ARG A C    1 
ATOM   252  O O    . ARG A 1 34  ? -9.932  -10.911 12.266  1.00 26.26 ? 35  ARG A O    1 
ATOM   253  C CB   . ARG A 1 34  ? -9.828  -11.052 9.013   1.00 28.17 ? 35  ARG A CB   1 
ATOM   254  C CG   . ARG A 1 34  ? -10.831 -11.598 8.044   1.00 30.29 ? 35  ARG A CG   1 
ATOM   255  C CD   . ARG A 1 34  ? -10.432 -12.845 7.290   1.00 35.26 ? 35  ARG A CD   1 
ATOM   256  N NE   . ARG A 1 34  ? -11.297 -12.823 6.124   1.00 38.95 ? 35  ARG A NE   1 
ATOM   257  C CZ   . ARG A 1 34  ? -11.692 -13.875 5.386   1.00 40.07 ? 35  ARG A CZ   1 
ATOM   258  N NH1  . ARG A 1 34  ? -11.265 -15.125 5.675   1.00 40.82 ? 35  ARG A NH1  1 
ATOM   259  N NH2  . ARG A 1 34  ? -12.586 -13.615 4.396   1.00 40.18 ? 35  ARG A NH2  1 
ATOM   260  H H    . ARG A 1 34  ? -10.901 -8.781  8.623   1.00 0.00  ? 35  ARG A H    1 
ATOM   261  H HE   . ARG A 1 34  ? -11.588 -11.918 5.858   1.00 0.00  ? 35  ARG A HE   1 
ATOM   262  H HH11 . ARG A 1 34  ? -10.520 -15.245 6.343   1.00 0.00  ? 35  ARG A HH11 1 
ATOM   263  H HH12 . ARG A 1 34  ? -11.522 -15.918 5.130   1.00 0.00  ? 35  ARG A HH12 1 
ATOM   264  H HH21 . ARG A 1 34  ? -12.922 -12.652 4.363   1.00 0.00  ? 35  ARG A HH21 1 
ATOM   265  H HH22 . ARG A 1 34  ? -12.998 -14.280 3.782   1.00 0.00  ? 35  ARG A HH22 1 
ATOM   266  N N    . LEU A 1 35  ? -8.821  -9.189  11.375  1.00 19.19 ? 36  LEU A N    1 
ATOM   267  C CA   . LEU A 1 35  ? -8.064  -8.882  12.587  1.00 18.47 ? 36  LEU A CA   1 
ATOM   268  C C    . LEU A 1 35  ? -8.997  -8.532  13.761  1.00 18.88 ? 36  LEU A C    1 
ATOM   269  O O    . LEU A 1 35  ? -8.797  -8.962  14.904  1.00 22.09 ? 36  LEU A O    1 
ATOM   270  C CB   . LEU A 1 35  ? -7.122  -7.720  12.282  1.00 20.80 ? 36  LEU A CB   1 
ATOM   271  C CG   . LEU A 1 35  ? -5.843  -8.065  11.513  1.00 21.29 ? 36  LEU A CG   1 
ATOM   272  C CD1  . LEU A 1 35  ? -5.199  -6.820  10.911  1.00 19.36 ? 36  LEU A CD1  1 
ATOM   273  C CD2  . LEU A 1 35  ? -4.862  -8.747  12.478  1.00 22.23 ? 36  LEU A CD2  1 
ATOM   274  H H    . LEU A 1 35  ? -8.604  -8.709  10.549  1.00 0.00  ? 36  LEU A H    1 
ATOM   275  N N    . CYS A 1 36  ? -10.073 -7.790  13.503  1.00 19.72 ? 37  CYS A N    1 
ATOM   276  C CA   . CYS A 1 36  ? -11.036 -7.432  14.544  1.00 20.43 ? 37  CYS A CA   1 
ATOM   277  C C    . CYS A 1 36  ? -11.790 -8.680  15.000  1.00 20.59 ? 37  CYS A C    1 
ATOM   278  O O    . CYS A 1 36  ? -11.878 -8.984  16.186  1.00 23.82 ? 37  CYS A O    1 
ATOM   279  C CB   . CYS A 1 36  ? -12.016 -6.365  13.980  1.00 24.62 ? 37  CYS A CB   1 
ATOM   280  S SG   . CYS A 1 36  ? -13.439 -6.016  15.055  1.00 25.66 ? 37  CYS A SG   1 
ATOM   281  H H    . CYS A 1 36  ? -10.210 -7.451  12.591  1.00 0.00  ? 37  CYS A H    1 
ATOM   282  N N    . ALA A 1 37  ? -12.302 -9.450  14.042  1.00 25.15 ? 38  ALA A N    1 
ATOM   283  C CA   . ALA A 1 37  ? -13.043 -10.674 14.274  1.00 25.78 ? 38  ALA A CA   1 
ATOM   284  C C    . ALA A 1 37  ? -12.172 -11.690 14.989  1.00 25.88 ? 38  ALA A C    1 
ATOM   285  O O    . ALA A 1 37  ? -12.481 -11.990 16.133  1.00 27.16 ? 38  ALA A O    1 
ATOM   286  C CB   . ALA A 1 37  ? -13.522 -11.261 12.932  1.00 26.46 ? 38  ALA A CB   1 
ATOM   287  H H    . ALA A 1 37  ? -12.131 -9.196  13.114  1.00 0.00  ? 38  ALA A H    1 
ATOM   288  N N    . ALA A 1 38  ? -11.065 -12.162 14.417  1.00 18.49 ? 39  ALA A N    1 
ATOM   289  C CA   . ALA A 1 38  ? -10.231 -13.145 15.048  1.00 18.69 ? 39  ALA A CA   1 
ATOM   290  C C    . ALA A 1 38  ? -9.469  -12.646 16.265  1.00 20.54 ? 39  ALA A C    1 
ATOM   291  O O    . ALA A 1 38  ? -9.347  -13.320 17.305  1.00 27.81 ? 39  ALA A O    1 
ATOM   292  C CB   . ALA A 1 38  ? -9.226  -13.670 14.040  1.00 23.24 ? 39  ALA A CB   1 
ATOM   293  H H    . ALA A 1 38  ? -10.875 -11.938 13.485  1.00 0.00  ? 39  ALA A H    1 
ATOM   294  N N    . HIS A 1 39  ? -8.884  -11.453 16.173  1.00 25.63 ? 40  HIS A N    1 
ATOM   295  C CA   . HIS A 1 39  ? -8.001  -11.076 17.246  1.00 25.79 ? 40  HIS A CA   1 
ATOM   296  C C    . HIS A 1 39  ? -8.439  -9.877  18.028  1.00 25.97 ? 40  HIS A C    1 
ATOM   297  O O    . HIS A 1 39  ? -7.650  -9.409  18.846  1.00 28.06 ? 40  HIS A O    1 
ATOM   298  C CB   . HIS A 1 39  ? -6.575  -10.873 16.683  1.00 26.60 ? 40  HIS A CB   1 
ATOM   299  C CG   . HIS A 1 39  ? -6.019  -12.108 15.959  1.00 27.69 ? 40  HIS A CG   1 
ATOM   300  N ND1  . HIS A 1 39  ? -5.408  -12.132 14.778  1.00 29.41 ? 40  HIS A ND1  1 
ATOM   301  C CD2  . HIS A 1 39  ? -6.118  -13.425 16.384  1.00 28.03 ? 40  HIS A CD2  1 
ATOM   302  C CE1  . HIS A 1 39  ? -5.140  -13.389 14.460  1.00 28.14 ? 40  HIS A CE1  1 
ATOM   303  N NE2  . HIS A 1 39  ? -5.574  -14.159 15.431  1.00 28.77 ? 40  HIS A NE2  1 
ATOM   304  H H    . HIS A 1 39  ? -9.080  -10.848 15.429  1.00 0.00  ? 40  HIS A H    1 
ATOM   305  H HD1  . HIS A 1 39  ? -5.220  -11.364 14.198  1.00 0.00  ? 40  HIS A HD1  1 
ATOM   306  H HE2  . HIS A 1 39  ? -5.549  -15.153 15.390  1.00 0.00  ? 40  HIS A HE2  1 
ATOM   307  N N    . LYS A 1 40  ? -9.672  -9.383  17.821  1.00 28.18 ? 41  LYS A N    1 
ATOM   308  C CA   . LYS A 1 40  ? -10.259 -8.220  18.512  1.00 29.19 ? 41  LYS A CA   1 
ATOM   309  C C    . LYS A 1 40  ? -9.505  -6.908  18.501  1.00 28.43 ? 41  LYS A C    1 
ATOM   310  O O    . LYS A 1 40  ? -9.729  -6.026  19.332  1.00 34.13 ? 41  LYS A O    1 
ATOM   311  C CB   . LYS A 1 40  ? -10.601 -8.593  19.967  1.00 35.35 ? 41  LYS A CB   1 
ATOM   312  C CG   . LYS A 1 40  ? -11.792 -9.558  19.918  1.00 37.10 ? 41  LYS A CG   1 
ATOM   313  C CD   . LYS A 1 40  ? -13.060 -8.780  19.516  1.00 40.23 ? 41  LYS A CD   1 
ATOM   314  C CE   . LYS A 1 40  ? -14.213 -9.589  18.823  1.00 42.71 ? 41  LYS A CE   1 
ATOM   315  N NZ   . LYS A 1 40  ? -14.077 -9.670  17.365  1.00 42.73 ? 41  LYS A NZ   1 
ATOM   316  H H    . LYS A 1 40  ? -10.211 -9.794  17.116  1.00 0.00  ? 41  LYS A H    1 
ATOM   317  H HZ1  . LYS A 1 40  ? -13.715 -8.776  16.984  1.00 0.00  ? 41  LYS A HZ1  1 
ATOM   318  H HZ2  . LYS A 1 40  ? -13.392 -10.414 17.104  1.00 0.00  ? 41  LYS A HZ2  1 
ATOM   319  H HZ3  . LYS A 1 40  ? -14.992 -9.854  16.894  1.00 0.00  ? 41  LYS A HZ3  1 
ATOM   320  N N    . LEU A 1 41  ? -8.718  -6.708  17.438  1.00 27.92 ? 42  LEU A N    1 
ATOM   321  C CA   . LEU A 1 41  ? -8.065  -5.429  17.222  1.00 26.61 ? 42  LEU A CA   1 
ATOM   322  C C    . LEU A 1 41  ? -9.035  -4.689  16.288  1.00 27.25 ? 42  LEU A C    1 
ATOM   323  O O    . LEU A 1 41  ? -9.045  -4.907  15.073  1.00 23.41 ? 42  LEU A O    1 
ATOM   324  C CB   . LEU A 1 41  ? -6.673  -5.664  16.575  1.00 21.88 ? 42  LEU A CB   1 
ATOM   325  C CG   . LEU A 1 41  ? -5.594  -6.384  17.426  1.00 21.58 ? 42  LEU A CG   1 
ATOM   326  C CD1  . LEU A 1 41  ? -4.275  -6.372  16.703  1.00 18.56 ? 42  LEU A CD1  1 
ATOM   327  C CD2  . LEU A 1 41  ? -5.398  -5.670  18.766  1.00 22.09 ? 42  LEU A CD2  1 
ATOM   328  H H    . LEU A 1 41  ? -8.651  -7.390  16.738  1.00 0.00  ? 42  LEU A H    1 
ATOM   329  N N    . CYS A 1 42  ? -9.892  -3.835  16.841  1.00 35.27 ? 43  CYS A N    1 
ATOM   330  C CA   . CYS A 1 42  ? -11.008 -3.260  16.106  1.00 36.24 ? 43  CYS A CA   1 
ATOM   331  C C    . CYS A 1 42  ? -11.011 -1.732  16.106  1.00 37.44 ? 43  CYS A C    1 
ATOM   332  O O    . CYS A 1 42  ? -12.010 -1.117  15.712  1.00 28.95 ? 43  CYS A O    1 
ATOM   333  C CB   . CYS A 1 42  ? -12.322 -3.738  16.708  1.00 26.89 ? 43  CYS A CB   1 
ATOM   334  S SG   . CYS A 1 42  ? -12.557 -5.537  16.829  1.00 28.76 ? 43  CYS A SG   1 
ATOM   335  H H    . CYS A 1 42  ? -9.722  -3.528  17.748  1.00 0.00  ? 43  CYS A H    1 
ATOM   336  N N    . HIS A 1 43  ? -9.963  -1.052  16.590  1.00 24.18 ? 44  HIS A N    1 
ATOM   337  C CA   . HIS A 1 43  ? -9.921  0.423   16.574  1.00 25.07 ? 44  HIS A CA   1 
ATOM   338  C C    . HIS A 1 43  ? -8.613  0.934   15.977  1.00 24.44 ? 44  HIS A C    1 
ATOM   339  O O    . HIS A 1 43  ? -7.653  1.199   16.725  1.00 33.58 ? 44  HIS A O    1 
ATOM   340  C CB   . HIS A 1 43  ? -10.021 0.961   17.960  1.00 36.49 ? 44  HIS A CB   1 
ATOM   341  C CG   . HIS A 1 43  ? -11.208 0.421   18.695  1.00 40.21 ? 44  HIS A CG   1 
ATOM   342  N ND1  . HIS A 1 43  ? -11.219 -0.637  19.502  1.00 42.23 ? 44  HIS A ND1  1 
ATOM   343  C CD2  . HIS A 1 43  ? -12.474 0.933   18.620  1.00 40.65 ? 44  HIS A CD2  1 
ATOM   344  C CE1  . HIS A 1 43  ? -12.452 -0.792  19.926  1.00 42.57 ? 44  HIS A CE1  1 
ATOM   345  N NE2  . HIS A 1 43  ? -13.203 0.162   19.390  1.00 42.62 ? 44  HIS A NE2  1 
ATOM   346  H H    . HIS A 1 43  ? -9.176  -1.539  16.907  1.00 0.00  ? 44  HIS A H    1 
ATOM   347  H HD1  . HIS A 1 43  ? -10.428 -1.126  19.820  1.00 0.00  ? 44  HIS A HD1  1 
ATOM   348  H HE2  . HIS A 1 43  ? -14.160 0.287   19.538  1.00 0.00  ? 44  HIS A HE2  1 
ATOM   349  N N    . PRO A 1 44  ? -8.465  1.058   14.645  1.00 33.51 ? 45  PRO A N    1 
ATOM   350  C CA   . PRO A 1 44  ? -7.215  1.472   13.987  1.00 33.79 ? 45  PRO A CA   1 
ATOM   351  C C    . PRO A 1 44  ? -6.739  2.848   14.414  1.00 33.81 ? 45  PRO A C    1 
ATOM   352  O O    . PRO A 1 44  ? -5.526  3.059   14.440  1.00 28.64 ? 45  PRO A O    1 
ATOM   353  C CB   . PRO A 1 44  ? -7.499  1.400   12.512  1.00 28.08 ? 45  PRO A CB   1 
ATOM   354  C CG   . PRO A 1 44  ? -8.999  1.479   12.466  1.00 28.87 ? 45  PRO A CG   1 
ATOM   355  C CD   . PRO A 1 44  ? -9.437  0.637   13.647  1.00 28.40 ? 45  PRO A CD   1 
ATOM   356  N N    . GLU A 1 45  ? -7.646  3.786   14.782  1.00 22.82 ? 46  GLU A N    1 
ATOM   357  C CA   . GLU A 1 45  ? -7.239  5.097   15.301  1.00 22.96 ? 46  GLU A CA   1 
ATOM   358  C C    . GLU A 1 45  ? -6.483  5.001   16.613  1.00 23.10 ? 46  GLU A C    1 
ATOM   359  O O    . GLU A 1 45  ? -5.574  5.793   16.860  1.00 30.49 ? 46  GLU A O    1 
ATOM   360  C CB   . GLU A 1 45  ? -8.440  6.020   15.561  1.00 31.28 ? 46  GLU A CB   1 
ATOM   361  H H    . GLU A 1 45  ? -8.591  3.650   14.558  1.00 0.00  ? 46  GLU A H    1 
ATOM   362  N N    . GLU A 1 46  ? -6.823  4.029   17.467  1.00 30.46 ? 47  GLU A N    1 
ATOM   363  C CA   . GLU A 1 46  ? -6.090  3.829   18.698  1.00 31.26 ? 47  GLU A CA   1 
ATOM   364  C C    . GLU A 1 46  ? -4.714  3.292   18.376  1.00 30.90 ? 47  GLU A C    1 
ATOM   365  O O    . GLU A 1 46  ? -3.703  3.801   18.846  1.00 33.66 ? 47  GLU A O    1 
ATOM   366  C CB   . GLU A 1 46  ? -6.827  2.846   19.573  1.00 35.98 ? 47  GLU A CB   1 
ATOM   367  C CG   . GLU A 1 46  ? -8.003  3.479   20.320  1.00 38.97 ? 47  GLU A CG   1 
ATOM   368  C CD   . GLU A 1 46  ? -9.104  2.496   20.716  1.00 40.24 ? 47  GLU A CD   1 
ATOM   369  O OE1  . GLU A 1 46  ? -8.834  1.372   21.153  1.00 39.17 ? 47  GLU A OE1  1 
ATOM   370  O OE2  . GLU A 1 46  ? -10.264 2.846   20.509  1.00 43.28 ? 47  GLU A OE2  1 
ATOM   371  H H    . GLU A 1 46  ? -7.549  3.403   17.266  1.00 0.00  ? 47  GLU A H    1 
ATOM   372  N N    . LEU A 1 47  ? -4.643  2.282   17.512  1.00 29.23 ? 48  LEU A N    1 
ATOM   373  C CA   . LEU A 1 47  ? -3.362  1.696   17.152  1.00 28.55 ? 48  LEU A CA   1 
ATOM   374  C C    . LEU A 1 47  ? -2.417  2.614   16.364  1.00 27.82 ? 48  LEU A C    1 
ATOM   375  O O    . LEU A 1 47  ? -1.190  2.513   16.513  1.00 26.78 ? 48  LEU A O    1 
ATOM   376  C CB   . LEU A 1 47  ? -3.636  0.410   16.377  1.00 28.68 ? 48  LEU A CB   1 
ATOM   377  C CG   . LEU A 1 47  ? -3.617  -0.919  17.161  1.00 30.07 ? 48  LEU A CG   1 
ATOM   378  C CD1  . LEU A 1 47  ? -4.295  -0.810  18.490  1.00 31.03 ? 48  LEU A CD1  1 
ATOM   379  C CD2  . LEU A 1 47  ? -4.368  -1.955  16.373  1.00 30.63 ? 48  LEU A CD2  1 
ATOM   380  H H    . LEU A 1 47  ? -5.467  1.941   17.109  1.00 0.00  ? 48  LEU A H    1 
ATOM   381  N N    . MET A 1 48  ? -2.930  3.579   15.579  1.00 24.47 ? 49  MET A N    1 
ATOM   382  C CA   . MET A 1 48  ? -2.082  4.469   14.796  1.00 24.73 ? 49  MET A CA   1 
ATOM   383  C C    . MET A 1 48  ? -1.066  5.196   15.632  1.00 23.28 ? 49  MET A C    1 
ATOM   384  O O    . MET A 1 48  ? 0.056   5.426   15.177  1.00 26.70 ? 49  MET A O    1 
ATOM   385  C CB   . MET A 1 48  ? -2.895  5.522   14.045  1.00 31.55 ? 49  MET A CB   1 
ATOM   386  C CG   . MET A 1 48  ? -3.645  4.996   12.815  1.00 34.96 ? 49  MET A CG   1 
ATOM   387  S SD   . MET A 1 48  ? -2.684  4.140   11.519  1.00 40.24 ? 49  MET A SD   1 
ATOM   388  C CE   . MET A 1 48  ? -1.336  5.264   11.229  1.00 36.36 ? 49  MET A CE   1 
ATOM   389  H H    . MET A 1 48  ? -3.902  3.673   15.516  1.00 0.00  ? 49  MET A H    1 
ATOM   390  N N    . LEU A 1 49  ? -1.385  5.435   16.916  1.00 22.94 ? 50  LEU A N    1 
ATOM   391  C CA   . LEU A 1 49  ? -0.477  6.146   17.782  1.00 22.33 ? 50  LEU A CA   1 
ATOM   392  C C    . LEU A 1 49  ? 0.802   5.348   17.998  1.00 22.27 ? 50  LEU A C    1 
ATOM   393  O O    . LEU A 1 49  ? 1.867   5.900   18.231  1.00 27.14 ? 50  LEU A O    1 
ATOM   394  C CB   . LEU A 1 49  ? -1.180  6.452   19.125  1.00 29.32 ? 50  LEU A CB   1 
ATOM   395  C CG   . LEU A 1 49  ? -2.322  7.536   19.228  1.00 31.98 ? 50  LEU A CG   1 
ATOM   396  C CD1  . LEU A 1 49  ? -2.169  8.710   18.246  1.00 30.05 ? 50  LEU A CD1  1 
ATOM   397  C CD2  . LEU A 1 49  ? -3.622  6.873   18.890  1.00 34.41 ? 50  LEU A CD2  1 
ATOM   398  H H    . LEU A 1 49  ? -2.230  5.100   17.282  1.00 0.00  ? 50  LEU A H    1 
ATOM   399  N N    . LEU A 1 50  ? 0.794   4.043   17.748  1.00 29.31 ? 51  LEU A N    1 
ATOM   400  C CA   . LEU A 1 50  ? 2.007   3.246   17.959  1.00 29.24 ? 51  LEU A CA   1 
ATOM   401  C C    . LEU A 1 50  ? 2.945   3.071   16.754  1.00 28.60 ? 51  LEU A C    1 
ATOM   402  O O    . LEU A 1 50  ? 3.960   2.364   16.873  1.00 23.00 ? 51  LEU A O    1 
ATOM   403  C CB   . LEU A 1 50  ? 1.594   1.875   18.501  1.00 22.66 ? 51  LEU A CB   1 
ATOM   404  C CG   . LEU A 1 50  ? 0.601   1.876   19.720  1.00 22.68 ? 51  LEU A CG   1 
ATOM   405  C CD1  . LEU A 1 50  ? 0.649   0.464   20.274  1.00 27.45 ? 51  LEU A CD1  1 
ATOM   406  C CD2  . LEU A 1 50  ? 0.968   2.819   20.875  1.00 20.31 ? 51  LEU A CD2  1 
ATOM   407  H H    . LEU A 1 50  ? -0.024  3.612   17.443  1.00 0.00  ? 51  LEU A H    1 
ATOM   408  N N    . ARG A 1 51  ? 2.713   3.722   15.593  1.00 18.22 ? 52  ARG A N    1 
ATOM   409  C CA   . ARG A 1 51  ? 3.569   3.517   14.413  1.00 19.40 ? 52  ARG A CA   1 
ATOM   410  C C    . ARG A 1 51  ? 5.030   3.768   14.645  1.00 18.75 ? 52  ARG A C    1 
ATOM   411  O O    . ARG A 1 51  ? 5.861   2.979   14.206  1.00 30.43 ? 52  ARG A O    1 
ATOM   412  C CB   . ARG A 1 51  ? 3.208   4.418   13.246  1.00 32.65 ? 52  ARG A CB   1 
ATOM   413  H H    . ARG A 1 51  ? 1.932   4.314   15.517  1.00 0.00  ? 52  ARG A H    1 
ATOM   414  N N    . HIS A 1 52  ? 5.371   4.865   15.336  1.00 20.80 ? 53  HIS A N    1 
ATOM   415  C CA   . HIS A 1 52  ? 6.778   5.210   15.544  1.00 22.58 ? 53  HIS A CA   1 
ATOM   416  C C    . HIS A 1 52  ? 7.444   4.210   16.467  1.00 20.90 ? 53  HIS A C    1 
ATOM   417  O O    . HIS A 1 52  ? 8.577   3.821   16.195  1.00 37.74 ? 53  HIS A O    1 
ATOM   418  C CB   . HIS A 1 52  ? 6.920   6.605   16.137  1.00 43.72 ? 53  HIS A CB   1 
ATOM   419  C CG   . HIS A 1 52  ? 8.386   7.032   16.305  1.00 49.61 ? 53  HIS A CG   1 
ATOM   420  N ND1  . HIS A 1 52  ? 9.345   7.011   15.371  1.00 52.20 ? 53  HIS A ND1  1 
ATOM   421  C CD2  . HIS A 1 52  ? 8.946   7.524   17.480  1.00 51.24 ? 53  HIS A CD2  1 
ATOM   422  C CE1  . HIS A 1 52  ? 10.449  7.477   15.936  1.00 53.10 ? 53  HIS A CE1  1 
ATOM   423  N NE2  . HIS A 1 52  ? 10.202  7.778   17.196  1.00 52.20 ? 53  HIS A NE2  1 
ATOM   424  H H    . HIS A 1 52  ? 4.671   5.419   15.735  1.00 0.00  ? 53  HIS A H    1 
ATOM   425  H HD1  . HIS A 1 52  ? 9.364   6.452   14.555  1.00 0.00  ? 53  HIS A HD1  1 
ATOM   426  H HE2  . HIS A 1 52  ? 10.891  8.119   17.814  1.00 0.00  ? 53  HIS A HE2  1 
ATOM   427  N N    . SER A 1 53  ? 6.737   3.772   17.528  1.00 22.09 ? 54  SER A N    1 
ATOM   428  C CA   . SER A 1 53  ? 7.215   2.724   18.433  1.00 22.00 ? 54  SER A CA   1 
ATOM   429  C C    . SER A 1 53  ? 7.516   1.415   17.731  1.00 20.68 ? 54  SER A C    1 
ATOM   430  O O    . SER A 1 53  ? 8.404   0.681   18.129  1.00 25.09 ? 54  SER A O    1 
ATOM   431  C CB   . SER A 1 53  ? 6.172   2.464   19.498  1.00 28.01 ? 54  SER A CB   1 
ATOM   432  O OG   . SER A 1 53  ? 5.956   3.664   20.210  1.00 32.10 ? 54  SER A OG   1 
ATOM   433  H H    . SER A 1 53  ? 5.858   4.161   17.728  1.00 0.00  ? 54  SER A H    1 
ATOM   434  H HG   . SER A 1 53  ? 5.627   4.340   19.602  1.00 0.00  ? 54  SER A HG   1 
ATOM   435  N N    . LEU A 1 54  ? 6.722   1.082   16.715  1.00 23.68 ? 55  LEU A N    1 
ATOM   436  C CA   . LEU A 1 54  ? 6.965   -0.122  15.936  1.00 23.45 ? 55  LEU A CA   1 
ATOM   437  C C    . LEU A 1 54  ? 7.922   0.114   14.745  1.00 23.95 ? 55  LEU A C    1 
ATOM   438  O O    . LEU A 1 54  ? 8.359   -0.821  14.075  1.00 25.58 ? 55  LEU A O    1 
ATOM   439  C CB   . LEU A 1 54  ? 5.637   -0.619  15.470  1.00 23.16 ? 55  LEU A CB   1 
ATOM   440  C CG   . LEU A 1 54  ? 4.664   -1.075  16.532  1.00 23.47 ? 55  LEU A CG   1 
ATOM   441  C CD1  . LEU A 1 54  ? 3.233   -1.034  16.004  1.00 25.47 ? 55  LEU A CD1  1 
ATOM   442  C CD2  . LEU A 1 54  ? 5.048   -2.471  16.962  1.00 24.33 ? 55  LEU A CD2  1 
ATOM   443  H H    . LEU A 1 54  ? 5.911   1.603   16.543  1.00 0.00  ? 55  LEU A H    1 
ATOM   444  N N    . GLY A 1 55  ? 8.279   1.357   14.449  1.00 19.64 ? 56  GLY A N    1 
ATOM   445  C CA   . GLY A 1 55  ? 9.212   1.668   13.382  1.00 20.29 ? 56  GLY A CA   1 
ATOM   446  C C    . GLY A 1 55  ? 8.600   1.576   11.993  1.00 19.35 ? 56  GLY A C    1 
ATOM   447  O O    . GLY A 1 55  ? 9.348   1.397   11.026  1.00 28.93 ? 56  GLY A O    1 
ATOM   448  H H    . GLY A 1 55  ? 7.893   2.083   14.971  1.00 0.00  ? 56  GLY A H    1 
ATOM   449  N N    . ILE A 1 56  ? 7.268   1.716   11.832  1.00 20.56 ? 57  ILE A N    1 
ATOM   450  C CA   . ILE A 1 56  ? 6.645   1.566   10.509  1.00 20.02 ? 57  ILE A CA   1 
ATOM   451  C C    . ILE A 1 56  ? 6.804   2.881   9.737   1.00 19.62 ? 57  ILE A C    1 
ATOM   452  O O    . ILE A 1 56  ? 6.401   3.949   10.217  1.00 21.20 ? 57  ILE A O    1 
ATOM   453  C CB   . ILE A 1 56  ? 5.135   1.197   10.671  1.00 21.89 ? 57  ILE A CB   1 
ATOM   454  C CG1  . ILE A 1 56  ? 5.072   -0.137  11.382  1.00 21.39 ? 57  ILE A CG1  1 
ATOM   455  C CG2  . ILE A 1 56  ? 4.386   1.144   9.301   1.00 21.16 ? 57  ILE A CG2  1 
ATOM   456  C CD1  . ILE A 1 56  ? 3.673   -0.463  11.870  1.00 22.85 ? 57  ILE A CD1  1 
ATOM   457  H H    . ILE A 1 56  ? 6.730   2.020   12.593  1.00 0.00  ? 57  ILE A H    1 
ATOM   458  N N    . PRO A 1 57  ? 7.475   2.852   8.590   1.00 18.84 ? 58  PRO A N    1 
ATOM   459  C CA   . PRO A 1 57  ? 7.786   4.040   7.798   1.00 18.94 ? 58  PRO A CA   1 
ATOM   460  C C    . PRO A 1 57  ? 6.586   4.457   6.933   1.00 20.71 ? 58  PRO A C    1 
ATOM   461  O O    . PRO A 1 57  ? 5.596   3.730   6.848   1.00 25.64 ? 58  PRO A O    1 
ATOM   462  C CB   . PRO A 1 57  ? 8.961   3.594   7.025   1.00 23.27 ? 58  PRO A CB   1 
ATOM   463  C CG   . PRO A 1 57  ? 8.631   2.167   6.690   1.00 24.44 ? 58  PRO A CG   1 
ATOM   464  C CD   . PRO A 1 57  ? 7.977   1.634   7.961   1.00 23.85 ? 58  PRO A CD   1 
ATOM   465  N N    . GLN A 1 58  ? 6.605   5.636   6.326   1.00 31.20 ? 59  GLN A N    1 
ATOM   466  C CA   . GLN A 1 58  ? 5.554   6.049   5.401   1.00 31.63 ? 59  GLN A CA   1 
ATOM   467  C C    . GLN A 1 58  ? 6.255   6.288   4.041   1.00 31.80 ? 59  GLN A C    1 
ATOM   468  O O    . GLN A 1 58  ? 7.431   6.684   4.020   1.00 27.58 ? 59  GLN A O    1 
ATOM   469  C CB   . GLN A 1 58  ? 4.913   7.354   5.883   1.00 28.65 ? 59  GLN A CB   1 
ATOM   470  H H    . GLN A 1 58  ? 7.375   6.233   6.425   1.00 0.00  ? 59  GLN A H    1 
ATOM   471  N N    . ALA A 1 59  ? 5.602   6.019   2.900   1.00 24.96 ? 60  ALA A N    1 
ATOM   472  C CA   . ALA A 1 59  ? 6.230   6.195   1.585   1.00 24.77 ? 60  ALA A CA   1 
ATOM   473  C C    . ALA A 1 59  ? 5.970   7.620   1.083   1.00 24.64 ? 60  ALA A C    1 
ATOM   474  O O    . ALA A 1 59  ? 4.805   8.035   1.135   1.00 22.35 ? 60  ALA A O    1 
ATOM   475  C CB   . ALA A 1 59  ? 5.629   5.217   0.582   1.00 22.12 ? 60  ALA A CB   1 
ATOM   476  H H    . ALA A 1 59  ? 4.652   5.769   2.945   1.00 0.00  ? 60  ALA A H    1 
ATOM   477  N N    . PRO A 1 60  ? 6.949   8.431   0.646   1.00 22.68 ? 61  PRO A N    1 
ATOM   478  C CA   . PRO A 1 60  ? 6.726   9.805   0.191   1.00 23.10 ? 61  PRO A CA   1 
ATOM   479  C C    . PRO A 1 60  ? 6.053   9.899   -1.177  1.00 23.05 ? 61  PRO A C    1 
ATOM   480  O O    . PRO A 1 60  ? 6.365   9.145   -2.111  1.00 26.79 ? 61  PRO A O    1 
ATOM   481  C CB   . PRO A 1 60  ? 8.098   10.417  0.205   1.00 27.06 ? 61  PRO A CB   1 
ATOM   482  C CG   . PRO A 1 60  ? 9.025   9.275   -0.114  1.00 26.19 ? 61  PRO A CG   1 
ATOM   483  C CD   . PRO A 1 60  ? 8.370   8.071   0.574   1.00 25.83 ? 61  PRO A CD   1 
ATOM   484  N N    . LEU A 1 61  ? 5.148   10.857  -1.329  1.00 24.30 ? 62  LEU A N    1 
ATOM   485  C CA   . LEU A 1 61  ? 4.462   11.072  -2.586  1.00 23.65 ? 62  LEU A CA   1 
ATOM   486  C C    . LEU A 1 61  ? 4.448   12.567  -2.938  1.00 23.58 ? 62  LEU A C    1 
ATOM   487  O O    . LEU A 1 61  ? 3.513   13.079  -3.564  1.00 22.96 ? 62  LEU A O    1 
ATOM   488  C CB   . LEU A 1 61  ? 3.037   10.553  -2.479  1.00 24.23 ? 62  LEU A CB   1 
ATOM   489  C CG   . LEU A 1 61  ? 2.787   9.077   -2.526  1.00 23.82 ? 62  LEU A CG   1 
ATOM   490  C CD1  . LEU A 1 61  ? 1.300   8.887   -2.354  1.00 25.97 ? 62  LEU A CD1  1 
ATOM   491  C CD2  . LEU A 1 61  ? 3.259   8.459   -3.835  1.00 24.10 ? 62  LEU A CD2  1 
ATOM   492  H H    . LEU A 1 61  ? 4.995   11.481  -0.591  1.00 0.00  ? 62  LEU A H    1 
ATOM   493  N N    . SER A 1 62  ? 5.490   13.301  -2.573  1.00 27.06 ? 63  SER A N    1 
ATOM   494  C CA   . SER A 1 62  ? 5.547   14.732  -2.822  1.00 28.27 ? 63  SER A CA   1 
ATOM   495  C C    . SER A 1 62  ? 5.416   15.075  -4.309  1.00 27.93 ? 63  SER A C    1 
ATOM   496  O O    . SER A 1 62  ? 4.740   16.032  -4.665  1.00 26.31 ? 63  SER A O    1 
ATOM   497  C CB   . SER A 1 62  ? 6.854   15.274  -2.240  1.00 26.93 ? 63  SER A CB   1 
ATOM   498  O OG   . SER A 1 62  ? 7.949   14.345  -2.344  1.00 31.49 ? 63  SER A OG   1 
ATOM   499  H H    . SER A 1 62  ? 6.291   12.863  -2.222  1.00 0.00  ? 63  SER A H    1 
ATOM   500  H HG   . SER A 1 62  ? 8.725   14.751  -1.924  1.00 0.00  ? 63  SER A HG   1 
ATOM   501  N N    . SER A 1 63  ? 5.896   14.204  -5.210  1.00 25.11 ? 64  SER A N    1 
ATOM   502  C CA   . SER A 1 63  ? 5.794   14.465  -6.631  1.00 24.43 ? 64  SER A CA   1 
ATOM   503  C C    . SER A 1 63  ? 4.434   14.232  -7.189  1.00 23.83 ? 64  SER A C    1 
ATOM   504  O O    . SER A 1 63  ? 4.206   14.463  -8.377  1.00 24.20 ? 64  SER A O    1 
ATOM   505  C CB   . SER A 1 63  ? 6.734   13.612  -7.384  1.00 26.06 ? 64  SER A CB   1 
ATOM   506  O OG   . SER A 1 63  ? 8.062   14.041  -7.200  1.00 27.88 ? 64  SER A OG   1 
ATOM   507  H H    . SER A 1 63  ? 6.358   13.386  -4.919  1.00 0.00  ? 64  SER A H    1 
ATOM   508  H HG   . SER A 1 63  ? 8.071   14.879  -6.729  1.00 0.00  ? 64  SER A HG   1 
ATOM   509  N N    . CYS A 1 64  ? 3.522   13.705  -6.395  1.00 19.70 ? 65  CYS A N    1 
ATOM   510  C CA   . CYS A 1 64  ? 2.182   13.539  -6.890  1.00 19.02 ? 65  CYS A CA   1 
ATOM   511  C C    . CYS A 1 64  ? 1.308   14.652  -6.346  1.00 19.64 ? 65  CYS A C    1 
ATOM   512  O O    . CYS A 1 64  ? 0.105   14.694  -6.670  1.00 22.63 ? 65  CYS A O    1 
ATOM   513  C CB   . CYS A 1 64  ? 1.578   12.171  -6.481  1.00 21.01 ? 65  CYS A CB   1 
ATOM   514  S SG   . CYS A 1 64  ? 2.469   10.693  -7.053  1.00 18.84 ? 65  CYS A SG   1 
ATOM   515  H H    . CYS A 1 64  ? 3.745   13.447  -5.480  1.00 0.00  ? 65  CYS A H    1 
ATOM   516  N N    . SER A 1 65  ? 1.837   15.589  -5.515  1.00 23.65 ? 66  SER A N    1 
ATOM   517  C CA   . SER A 1 65  ? 0.941   16.629  -5.021  1.00 26.36 ? 66  SER A CA   1 
ATOM   518  C C    . SER A 1 65  ? 0.780   17.701  -6.098  1.00 27.16 ? 66  SER A C    1 
ATOM   519  O O    . SER A 1 65  ? 1.720   17.941  -6.858  1.00 32.34 ? 66  SER A O    1 
ATOM   520  C CB   . SER A 1 65  ? 1.462   17.246  -3.696  1.00 32.09 ? 66  SER A CB   1 
ATOM   521  O OG   . SER A 1 65  ? 2.671   17.992  -3.787  1.00 34.55 ? 66  SER A OG   1 
ATOM   522  H H    . SER A 1 65  ? 2.805   15.677  -5.355  1.00 0.00  ? 66  SER A H    1 
ATOM   523  H HG   . SER A 1 65  ? 2.524   18.806  -4.266  1.00 0.00  ? 66  SER A HG   1 
ATOM   524  N N    . SER A 1 66  ? -0.360  18.378  -6.204  1.00 27.01 ? 67  SER A N    1 
ATOM   525  C CA   . SER A 1 66  ? -0.577  19.435  -7.218  1.00 29.03 ? 67  SER A CA   1 
ATOM   526  C C    . SER A 1 66  ? 0.502   20.523  -7.228  1.00 29.05 ? 67  SER A C    1 
ATOM   527  O O    . SER A 1 66  ? 0.857   21.080  -8.264  1.00 39.92 ? 67  SER A O    1 
ATOM   528  C CB   . SER A 1 66  ? -1.903  20.124  -6.978  1.00 38.75 ? 67  SER A CB   1 
ATOM   529  O OG   . SER A 1 66  ? -1.848  20.803  -5.723  1.00 41.30 ? 67  SER A OG   1 
ATOM   530  H H    . SER A 1 66  ? -1.099  18.131  -5.605  1.00 0.00  ? 67  SER A H    1 
ATOM   531  H HG   . SER A 1 66  ? -2.214  20.220  -5.037  1.00 0.00  ? 67  SER A HG   1 
ATOM   532  N N    . GLN A 1 67  ? 0.974   20.884  -6.031  1.00 28.34 ? 68  GLN A N    1 
ATOM   533  C CA   . GLN A 1 67  ? 2.037   21.863  -5.876  1.00 28.85 ? 68  GLN A CA   1 
ATOM   534  C C    . GLN A 1 67  ? 3.346   21.474  -6.572  1.00 29.48 ? 68  GLN A C    1 
ATOM   535  O O    . GLN A 1 67  ? 4.001   22.362  -7.134  1.00 43.11 ? 68  GLN A O    1 
ATOM   536  C CB   . GLN A 1 67  ? 2.329   22.081  -4.391  1.00 40.02 ? 68  GLN A CB   1 
ATOM   537  H H    . GLN A 1 67  ? 0.477   20.579  -5.247  1.00 0.00  ? 68  GLN A H    1 
ATOM   538  N N    . SER A 1 68  ? 3.750   20.195  -6.613  1.00 32.64 ? 69  SER A N    1 
ATOM   539  C CA   . SER A 1 68  ? 5.028   19.843  -7.192  1.00 32.36 ? 69  SER A CA   1 
ATOM   540  C C    . SER A 1 68  ? 4.945   18.545  -7.996  1.00 30.93 ? 69  SER A C    1 
ATOM   541  O O    . SER A 1 68  ? 5.883   17.727  -8.080  1.00 32.75 ? 69  SER A O    1 
ATOM   542  C CB   . SER A 1 68  ? 6.124   19.756  -6.060  1.00 36.58 ? 69  SER A CB   1 
ATOM   543  O OG   . SER A 1 68  ? 5.987   18.787  -5.010  1.00 38.51 ? 69  SER A OG   1 
ATOM   544  H H    . SER A 1 68  ? 3.158   19.454  -6.366  1.00 0.00  ? 69  SER A H    1 
ATOM   545  H HG   . SER A 1 68  ? 5.619   19.162  -4.196  1.00 0.00  ? 69  SER A HG   1 
ATOM   546  N N    . LEU A 1 69  ? 3.815   18.483  -8.703  1.00 25.23 ? 70  LEU A N    1 
ATOM   547  C CA   . LEU A 1 69  ? 3.473   17.386  -9.588  1.00 23.85 ? 70  LEU A CA   1 
ATOM   548  C C    . LEU A 1 69  ? 4.507   17.155  -10.676 1.00 23.70 ? 70  LEU A C    1 
ATOM   549  O O    . LEU A 1 69  ? 4.938   18.092  -11.367 1.00 26.62 ? 70  LEU A O    1 
ATOM   550  C CB   . LEU A 1 69  ? 2.148   17.695  -10.217 1.00 27.97 ? 70  LEU A CB   1 
ATOM   551  C CG   . LEU A 1 69  ? 1.467   16.625  -10.987 1.00 28.81 ? 70  LEU A CG   1 
ATOM   552  C CD1  . LEU A 1 69  ? 1.252   15.406  -10.100 1.00 28.89 ? 70  LEU A CD1  1 
ATOM   553  C CD2  . LEU A 1 69  ? 0.152   17.175  -11.514 1.00 28.93 ? 70  LEU A CD2  1 
ATOM   554  H H    . LEU A 1 69  ? 3.191   19.231  -8.650  1.00 0.00  ? 70  LEU A H    1 
ATOM   555  N N    . GLN A 1 70  ? 4.956   15.926  -10.831 1.00 22.35 ? 71  GLN A N    1 
ATOM   556  C CA   . GLN A 1 70  ? 5.892   15.587  -11.874 1.00 23.19 ? 71  GLN A CA   1 
ATOM   557  C C    . GLN A 1 70  ? 5.493   14.216  -12.312 1.00 22.36 ? 71  GLN A C    1 
ATOM   558  O O    . GLN A 1 70  ? 5.283   13.359  -11.465 1.00 31.40 ? 71  GLN A O    1 
ATOM   559  C CB   . GLN A 1 70  ? 7.271   15.483  -11.385 1.00 35.31 ? 71  GLN A CB   1 
ATOM   560  C CG   . GLN A 1 70  ? 7.948   16.782  -11.441 1.00 41.64 ? 71  GLN A CG   1 
ATOM   561  C CD   . GLN A 1 70  ? 9.277   16.629  -10.776 1.00 47.04 ? 71  GLN A CD   1 
ATOM   562  O OE1  . GLN A 1 70  ? 10.319  16.367  -11.408 1.00 48.59 ? 71  GLN A OE1  1 
ATOM   563  N NE2  . GLN A 1 70  ? 9.241   16.717  -9.445  1.00 49.48 ? 71  GLN A NE2  1 
ATOM   564  H H    . GLN A 1 70  ? 4.640   15.220  -10.221 1.00 0.00  ? 71  GLN A H    1 
ATOM   565  H HE21 . GLN A 1 70  ? 10.072  16.569  -8.952  1.00 0.00  ? 71  GLN A HE21 1 
ATOM   566  H HE22 . GLN A 1 70  ? 8.374   16.912  -9.022  1.00 0.00  ? 71  GLN A HE22 1 
ATOM   567  N N    . LEU A 1 71  ? 5.476   13.960  -13.627 1.00 33.54 ? 72  LEU A N    1 
ATOM   568  C CA   . LEU A 1 71  ? 5.036   12.671  -14.145 1.00 32.75 ? 72  LEU A CA   1 
ATOM   569  C C    . LEU A 1 71  ? 5.981   11.551  -13.767 1.00 31.59 ? 72  LEU A C    1 
ATOM   570  O O    . LEU A 1 71  ? 5.540   10.574  -13.157 1.00 24.54 ? 72  LEU A O    1 
ATOM   571  C CB   . LEU A 1 71  ? 4.910   12.721  -15.668 1.00 26.45 ? 72  LEU A CB   1 
ATOM   572  C CG   . LEU A 1 71  ? 4.548   11.439  -16.405 1.00 25.40 ? 72  LEU A CG   1 
ATOM   573  C CD1  . LEU A 1 71  ? 3.087   11.032  -16.156 1.00 26.55 ? 72  LEU A CD1  1 
ATOM   574  C CD2  . LEU A 1 71  ? 4.787   11.678  -17.865 1.00 26.71 ? 72  LEU A CD2  1 
ATOM   575  H H    . LEU A 1 71  ? 5.840   14.619  -14.247 1.00 0.00  ? 72  LEU A H    1 
ATOM   576  N N    . ARG A 1 72  ? 7.279   11.685  -14.065 1.00 23.78 ? 73  ARG A N    1 
ATOM   577  C CA   . ARG A 1 72  ? 8.196   10.613  -13.751 1.00 23.40 ? 73  ARG A CA   1 
ATOM   578  C C    . ARG A 1 72  ? 8.266   10.467  -12.235 1.00 23.02 ? 73  ARG A C    1 
ATOM   579  O O    . ARG A 1 72  ? 8.124   9.365   -11.713 1.00 25.79 ? 73  ARG A O    1 
ATOM   580  C CB   . ARG A 1 72  ? 9.589   10.900  -14.299 1.00 24.47 ? 73  ARG A CB   1 
ATOM   581  C CG   . ARG A 1 72  ? 10.488  9.750   -13.899 1.00 24.90 ? 73  ARG A CG   1 
ATOM   582  C CD   . ARG A 1 72  ? 11.904  10.108  -14.048 1.00 26.78 ? 73  ARG A CD   1 
ATOM   583  N NE   . ARG A 1 72  ? 12.632  8.887   -13.991 1.00 26.87 ? 73  ARG A NE   1 
ATOM   584  C CZ   . ARG A 1 72  ? 13.270  8.491   -12.901 1.00 29.62 ? 73  ARG A CZ   1 
ATOM   585  N NH1  . ARG A 1 72  ? 13.284  9.200   -11.753 1.00 30.30 ? 73  ARG A NH1  1 
ATOM   586  N NH2  . ARG A 1 72  ? 13.901  7.326   -12.994 1.00 32.43 ? 73  ARG A NH2  1 
ATOM   587  H H    . ARG A 1 72  ? 7.620   12.525  -14.443 1.00 0.00  ? 73  ARG A H    1 
ATOM   588  H HE   . ARG A 1 72  ? 12.608  8.302   -14.784 1.00 0.00  ? 73  ARG A HE   1 
ATOM   589  H HH11 . ARG A 1 72  ? 12.794  10.071  -11.673 1.00 0.00  ? 73  ARG A HH11 1 
ATOM   590  H HH12 . ARG A 1 72  ? 13.798  8.867   -10.939 1.00 0.00  ? 73  ARG A HH12 1 
ATOM   591  H HH21 . ARG A 1 72  ? 13.854  6.785   -13.850 1.00 0.00  ? 73  ARG A HH21 1 
ATOM   592  H HH22 . ARG A 1 72  ? 14.474  7.000   -12.242 1.00 0.00  ? 73  ARG A HH22 1 
ATOM   593  N N    . GLY A 1 73  ? 8.460   11.577  -11.521 1.00 19.26 ? 74  GLY A N    1 
ATOM   594  C CA   . GLY A 1 73  ? 8.537   11.558  -10.053 1.00 19.50 ? 74  GLY A CA   1 
ATOM   595  C C    . GLY A 1 73  ? 7.324   10.943  -9.373  1.00 18.61 ? 74  GLY A C    1 
ATOM   596  O O    . GLY A 1 73  ? 7.457   10.150  -8.449  1.00 27.46 ? 74  GLY A O    1 
ATOM   597  H H    . GLY A 1 73  ? 8.674   12.415  -11.982 1.00 0.00  ? 74  GLY A H    1 
ATOM   598  N N    . CYS A 1 74  ? 6.115   11.274  -9.801  1.00 18.73 ? 75  CYS A N    1 
ATOM   599  C CA   . CYS A 1 74  ? 4.954   10.721  -9.165  1.00 18.47 ? 75  CYS A CA   1 
ATOM   600  C C    . CYS A 1 74  ? 4.917   9.229   -9.404  1.00 19.52 ? 75  CYS A C    1 
ATOM   601  O O    . CYS A 1 74  ? 4.858   8.431   -8.461  1.00 17.72 ? 75  CYS A O    1 
ATOM   602  C CB   . CYS A 1 74  ? 3.710   11.347  -9.730  1.00 17.98 ? 75  CYS A CB   1 
ATOM   603  S SG   . CYS A 1 74  ? 2.181   10.687  -9.030  1.00 18.89 ? 75  CYS A SG   1 
ATOM   604  H H    . CYS A 1 74  ? 6.004   11.849  -10.575 1.00 0.00  ? 75  CYS A H    1 
ATOM   605  N N    . LEU A 1 75  ? 5.026   8.833   -10.667 1.00 20.18 ? 76  LEU A N    1 
ATOM   606  C CA   . LEU A 1 75  ? 5.007   7.429   -11.010 1.00 20.79 ? 76  LEU A CA   1 
ATOM   607  C C    . LEU A 1 75  ? 6.136   6.625   -10.311 1.00 20.58 ? 76  LEU A C    1 
ATOM   608  O O    . LEU A 1 75  ? 5.945   5.518   -9.774  1.00 20.87 ? 76  LEU A O    1 
ATOM   609  C CB   . LEU A 1 75  ? 5.097   7.394   -12.522 1.00 21.91 ? 76  LEU A CB   1 
ATOM   610  C CG   . LEU A 1 75  ? 3.902   6.921   -13.343 1.00 23.37 ? 76  LEU A CG   1 
ATOM   611  C CD1  . LEU A 1 75  ? 2.578   7.396   -12.797 1.00 23.40 ? 76  LEU A CD1  1 
ATOM   612  C CD2  . LEU A 1 75  ? 4.170   7.380   -14.776 1.00 24.38 ? 76  LEU A CD2  1 
ATOM   613  H H    . LEU A 1 75  ? 5.141   9.496   -11.382 1.00 0.00  ? 76  LEU A H    1 
ATOM   614  N N    . ASN A 1 76  ? 7.300   7.228   -10.177 1.00 19.47 ? 77  ASN A N    1 
ATOM   615  C CA   . ASN A 1 76  ? 8.425   6.567   -9.584  1.00 20.01 ? 77  ASN A CA   1 
ATOM   616  C C    . ASN A 1 76  ? 8.257   6.406   -8.080  1.00 19.96 ? 77  ASN A C    1 
ATOM   617  O O    . ASN A 1 76  ? 8.556   5.358   -7.490  1.00 23.80 ? 77  ASN A O    1 
ATOM   618  C CB   . ASN A 1 76  ? 9.652   7.356   -9.909  1.00 24.85 ? 77  ASN A CB   1 
ATOM   619  C CG   . ASN A 1 76  ? 10.867  6.516   -9.660  1.00 28.17 ? 77  ASN A CG   1 
ATOM   620  O OD1  . ASN A 1 76  ? 11.755  6.886   -8.896  1.00 31.98 ? 77  ASN A OD1  1 
ATOM   621  N ND2  . ASN A 1 76  ? 10.958  5.341   -10.290 1.00 29.15 ? 77  ASN A ND2  1 
ATOM   622  H H    . ASN A 1 76  ? 7.381   8.164   -10.442 1.00 0.00  ? 77  ASN A H    1 
ATOM   623  H HD21 . ASN A 1 76  ? 11.631  4.721   -9.950  1.00 0.00  ? 77  ASN A HD21 1 
ATOM   624  H HD22 . ASN A 1 76  ? 10.293  5.099   -10.968 1.00 0.00  ? 77  ASN A HD22 1 
ATOM   625  N N    . GLN A 1 77  ? 7.680   7.421   -7.460  1.00 20.98 ? 78  GLN A N    1 
ATOM   626  C CA   . GLN A 1 77  ? 7.378   7.337   -6.054  1.00 21.91 ? 78  GLN A CA   1 
ATOM   627  C C    . GLN A 1 77  ? 6.237   6.398   -5.803  1.00 19.85 ? 78  GLN A C    1 
ATOM   628  O O    . GLN A 1 77  ? 6.260   5.782   -4.769  1.00 20.44 ? 78  GLN A O    1 
ATOM   629  C CB   . GLN A 1 77  ? 7.010   8.701   -5.470  1.00 21.16 ? 78  GLN A CB   1 
ATOM   630  C CG   . GLN A 1 77  ? 8.239   9.520   -5.240  1.00 21.72 ? 78  GLN A CG   1 
ATOM   631  C CD   . GLN A 1 77  ? 7.919   10.814  -4.564  1.00 22.95 ? 78  GLN A CD   1 
ATOM   632  O OE1  . GLN A 1 77  ? 6.875   11.428  -4.811  1.00 24.04 ? 78  GLN A OE1  1 
ATOM   633  N NE2  . GLN A 1 77  ? 8.800   11.224  -3.655  1.00 22.66 ? 78  GLN A NE2  1 
ATOM   634  H H    . GLN A 1 77  ? 7.560   8.275   -7.925  1.00 0.00  ? 78  GLN A H    1 
ATOM   635  H HE21 . GLN A 1 77  ? 8.658   12.075  -3.193  1.00 0.00  ? 78  GLN A HE21 1 
ATOM   636  H HE22 . GLN A 1 77  ? 9.591   10.657  -3.533  1.00 0.00  ? 78  GLN A HE22 1 
ATOM   637  N N    . LEU A 1 78  ? 5.229   6.247   -6.655  1.00 18.99 ? 79  LEU A N    1 
ATOM   638  C CA   . LEU A 1 78  ? 4.155   5.308   -6.417  1.00 18.34 ? 79  LEU A CA   1 
ATOM   639  C C    . LEU A 1 78  ? 4.774   3.903   -6.489  1.00 19.91 ? 79  LEU A C    1 
ATOM   640  O O    . LEU A 1 78  ? 4.557   3.063   -5.611  1.00 18.10 ? 79  LEU A O    1 
ATOM   641  C CB   . LEU A 1 78  ? 3.064   5.489   -7.476  1.00 17.80 ? 79  LEU A CB   1 
ATOM   642  C CG   . LEU A 1 78  ? 1.922   4.457   -7.693  1.00 18.15 ? 79  LEU A CG   1 
ATOM   643  C CD1  . LEU A 1 78  ? 1.149   4.190   -6.414  1.00 17.42 ? 79  LEU A CD1  1 
ATOM   644  C CD2  . LEU A 1 78  ? 0.999   4.983   -8.765  1.00 18.08 ? 79  LEU A CD2  1 
ATOM   645  H H    . LEU A 1 78  ? 5.194   6.814   -7.455  1.00 0.00  ? 79  LEU A H    1 
ATOM   646  N N    . HIS A 1 79  ? 5.636   3.649   -7.480  1.00 20.81 ? 80  HIS A N    1 
ATOM   647  C CA   . HIS A 1 79  ? 6.235   2.342   -7.601  1.00 21.43 ? 80  HIS A CA   1 
ATOM   648  C C    . HIS A 1 79  ? 7.139   2.033   -6.391  1.00 20.71 ? 80  HIS A C    1 
ATOM   649  O O    . HIS A 1 79  ? 7.051   0.933   -5.820  1.00 21.33 ? 80  HIS A O    1 
ATOM   650  C CB   . HIS A 1 79  ? 7.022   2.302   -8.904  1.00 24.18 ? 80  HIS A CB   1 
ATOM   651  C CG   . HIS A 1 79  ? 7.646   0.947   -9.143  1.00 24.98 ? 80  HIS A CG   1 
ATOM   652  N ND1  . HIS A 1 79  ? 8.919   0.593   -8.962  1.00 25.46 ? 80  HIS A ND1  1 
ATOM   653  C CD2  . HIS A 1 79  ? 6.936   -0.146  -9.573  1.00 25.69 ? 80  HIS A CD2  1 
ATOM   654  C CE1  . HIS A 1 79  ? 9.004   -0.677  -9.264  1.00 27.09 ? 80  HIS A CE1  1 
ATOM   655  N NE2  . HIS A 1 79  ? 7.809   -1.115  -9.637  1.00 26.88 ? 80  HIS A NE2  1 
ATOM   656  H H    . HIS A 1 79  ? 5.835   4.346   -8.141  1.00 0.00  ? 80  HIS A H    1 
ATOM   657  H HD1  . HIS A 1 79  ? 9.705   1.179   -8.861  1.00 0.00  ? 80  HIS A HD1  1 
ATOM   658  H HE2  . HIS A 1 79  ? 7.620   -2.035  -9.921  1.00 0.00  ? 80  HIS A HE2  1 
ATOM   659  N N    . GLY A 1 80  ? 8.002   2.982   -5.969  1.00 18.80 ? 81  GLY A N    1 
ATOM   660  C CA   . GLY A 1 80  ? 8.878   2.778   -4.827  1.00 17.42 ? 81  GLY A CA   1 
ATOM   661  C C    . GLY A 1 80  ? 8.069   2.516   -3.566  1.00 17.39 ? 81  GLY A C    1 
ATOM   662  O O    . GLY A 1 80  ? 8.372   1.612   -2.775  1.00 19.19 ? 81  GLY A O    1 
ATOM   663  H H    . GLY A 1 80  ? 8.024   3.849   -6.425  1.00 0.00  ? 81  GLY A H    1 
ATOM   664  N N    . GLY A 1 81  ? 6.968   3.230   -3.409  1.00 14.06 ? 82  GLY A N    1 
ATOM   665  C CA   . GLY A 1 81  ? 6.064   3.053   -2.294  1.00 15.29 ? 82  GLY A CA   1 
ATOM   666  C C    . GLY A 1 81  ? 5.414   1.680   -2.279  1.00 16.17 ? 82  GLY A C    1 
ATOM   667  O O    . GLY A 1 81  ? 5.317   1.035   -1.240  1.00 20.00 ? 82  GLY A O    1 
ATOM   668  H H    . GLY A 1 81  ? 6.799   3.994   -4.002  1.00 0.00  ? 82  GLY A H    1 
ATOM   669  N N    . LEU A 1 82  ? 4.971   1.189   -3.415  1.00 19.54 ? 83  LEU A N    1 
ATOM   670  C CA   . LEU A 1 82  ? 4.331   -0.091  -3.501  1.00 19.66 ? 83  LEU A CA   1 
ATOM   671  C C    . LEU A 1 82  ? 5.373   -1.192  -3.182  1.00 20.08 ? 83  LEU A C    1 
ATOM   672  O O    . LEU A 1 82  ? 5.029   -2.211  -2.581  1.00 18.89 ? 83  LEU A O    1 
ATOM   673  C CB   . LEU A 1 82  ? 3.756   -0.174  -4.912  1.00 18.52 ? 83  LEU A CB   1 
ATOM   674  C CG   . LEU A 1 82  ? 2.251   -0.325  -5.278  1.00 21.52 ? 83  LEU A CG   1 
ATOM   675  C CD1  . LEU A 1 82  ? 1.309   0.095   -4.145  1.00 21.35 ? 83  LEU A CD1  1 
ATOM   676  C CD2  . LEU A 1 82  ? 2.035   0.428   -6.602  1.00 19.04 ? 83  LEU A CD2  1 
ATOM   677  H H    . LEU A 1 82  ? 5.043   1.734   -4.226  1.00 0.00  ? 83  LEU A H    1 
ATOM   678  N N    . PHE A 1 83  ? 6.681   -1.005  -3.441  1.00 13.99 ? 84  PHE A N    1 
ATOM   679  C CA   . PHE A 1 83  ? 7.619   -2.024  -3.066  1.00 16.11 ? 84  PHE A CA   1 
ATOM   680  C C    . PHE A 1 83  ? 7.902   -2.013  -1.588  1.00 15.57 ? 84  PHE A C    1 
ATOM   681  O O    . PHE A 1 83  ? 8.144   -3.062  -0.980  1.00 23.51 ? 84  PHE A O    1 
ATOM   682  C CB   . PHE A 1 83  ? 8.877   -1.846  -3.855  1.00 28.60 ? 84  PHE A CB   1 
ATOM   683  C CG   . PHE A 1 83  ? 8.718   -2.720  -5.072  1.00 35.88 ? 84  PHE A CG   1 
ATOM   684  C CD1  . PHE A 1 83  ? 7.796   -2.385  -6.071  1.00 38.82 ? 84  PHE A CD1  1 
ATOM   685  C CD2  . PHE A 1 83  ? 9.429   -3.901  -5.165  1.00 37.96 ? 84  PHE A CD2  1 
ATOM   686  C CE1  . PHE A 1 83  ? 7.577   -3.241  -7.158  1.00 41.10 ? 84  PHE A CE1  1 
ATOM   687  C CE2  . PHE A 1 83  ? 9.203   -4.744  -6.255  1.00 41.81 ? 84  PHE A CE2  1 
ATOM   688  C CZ   . PHE A 1 83  ? 8.279   -4.421  -7.255  1.00 41.03 ? 84  PHE A CZ   1 
ATOM   689  H H    . PHE A 1 83  ? 6.980   -0.196  -3.905  1.00 0.00  ? 84  PHE A H    1 
ATOM   690  N N    . LEU A 1 84  ? 7.834   -0.835  -0.955  1.00 19.69 ? 85  LEU A N    1 
ATOM   691  C CA   . LEU A 1 84  ? 7.981   -0.736  0.496   1.00 19.56 ? 85  LEU A CA   1 
ATOM   692  C C    . LEU A 1 84  ? 6.885   -1.546  1.163   1.00 19.40 ? 85  LEU A C    1 
ATOM   693  O O    . LEU A 1 84  ? 7.168   -2.374  2.031   1.00 18.57 ? 85  LEU A O    1 
ATOM   694  C CB   . LEU A 1 84  ? 7.876   0.737   0.968   1.00 18.79 ? 85  LEU A CB   1 
ATOM   695  C CG   . LEU A 1 84  ? 7.770   0.984   2.500   1.00 19.66 ? 85  LEU A CG   1 
ATOM   696  C CD1  . LEU A 1 84  ? 9.060   0.585   3.173   1.00 19.46 ? 85  LEU A CD1  1 
ATOM   697  C CD2  . LEU A 1 84  ? 7.491   2.436   2.790   1.00 20.19 ? 85  LEU A CD2  1 
ATOM   698  H H    . LEU A 1 84  ? 7.695   -0.015  -1.474  1.00 0.00  ? 85  LEU A H    1 
ATOM   699  N N    . TYR A 1 85  ? 5.625   -1.337  0.728   1.00 20.42 ? 86  TYR A N    1 
ATOM   700  C CA   . TYR A 1 85  ? 4.498   -2.094  1.263   1.00 20.60 ? 86  TYR A CA   1 
ATOM   701  C C    . TYR A 1 85  ? 4.602   -3.591  0.968   1.00 20.73 ? 86  TYR A C    1 
ATOM   702  O O    . TYR A 1 85  ? 4.224   -4.395  1.827   1.00 19.56 ? 86  TYR A O    1 
ATOM   703  C CB   . TYR A 1 85  ? 3.176   -1.553  0.713   1.00 18.18 ? 86  TYR A CB   1 
ATOM   704  C CG   . TYR A 1 85  ? 2.846   -0.259  1.416   1.00 19.70 ? 86  TYR A CG   1 
ATOM   705  C CD1  . TYR A 1 85  ? 2.583   -0.292  2.774   1.00 20.89 ? 86  TYR A CD1  1 
ATOM   706  C CD2  . TYR A 1 85  ? 2.863   0.943   0.736   1.00 20.01 ? 86  TYR A CD2  1 
ATOM   707  C CE1  . TYR A 1 85  ? 2.309   0.866   3.456   1.00 22.46 ? 86  TYR A CE1  1 
ATOM   708  C CE2  . TYR A 1 85  ? 2.600   2.114   1.418   1.00 21.45 ? 86  TYR A CE2  1 
ATOM   709  C CZ   . TYR A 1 85  ? 2.337   2.066   2.776   1.00 23.36 ? 86  TYR A CZ   1 
ATOM   710  O OH   . TYR A 1 85  ? 2.083   3.231   3.477   1.00 25.90 ? 86  TYR A OH   1 
ATOM   711  H H    . TYR A 1 85  ? 5.462   -0.653  0.043   1.00 0.00  ? 86  TYR A H    1 
ATOM   712  H HH   . TYR A 1 85  ? 2.348   3.992   2.948   1.00 0.00  ? 86  TYR A HH   1 
ATOM   713  N N    . GLN A 1 86  ? 5.162   -4.018  -0.190  1.00 17.86 ? 87  GLN A N    1 
ATOM   714  C CA   . GLN A 1 86  ? 5.431   -5.441  -0.413  1.00 18.44 ? 87  GLN A CA   1 
ATOM   715  C C    . GLN A 1 86  ? 6.345   -5.997  0.684   1.00 17.44 ? 87  GLN A C    1 
ATOM   716  O O    . GLN A 1 86  ? 6.081   -7.082  1.239   1.00 21.86 ? 87  GLN A O    1 
ATOM   717  C CB   . GLN A 1 86  ? 6.132   -5.694  -1.751  1.00 24.34 ? 87  GLN A CB   1 
ATOM   718  C CG   . GLN A 1 86  ? 5.268   -5.575  -2.986  1.00 29.10 ? 87  GLN A CG   1 
ATOM   719  C CD   . GLN A 1 86  ? 6.062   -5.527  -4.296  1.00 30.75 ? 87  GLN A CD   1 
ATOM   720  O OE1  . GLN A 1 86  ? 5.807   -4.705  -5.178  1.00 31.72 ? 87  GLN A OE1  1 
ATOM   721  N NE2  . GLN A 1 86  ? 7.062   -6.380  -4.483  1.00 31.74 ? 87  GLN A NE2  1 
ATOM   722  H H    . GLN A 1 86  ? 5.342   -3.371  -0.910  1.00 0.00  ? 87  GLN A H    1 
ATOM   723  H HE21 . GLN A 1 86  ? 7.504   -6.329  -5.352  1.00 0.00  ? 87  GLN A HE21 1 
ATOM   724  H HE22 . GLN A 1 86  ? 7.303   -7.021  -3.787  1.00 0.00  ? 87  GLN A HE22 1 
ATOM   725  N N    . GLY A 1 87  ? 7.422   -5.253  0.969   1.00 17.25 ? 88  GLY A N    1 
ATOM   726  C CA   . GLY A 1 87  ? 8.409   -5.599  1.998   1.00 16.17 ? 88  GLY A CA   1 
ATOM   727  C C    . GLY A 1 87  ? 7.800   -5.636  3.412   1.00 16.69 ? 88  GLY A C    1 
ATOM   728  O O    . GLY A 1 87  ? 8.034   -6.574  4.185   1.00 19.14 ? 88  GLY A O    1 
ATOM   729  H H    . GLY A 1 87  ? 7.540   -4.419  0.465   1.00 0.00  ? 88  GLY A H    1 
ATOM   730  N N    . LEU A 1 88  ? 6.972   -4.653  3.777   1.00 16.50 ? 89  LEU A N    1 
ATOM   731  C CA   . LEU A 1 88  ? 6.314   -4.622  5.075   1.00 16.92 ? 89  LEU A CA   1 
ATOM   732  C C    . LEU A 1 88  ? 5.314   -5.790  5.246   1.00 17.47 ? 89  LEU A C    1 
ATOM   733  O O    . LEU A 1 88  ? 5.253   -6.414  6.310   1.00 19.11 ? 89  LEU A O    1 
ATOM   734  C CB   . LEU A 1 88  ? 5.602   -3.261  5.225   1.00 20.13 ? 89  LEU A CB   1 
ATOM   735  C CG   . LEU A 1 88  ? 6.157   -2.017  6.041   1.00 20.88 ? 89  LEU A CG   1 
ATOM   736  C CD1  . LEU A 1 88  ? 7.663   -1.974  6.164   1.00 22.11 ? 89  LEU A CD1  1 
ATOM   737  C CD2  . LEU A 1 88  ? 5.588   -0.770  5.380   1.00 20.02 ? 89  LEU A CD2  1 
ATOM   738  H H    . LEU A 1 88  ? 6.818   -3.915  3.152   1.00 0.00  ? 89  LEU A H    1 
ATOM   739  N N    . LEU A 1 89  ? 4.542   -6.147  4.219   1.00 15.55 ? 90  LEU A N    1 
ATOM   740  C CA   . LEU A 1 89  ? 3.600   -7.244  4.307   1.00 16.67 ? 90  LEU A CA   1 
ATOM   741  C C    . LEU A 1 89  ? 4.325   -8.570  4.481   1.00 18.55 ? 90  LEU A C    1 
ATOM   742  O O    . LEU A 1 89  ? 3.933   -9.440  5.257   1.00 20.43 ? 90  LEU A O    1 
ATOM   743  C CB   . LEU A 1 89  ? 2.740   -7.241  3.058   1.00 17.58 ? 90  LEU A CB   1 
ATOM   744  C CG   . LEU A 1 89  ? 1.770   -6.050  2.938   1.00 19.43 ? 90  LEU A CG   1 
ATOM   745  C CD1  . LEU A 1 89  ? 1.105   -6.046  1.574   1.00 20.72 ? 90  LEU A CD1  1 
ATOM   746  C CD2  . LEU A 1 89  ? 0.749   -6.103  4.050   1.00 18.00 ? 90  LEU A CD2  1 
ATOM   747  H H    . LEU A 1 89  ? 4.580   -5.609  3.399   1.00 0.00  ? 90  LEU A H    1 
ATOM   748  N N    . GLN A 1 90  ? 5.465   -8.672  3.799   1.00 20.67 ? 91  GLN A N    1 
ATOM   749  C CA   . GLN A 1 90  ? 6.339   -9.826  3.837   1.00 22.11 ? 91  GLN A CA   1 
ATOM   750  C C    . GLN A 1 90  ? 6.918   -9.947  5.258   1.00 22.27 ? 91  GLN A C    1 
ATOM   751  O O    . GLN A 1 90  ? 6.915   -11.013 5.868   1.00 31.44 ? 91  GLN A O    1 
ATOM   752  C CB   . GLN A 1 90  ? 7.375   -9.545  2.775   1.00 33.85 ? 91  GLN A CB   1 
ATOM   753  C CG   . GLN A 1 90  ? 8.346   -10.618 2.442   1.00 41.46 ? 91  GLN A CG   1 
ATOM   754  C CD   . GLN A 1 90  ? 7.724   -11.909 1.911   1.00 45.14 ? 91  GLN A CD   1 
ATOM   755  O OE1  . GLN A 1 90  ? 8.215   -13.003 2.175   1.00 49.30 ? 91  GLN A OE1  1 
ATOM   756  N NE2  . GLN A 1 90  ? 6.620   -11.940 1.188   1.00 47.32 ? 91  GLN A NE2  1 
ATOM   757  H H    . GLN A 1 90  ? 5.718   -7.916  3.231   1.00 0.00  ? 91  GLN A H    1 
ATOM   758  H HE21 . GLN A 1 90  ? 6.339   -12.837 0.915   1.00 0.00  ? 91  GLN A HE21 1 
ATOM   759  H HE22 . GLN A 1 90  ? 6.142   -11.116 0.969   1.00 0.00  ? 91  GLN A HE22 1 
ATOM   760  N N    . ALA A 1 91  ? 7.323   -8.817  5.857   1.00 22.17 ? 92  ALA A N    1 
ATOM   761  C CA   . ALA A 1 91  ? 7.846   -8.794  7.215   1.00 21.99 ? 92  ALA A CA   1 
ATOM   762  C C    . ALA A 1 91  ? 6.843   -9.257  8.278   1.00 21.54 ? 92  ALA A C    1 
ATOM   763  O O    . ALA A 1 91  ? 7.265   -9.740  9.334   1.00 26.54 ? 92  ALA A O    1 
ATOM   764  C CB   . ALA A 1 91  ? 8.312   -7.377  7.585   1.00 25.41 ? 92  ALA A CB   1 
ATOM   765  H H    . ALA A 1 91  ? 7.276   -7.977  5.359   1.00 0.00  ? 92  ALA A H    1 
ATOM   766  N N    . LEU A 1 92  ? 5.532   -9.182  8.046   1.00 21.19 ? 93  LEU A N    1 
ATOM   767  C CA   . LEU A 1 92  ? 4.535   -9.652  9.004   1.00 20.33 ? 93  LEU A CA   1 
ATOM   768  C C    . LEU A 1 92  ? 4.452   -11.178 9.169   1.00 19.35 ? 93  LEU A C    1 
ATOM   769  O O    . LEU A 1 92  ? 3.850   -11.711 10.127  1.00 18.48 ? 93  LEU A O    1 
ATOM   770  C CB   . LEU A 1 92  ? 3.194   -9.129  8.585   1.00 20.06 ? 93  LEU A CB   1 
ATOM   771  C CG   . LEU A 1 92  ? 3.029   -7.613  8.595   1.00 20.23 ? 93  LEU A CG   1 
ATOM   772  C CD1  . LEU A 1 92  ? 1.721   -7.210  7.972   1.00 20.95 ? 93  LEU A CD1  1 
ATOM   773  C CD2  . LEU A 1 92  ? 3.035   -7.125  10.018  1.00 21.14 ? 93  LEU A CD2  1 
ATOM   774  H H    . LEU A 1 92  ? 5.226   -8.830  7.182   1.00 0.00  ? 93  LEU A H    1 
ATOM   775  N N    . ALA A 1 93  ? 5.022   -11.900 8.188   1.00 18.64 ? 94  ALA A N    1 
ATOM   776  C CA   . ALA A 1 93  ? 5.048   -13.372 8.160   1.00 18.68 ? 94  ALA A CA   1 
ATOM   777  C C    . ALA A 1 93  ? 3.687   -14.070 8.334   1.00 18.48 ? 94  ALA A C    1 
ATOM   778  O O    . ALA A 1 93  ? 3.504   -15.008 9.115   1.00 21.81 ? 94  ALA A O    1 
ATOM   779  C CB   . ALA A 1 93  ? 6.017   -13.867 9.244   1.00 22.83 ? 94  ALA A CB   1 
ATOM   780  H H    . ALA A 1 93  ? 5.419   -11.426 7.428   1.00 0.00  ? 94  ALA A H    1 
ATOM   781  N N    . GLY A 1 94  ? 2.681   -13.614 7.587   1.00 14.07 ? 95  GLY A N    1 
ATOM   782  C CA   . GLY A 1 94  ? 1.361   -14.193 7.625   1.00 13.96 ? 95  GLY A CA   1 
ATOM   783  C C    . GLY A 1 94  ? 0.450   -13.667 8.715   1.00 14.50 ? 95  GLY A C    1 
ATOM   784  O O    . GLY A 1 94  ? -0.770  -13.855 8.633   1.00 17.90 ? 95  GLY A O    1 
ATOM   785  H H    . GLY A 1 94  ? 2.886   -12.915 6.924   1.00 0.00  ? 95  GLY A H    1 
ATOM   786  N N    . ILE A 1 95  ? 1.028   -12.979 9.730   1.00 18.37 ? 96  ILE A N    1 
ATOM   787  C CA   . ILE A 1 95  ? 0.383   -12.516 10.967  1.00 19.46 ? 96  ILE A CA   1 
ATOM   788  C C    . ILE A 1 95  ? -0.062  -13.686 11.830  1.00 20.08 ? 96  ILE A C    1 
ATOM   789  O O    . ILE A 1 95  ? 0.374   -13.804 12.986  1.00 24.19 ? 96  ILE A O    1 
ATOM   790  C CB   . ILE A 1 95  ? -0.848  -11.589 10.691  1.00 24.39 ? 96  ILE A CB   1 
ATOM   791  C CG1  . ILE A 1 95  ? -0.362  -10.366 9.880   1.00 24.86 ? 96  ILE A CG1  1 
ATOM   792  C CG2  . ILE A 1 95  ? -1.522  -11.171 12.040  1.00 24.05 ? 96  ILE A CG2  1 
ATOM   793  C CD1  . ILE A 1 95  ? -1.453  -9.437  9.291   1.00 25.18 ? 96  ILE A CD1  1 
ATOM   794  H H    . ILE A 1 95  ? 1.989   -12.809 9.666   1.00 0.00  ? 96  ILE A H    1 
ATOM   795  N N    . SER A 1 96  ? -0.903  -14.569 11.315  1.00 22.43 ? 97  SER A N    1 
ATOM   796  C CA   . SER A 1 96  ? -1.372  -15.697 12.075  1.00 24.08 ? 97  SER A CA   1 
ATOM   797  C C    . SER A 1 96  ? -1.971  -16.661 11.073  1.00 25.13 ? 97  SER A C    1 
ATOM   798  O O    . SER A 1 96  ? -2.378  -16.223 9.980   1.00 20.30 ? 97  SER A O    1 
ATOM   799  C CB   . SER A 1 96  ? -2.446  -15.260 13.096  1.00 19.87 ? 97  SER A CB   1 
ATOM   800  O OG   . SER A 1 96  ? -3.634  -14.794 12.460  1.00 20.47 ? 97  SER A OG   1 
ATOM   801  H H    . SER A 1 96  ? -1.198  -14.501 10.379  1.00 0.00  ? 97  SER A H    1 
ATOM   802  H HG   . SER A 1 96  ? -3.369  -14.309 11.673  1.00 0.00  ? 97  SER A HG   1 
ATOM   803  N N    . PRO A 1 97  ? -2.115  -17.948 11.403  1.00 39.48 ? 98  PRO A N    1 
ATOM   804  C CA   . PRO A 1 97  ? -2.798  -18.914 10.552  1.00 40.82 ? 98  PRO A CA   1 
ATOM   805  C C    . PRO A 1 97  ? -4.213  -18.522 10.047  1.00 42.25 ? 98  PRO A C    1 
ATOM   806  O O    . PRO A 1 97  ? -4.606  -18.882 8.926   1.00 29.50 ? 98  PRO A O    1 
ATOM   807  C CB   . PRO A 1 97  ? -2.739  -20.189 11.405  1.00 27.95 ? 98  PRO A CB   1 
ATOM   808  C CG   . PRO A 1 97  ? -2.270  -19.804 12.764  1.00 25.60 ? 98  PRO A CG   1 
ATOM   809  C CD   . PRO A 1 97  ? -1.395  -18.618 12.491  1.00 26.29 ? 98  PRO A CD   1 
ATOM   810  N N    . GLU A 1 98  ? -4.943  -17.685 10.797  1.00 34.16 ? 99  GLU A N    1 
ATOM   811  C CA   . GLU A 1 98  ? -6.278  -17.199 10.455  1.00 34.85 ? 99  GLU A CA   1 
ATOM   812  C C    . GLU A 1 98  ? -6.248  -16.047 9.401   1.00 34.96 ? 99  GLU A C    1 
ATOM   813  O O    . GLU A 1 98  ? -7.175  -15.829 8.579   1.00 35.03 ? 99  GLU A O    1 
ATOM   814  C CB   . GLU A 1 98  ? -6.964  -16.694 11.745  1.00 36.05 ? 99  GLU A CB   1 
ATOM   815  C CG   . GLU A 1 98  ? -7.074  -17.663 12.949  1.00 39.83 ? 99  GLU A CG   1 
ATOM   816  C CD   . GLU A 1 98  ? -5.869  -17.826 13.909  1.00 42.08 ? 99  GLU A CD   1 
ATOM   817  O OE1  . GLU A 1 98  ? -4.711  -17.542 13.572  1.00 44.21 ? 99  GLU A OE1  1 
ATOM   818  O OE2  . GLU A 1 98  ? -6.082  -18.265 15.036  1.00 44.34 ? 99  GLU A OE2  1 
ATOM   819  H H    . GLU A 1 98  ? -4.585  -17.405 11.659  1.00 0.00  ? 99  GLU A H    1 
ATOM   820  N N    . LEU A 1 99  ? -5.164  -15.255 9.443   1.00 24.30 ? 100 LEU A N    1 
ATOM   821  C CA   . LEU A 1 99  ? -5.071  -14.083 8.590   1.00 22.13 ? 100 LEU A CA   1 
ATOM   822  C C    . LEU A 1 99  ? -4.253  -14.325 7.357   1.00 21.00 ? 100 LEU A C    1 
ATOM   823  O O    . LEU A 1 99  ? -4.456  -13.610 6.366   1.00 20.99 ? 100 LEU A O    1 
ATOM   824  C CB   . LEU A 1 99  ? -4.462  -12.930 9.367   1.00 22.76 ? 100 LEU A CB   1 
ATOM   825  C CG   . LEU A 1 99  ? -5.383  -12.053 10.235  1.00 23.82 ? 100 LEU A CG   1 
ATOM   826  C CD1  . LEU A 1 99  ? -6.249  -11.270 9.304   1.00 25.67 ? 100 LEU A CD1  1 
ATOM   827  C CD2  . LEU A 1 99  ? -6.318  -12.841 11.115  1.00 22.40 ? 100 LEU A CD2  1 
ATOM   828  H H    . LEU A 1 99  ? -4.417  -15.518 10.015  1.00 0.00  ? 100 LEU A H    1 
ATOM   829  N N    . ALA A 1 100 ? -3.369  -15.350 7.390   1.00 20.46 ? 101 ALA A N    1 
ATOM   830  C CA   . ALA A 1 100 ? -2.422  -15.597 6.303   1.00 20.06 ? 101 ALA A CA   1 
ATOM   831  C C    . ALA A 1 100 ? -3.025  -15.654 4.883   1.00 20.82 ? 101 ALA A C    1 
ATOM   832  O O    . ALA A 1 100 ? -2.555  -14.907 4.016   1.00 18.31 ? 101 ALA A O    1 
ATOM   833  C CB   . ALA A 1 100 ? -1.656  -16.885 6.563   1.00 18.70 ? 101 ALA A CB   1 
ATOM   834  H H    . ALA A 1 100 ? -3.306  -15.901 8.198   1.00 0.00  ? 101 ALA A H    1 
ATOM   835  N N    . PRO A 1 101 ? -4.126  -16.343 4.567   1.00 22.59 ? 102 PRO A N    1 
ATOM   836  C CA   . PRO A 1 101 ? -4.742  -16.298 3.239   1.00 23.36 ? 102 PRO A CA   1 
ATOM   837  C C    . PRO A 1 101 ? -5.091  -14.915 2.741   1.00 23.36 ? 102 PRO A C    1 
ATOM   838  O O    . PRO A 1 101 ? -4.869  -14.621 1.557   1.00 25.41 ? 102 PRO A O    1 
ATOM   839  C CB   . PRO A 1 101 ? -5.952  -17.147 3.368   1.00 27.27 ? 102 PRO A CB   1 
ATOM   840  C CG   . PRO A 1 101 ? -5.540  -18.114 4.462   1.00 28.73 ? 102 PRO A CG   1 
ATOM   841  C CD   . PRO A 1 101 ? -4.849  -17.237 5.465   1.00 26.35 ? 102 PRO A CD   1 
ATOM   842  N N    . THR A 1 102 ? -5.661  -14.080 3.643   1.00 23.29 ? 103 THR A N    1 
ATOM   843  C CA   . THR A 1 102 ? -6.028  -12.692 3.321   1.00 23.20 ? 103 THR A CA   1 
ATOM   844  C C    . THR A 1 102 ? -4.762  -11.863 3.015   1.00 22.57 ? 103 THR A C    1 
ATOM   845  O O    . THR A 1 102 ? -4.716  -11.119 2.026   1.00 20.84 ? 103 THR A O    1 
ATOM   846  C CB   . THR A 1 102 ? -6.838  -12.111 4.513   1.00 19.74 ? 103 THR A CB   1 
ATOM   847  O OG1  . THR A 1 102 ? -7.949  -12.970 4.695   1.00 21.47 ? 103 THR A OG1  1 
ATOM   848  C CG2  . THR A 1 102 ? -7.409  -10.735 4.264   1.00 21.25 ? 103 THR A CG2  1 
ATOM   849  H H    . THR A 1 102 ? -5.784  -14.361 4.572   1.00 0.00  ? 103 THR A H    1 
ATOM   850  H HG1  . THR A 1 102 ? -8.615  -12.692 4.058   1.00 0.00  ? 103 THR A HG1  1 
ATOM   851  N N    . LEU A 1 103 ? -3.667  -12.063 3.757   1.00 16.42 ? 104 LEU A N    1 
ATOM   852  C CA   . LEU A 1 103 ? -2.427  -11.371 3.498   1.00 17.29 ? 104 LEU A CA   1 
ATOM   853  C C    . LEU A 1 103 ? -1.840  -11.768 2.148   1.00 17.75 ? 104 LEU A C    1 
ATOM   854  O O    . LEU A 1 103 ? -1.357  -10.897 1.413   1.00 24.08 ? 104 LEU A O    1 
ATOM   855  C CB   . LEU A 1 103 ? -1.401  -11.683 4.571   1.00 24.46 ? 104 LEU A CB   1 
ATOM   856  C CG   . LEU A 1 103 ? -0.700  -10.545 5.306   1.00 26.55 ? 104 LEU A CG   1 
ATOM   857  C CD1  . LEU A 1 103 ? 0.588   -11.046 5.921   1.00 25.04 ? 104 LEU A CD1  1 
ATOM   858  C CD2  . LEU A 1 103 ? -0.341  -9.444  4.366   1.00 27.15 ? 104 LEU A CD2  1 
ATOM   859  H H    . LEU A 1 103 ? -3.681  -12.748 4.459   1.00 0.00  ? 104 LEU A H    1 
ATOM   860  N N    . ASP A 1 104 ? -1.865  -13.052 1.763   1.00 18.62 ? 105 ASP A N    1 
ATOM   861  C CA   . ASP A 1 104 ? -1.354  -13.451 0.477   1.00 18.45 ? 105 ASP A CA   1 
ATOM   862  C C    . ASP A 1 104 ? -2.116  -12.806 -0.659  1.00 17.20 ? 105 ASP A C    1 
ATOM   863  O O    . ASP A 1 104 ? -1.459  -12.323 -1.575  1.00 21.04 ? 105 ASP A O    1 
ATOM   864  C CB   . ASP A 1 104 ? -1.410  -14.955 0.316   1.00 22.85 ? 105 ASP A CB   1 
ATOM   865  C CG   . ASP A 1 104 ? -0.479  -15.695 1.265   1.00 23.56 ? 105 ASP A CG   1 
ATOM   866  O OD1  . ASP A 1 104 ? 0.594   -15.191 1.605   1.00 25.59 ? 105 ASP A OD1  1 
ATOM   867  O OD2  . ASP A 1 104 ? -0.851  -16.796 1.663   1.00 26.19 ? 105 ASP A OD2  1 
ATOM   868  H H    . ASP A 1 104 ? -2.082  -13.761 2.405   1.00 0.00  ? 105 ASP A H    1 
ATOM   869  N N    . THR A 1 105 ? -3.445  -12.678 -0.636  1.00 13.31 ? 106 THR A N    1 
ATOM   870  C CA   . THR A 1 105 ? -4.160  -11.966 -1.671  1.00 14.88 ? 106 THR A CA   1 
ATOM   871  C C    . THR A 1 105 ? -3.758  -10.497 -1.770  1.00 14.55 ? 106 THR A C    1 
ATOM   872  O O    . THR A 1 105 ? -3.474  -10.025 -2.881  1.00 20.20 ? 106 THR A O    1 
ATOM   873  C CB   . THR A 1 105 ? -5.654  -12.038 -1.449  1.00 22.17 ? 106 THR A CB   1 
ATOM   874  O OG1  . THR A 1 105 ? -5.957  -13.423 -1.503  1.00 25.48 ? 106 THR A OG1  1 
ATOM   875  C CG2  . THR A 1 105 ? -6.474  -11.295 -2.510  1.00 23.94 ? 106 THR A CG2  1 
ATOM   876  H H    . THR A 1 105 ? -3.959  -13.170 0.042   1.00 0.00  ? 106 THR A H    1 
ATOM   877  H HG1  . THR A 1 105 ? -5.762  -13.771 -2.386  1.00 0.00  ? 106 THR A HG1  1 
ATOM   878  N N    . LEU A 1 106 ? -3.644  -9.809  -0.620  1.00 18.29 ? 107 LEU A N    1 
ATOM   879  C CA   . LEU A 1 106 ? -3.188  -8.416  -0.604  1.00 19.53 ? 107 LEU A CA   1 
ATOM   880  C C    . LEU A 1 106 ? -1.794  -8.321  -1.231  1.00 19.48 ? 107 LEU A C    1 
ATOM   881  O O    . LEU A 1 106 ? -1.518  -7.430  -2.026  1.00 19.08 ? 107 LEU A O    1 
ATOM   882  C CB   . LEU A 1 106 ? -3.088  -7.889  0.798   1.00 20.49 ? 107 LEU A CB   1 
ATOM   883  C CG   . LEU A 1 106 ? -3.646  -6.516  1.213   1.00 23.86 ? 107 LEU A CG   1 
ATOM   884  C CD1  . LEU A 1 106 ? -2.824  -6.046  2.401   1.00 22.15 ? 107 LEU A CD1  1 
ATOM   885  C CD2  . LEU A 1 106 ? -3.592  -5.489  0.101   1.00 22.17 ? 107 LEU A CD2  1 
ATOM   886  H H    . LEU A 1 106 ? -3.840  -10.258 0.233   1.00 0.00  ? 107 LEU A H    1 
ATOM   887  N N    . GLN A 1 107 ? -0.875  -9.237  -0.887  1.00 17.79 ? 108 GLN A N    1 
ATOM   888  C CA   . GLN A 1 107 ? 0.467   -9.241  -1.449  1.00 19.59 ? 108 GLN A CA   1 
ATOM   889  C C    . GLN A 1 107 ? 0.463   -9.406  -2.974  1.00 17.19 ? 108 GLN A C    1 
ATOM   890  O O    . GLN A 1 107 ? 1.154   -8.664  -3.681  1.00 23.13 ? 108 GLN A O    1 
ATOM   891  C CB   . GLN A 1 107 ? 1.280   -10.356 -0.803  1.00 28.44 ? 108 GLN A CB   1 
ATOM   892  C CG   . GLN A 1 107 ? 1.452   -10.097 0.701   1.00 37.01 ? 108 GLN A CG   1 
ATOM   893  C CD   . GLN A 1 107 ? 2.105   -11.254 1.491   1.00 41.58 ? 108 GLN A CD   1 
ATOM   894  O OE1  . GLN A 1 107 ? 1.609   -11.709 2.527   1.00 42.58 ? 108 GLN A OE1  1 
ATOM   895  N NE2  . GLN A 1 107 ? 3.278   -11.735 1.083   1.00 43.08 ? 108 GLN A NE2  1 
ATOM   896  H H    . GLN A 1 107 ? -1.105  -9.913  -0.216  1.00 0.00  ? 108 GLN A H    1 
ATOM   897  H HE21 . GLN A 1 107 ? 3.589   -12.564 1.499   1.00 0.00  ? 108 GLN A HE21 1 
ATOM   898  H HE22 . GLN A 1 107 ? 3.730   -11.265 0.353   1.00 0.00  ? 108 GLN A HE22 1 
ATOM   899  N N    . LEU A 1 108 ? -0.348  -10.330 -3.492  1.00 16.28 ? 109 LEU A N    1 
ATOM   900  C CA   . LEU A 1 108 ? -0.482  -10.504 -4.924  1.00 16.93 ? 109 LEU A CA   1 
ATOM   901  C C    . LEU A 1 108 ? -1.030  -9.227  -5.600  1.00 15.78 ? 109 LEU A C    1 
ATOM   902  O O    . LEU A 1 108 ? -0.413  -8.730  -6.565  1.00 19.49 ? 109 LEU A O    1 
ATOM   903  C CB   . LEU A 1 108 ? -1.420  -11.643 -5.245  1.00 21.88 ? 109 LEU A CB   1 
ATOM   904  C CG   . LEU A 1 108 ? -1.796  -11.853 -6.735  1.00 21.67 ? 109 LEU A CG   1 
ATOM   905  C CD1  . LEU A 1 108 ? -0.553  -12.144 -7.588  1.00 21.56 ? 109 LEU A CD1  1 
ATOM   906  C CD2  . LEU A 1 108 ? -2.841  -12.963 -6.797  1.00 23.85 ? 109 LEU A CD2  1 
ATOM   907  H H    . LEU A 1 108 ? -0.891  -10.887 -2.890  1.00 0.00  ? 109 LEU A H    1 
ATOM   908  N N    . ASP A 1 109 ? -2.126  -8.669  -5.064  1.00 14.92 ? 110 ASP A N    1 
ATOM   909  C CA   . ASP A 1 109 ? -2.699  -7.462  -5.639  1.00 14.96 ? 110 ASP A CA   1 
ATOM   910  C C    . ASP A 1 109 ? -1.800  -6.257  -5.555  1.00 14.51 ? 110 ASP A C    1 
ATOM   911  O O    . ASP A 1 109 ? -1.745  -5.501  -6.530  1.00 15.19 ? 110 ASP A O    1 
ATOM   912  C CB   . ASP A 1 109 ? -4.027  -7.170  -4.990  1.00 16.94 ? 110 ASP A CB   1 
ATOM   913  C CG   . ASP A 1 109 ? -5.074  -8.200  -5.435  1.00 20.72 ? 110 ASP A CG   1 
ATOM   914  O OD1  . ASP A 1 109 ? -5.046  -8.738  -6.555  1.00 22.01 ? 110 ASP A OD1  1 
ATOM   915  O OD2  . ASP A 1 109 ? -5.938  -8.507  -4.655  1.00 20.19 ? 110 ASP A OD2  1 
ATOM   916  H H    . ASP A 1 109 ? -2.610  -9.099  -4.326  1.00 0.00  ? 110 ASP A H    1 
ATOM   917  N N    . VAL A 1 110 ? -1.026  -6.056  -4.490  1.00 14.83 ? 111 VAL A N    1 
ATOM   918  C CA   . VAL A 1 110 ? -0.068  -4.961  -4.449  1.00 16.30 ? 111 VAL A CA   1 
ATOM   919  C C    . VAL A 1 110 ? 1.008   -5.121  -5.509  1.00 15.82 ? 111 VAL A C    1 
ATOM   920  O O    . VAL A 1 110 ? 1.314   -4.187  -6.239  1.00 15.26 ? 111 VAL A O    1 
ATOM   921  C CB   . VAL A 1 110 ? 0.592   -4.884  -3.048  1.00 15.78 ? 111 VAL A CB   1 
ATOM   922  C CG1  . VAL A 1 110 ? 1.826   -3.951  -3.051  1.00 17.38 ? 111 VAL A CG1  1 
ATOM   923  C CG2  . VAL A 1 110 ? -0.463  -4.377  -2.053  1.00 17.68 ? 111 VAL A CG2  1 
ATOM   924  H H    . VAL A 1 110 ? -1.142  -6.650  -3.719  1.00 0.00  ? 111 VAL A H    1 
ATOM   925  N N    . THR A 1 111 ? 1.581   -6.315  -5.617  1.00 15.34 ? 112 THR A N    1 
ATOM   926  C CA   . THR A 1 111 ? 2.678   -6.559  -6.532  1.00 16.41 ? 112 THR A CA   1 
ATOM   927  C C    . THR A 1 111 ? 2.251   -6.523  -8.025  1.00 15.15 ? 112 THR A C    1 
ATOM   928  O O    . THR A 1 111 ? 2.994   -6.069  -8.903  1.00 15.47 ? 112 THR A O    1 
ATOM   929  C CB   . THR A 1 111 ? 3.310   -7.921  -6.145  1.00 18.22 ? 112 THR A CB   1 
ATOM   930  O OG1  . THR A 1 111 ? 3.572   -7.962  -4.733  1.00 18.79 ? 112 THR A OG1  1 
ATOM   931  C CG2  . THR A 1 111 ? 4.605   -8.097  -6.883  1.00 19.13 ? 112 THR A CG2  1 
ATOM   932  H H    . THR A 1 111 ? 1.281   -7.049  -5.041  1.00 0.00  ? 112 THR A H    1 
ATOM   933  H HG1  . THR A 1 111 ? 2.774   -8.224  -4.279  1.00 0.00  ? 112 THR A HG1  1 
ATOM   934  N N    . ASP A 1 112 ? 1.048   -6.967  -8.334  1.00 17.60 ? 113 ASP A N    1 
ATOM   935  C CA   . ASP A 1 112 ? 0.496   -6.933  -9.676  1.00 17.23 ? 113 ASP A CA   1 
ATOM   936  C C    . ASP A 1 112 ? 0.354   -5.483  -10.158 1.00 17.24 ? 113 ASP A C    1 
ATOM   937  O O    . ASP A 1 112 ? 0.796   -5.089  -11.262 1.00 16.09 ? 113 ASP A O    1 
ATOM   938  C CB   . ASP A 1 112 ? -0.867  -7.625  -9.659  1.00 18.98 ? 113 ASP A CB   1 
ATOM   939  C CG   . ASP A 1 112 ? -1.341  -8.159  -11.004 1.00 21.30 ? 113 ASP A CG   1 
ATOM   940  O OD1  . ASP A 1 112 ? -0.617  -8.074  -11.966 1.00 22.66 ? 113 ASP A OD1  1 
ATOM   941  O OD2  . ASP A 1 112 ? -2.420  -8.730  -11.107 1.00 23.38 ? 113 ASP A OD2  1 
ATOM   942  H H    . ASP A 1 112 ? 0.504   -7.385  -7.633  1.00 0.00  ? 113 ASP A H    1 
ATOM   943  N N    . PHE A 1 113 ? -0.136  -4.637  -9.234  1.00 12.51 ? 114 PHE A N    1 
ATOM   944  C CA   . PHE A 1 113 ? -0.302  -3.217  -9.563  1.00 12.30 ? 114 PHE A CA   1 
ATOM   945  C C    . PHE A 1 113 ? 1.038   -2.536  -9.761  1.00 10.96 ? 114 PHE A C    1 
ATOM   946  O O    . PHE A 1 113 ? 1.238   -1.820  -10.732 1.00 16.08 ? 114 PHE A O    1 
ATOM   947  C CB   . PHE A 1 113 ? -1.097  -2.535  -8.436  1.00 18.24 ? 114 PHE A CB   1 
ATOM   948  C CG   . PHE A 1 113 ? -1.397  -1.040  -8.613  1.00 19.19 ? 114 PHE A CG   1 
ATOM   949  C CD1  . PHE A 1 113 ? -1.802  -0.536  -9.827  1.00 20.21 ? 114 PHE A CD1  1 
ATOM   950  C CD2  . PHE A 1 113 ? -1.299  -0.199  -7.522  1.00 19.45 ? 114 PHE A CD2  1 
ATOM   951  C CE1  . PHE A 1 113 ? -2.108  0.808   -9.933  1.00 21.89 ? 114 PHE A CE1  1 
ATOM   952  C CE2  . PHE A 1 113 ? -1.603  1.129   -7.645  1.00 20.63 ? 114 PHE A CE2  1 
ATOM   953  C CZ   . PHE A 1 113 ? -2.005  1.639   -8.846  1.00 21.02 ? 114 PHE A CZ   1 
ATOM   954  H H    . PHE A 1 113 ? -0.448  -4.987  -8.370  1.00 0.00  ? 114 PHE A H    1 
ATOM   955  N N    . ALA A 1 114 ? 1.995   -2.787  -8.879  1.00 14.44 ? 115 ALA A N    1 
ATOM   956  C CA   . ALA A 1 114 ? 3.331   -2.238  -8.973  1.00 15.55 ? 115 ALA A CA   1 
ATOM   957  C C    . ALA A 1 114 ? 3.996   -2.622  -10.296 1.00 16.18 ? 115 ALA A C    1 
ATOM   958  O O    . ALA A 1 114 ? 4.709   -1.807  -10.894 1.00 17.62 ? 115 ALA A O    1 
ATOM   959  C CB   . ALA A 1 114 ? 4.193   -2.762  -7.845  1.00 17.25 ? 115 ALA A CB   1 
ATOM   960  H H    . ALA A 1 114 ? 1.774   -3.357  -8.109  1.00 0.00  ? 115 ALA A H    1 
ATOM   961  N N    . THR A 1 115 ? 3.786   -3.840  -10.819 1.00 14.83 ? 116 THR A N    1 
ATOM   962  C CA   . THR A 1 115 ? 4.362   -4.214  -12.111 1.00 15.68 ? 116 THR A CA   1 
ATOM   963  C C    . THR A 1 115 ? 3.726   -3.446  -13.253 1.00 14.86 ? 116 THR A C    1 
ATOM   964  O O    . THR A 1 115 ? 4.442   -3.002  -14.155 1.00 23.00 ? 116 THR A O    1 
ATOM   965  C CB   . THR A 1 115 ? 4.197   -5.727  -12.344 1.00 23.91 ? 116 THR A CB   1 
ATOM   966  O OG1  . THR A 1 115 ? 4.813   -6.379  -11.213 1.00 25.84 ? 116 THR A OG1  1 
ATOM   967  C CG2  . THR A 1 115 ? 4.855   -6.189  -13.651 1.00 23.90 ? 116 THR A CG2  1 
ATOM   968  H H    . THR A 1 115 ? 3.247   -4.500  -10.335 1.00 0.00  ? 116 THR A H    1 
ATOM   969  H HG1  . THR A 1 115 ? 4.206   -6.336  -10.461 1.00 0.00  ? 116 THR A HG1  1 
ATOM   970  N N    . ASN A 1 116 ? 2.408   -3.231  -13.212 1.00 15.29 ? 117 ASN A N    1 
ATOM   971  C CA   . ASN A 1 116 ? 1.736   -2.467  -14.262 1.00 16.23 ? 117 ASN A CA   1 
ATOM   972  C C    . ASN A 1 116 ? 2.245   -1.028  -14.339 1.00 17.08 ? 117 ASN A C    1 
ATOM   973  O O    . ASN A 1 116 ? 2.394   -0.468  -15.443 1.00 18.24 ? 117 ASN A O    1 
ATOM   974  C CB   . ASN A 1 116 ? 0.227   -2.483  -14.013 1.00 15.91 ? 117 ASN A CB   1 
ATOM   975  C CG   . ASN A 1 116 ? -0.325  -3.842  -14.404 1.00 17.71 ? 117 ASN A CG   1 
ATOM   976  O OD1  . ASN A 1 116 ? 0.400   -4.641  -15.003 1.00 19.20 ? 117 ASN A OD1  1 
ATOM   977  N ND2  . ASN A 1 116 ? -1.535  -4.264  -14.061 1.00 18.29 ? 117 ASN A ND2  1 
ATOM   978  H H    . ASN A 1 116 ? 1.880   -3.629  -12.485 1.00 0.00  ? 117 ASN A H    1 
ATOM   979  H HD21 . ASN A 1 116 ? -1.802  -5.165  -14.345 1.00 0.00  ? 117 ASN A HD21 1 
ATOM   980  H HD22 . ASN A 1 116 ? -2.107  -3.695  -13.514 1.00 0.00  ? 117 ASN A HD22 1 
ATOM   981  N N    . ILE A 1 117 ? 2.526   -0.424  -13.161 1.00 22.11 ? 118 ILE A N    1 
ATOM   982  C CA   . ILE A 1 117 ? 3.103   0.925   -13.084 1.00 22.66 ? 118 ILE A CA   1 
ATOM   983  C C    . ILE A 1 117 ? 4.472   0.911   -13.754 1.00 22.98 ? 118 ILE A C    1 
ATOM   984  O O    . ILE A 1 117 ? 4.713   1.742   -14.623 1.00 17.96 ? 118 ILE A O    1 
ATOM   985  C CB   . ILE A 1 117 ? 3.216   1.411   -11.576 1.00 17.28 ? 118 ILE A CB   1 
ATOM   986  C CG1  . ILE A 1 117 ? 1.799   1.596   -11.021 1.00 15.63 ? 118 ILE A CG1  1 
ATOM   987  C CG2  . ILE A 1 117 ? 4.042   2.696   -11.434 1.00 16.17 ? 118 ILE A CG2  1 
ATOM   988  C CD1  . ILE A 1 117 ? 0.922   2.641   -11.727 1.00 17.52 ? 118 ILE A CD1  1 
ATOM   989  H H    . ILE A 1 117 ? 2.347   -0.910  -12.328 1.00 0.00  ? 118 ILE A H    1 
ATOM   990  N N    . TRP A 1 118 ? 5.353   -0.047  -13.464 1.00 18.76 ? 119 TRP A N    1 
ATOM   991  C CA   . TRP A 1 118 ? 6.693   -0.129  -14.083 1.00 20.80 ? 119 TRP A CA   1 
ATOM   992  C C    . TRP A 1 118 ? 6.627   -0.203  -15.610 1.00 20.70 ? 119 TRP A C    1 
ATOM   993  O O    . TRP A 1 118 ? 7.324   0.524   -16.319 1.00 24.80 ? 119 TRP A O    1 
ATOM   994  C CB   . TRP A 1 118 ? 7.423   -1.368  -13.542 1.00 27.55 ? 119 TRP A CB   1 
ATOM   995  C CG   . TRP A 1 118 ? 8.929   -1.377  -13.790 1.00 30.63 ? 119 TRP A CG   1 
ATOM   996  C CD1  . TRP A 1 118 ? 9.791   -0.869  -12.858 1.00 31.73 ? 119 TRP A CD1  1 
ATOM   997  C CD2  . TRP A 1 118 ? 9.570   -1.873  -14.898 1.00 33.91 ? 119 TRP A CD2  1 
ATOM   998  N NE1  . TRP A 1 118 ? 10.984  -1.041  -13.371 1.00 33.43 ? 119 TRP A NE1  1 
ATOM   999  C CE2  . TRP A 1 118 ? 10.903  -1.631  -14.581 1.00 34.45 ? 119 TRP A CE2  1 
ATOM   1000 C CE3  . TRP A 1 118 ? 9.222   -2.476  -16.101 1.00 37.16 ? 119 TRP A CE3  1 
ATOM   1001 C CZ2  . TRP A 1 118 ? 11.905  -1.989  -15.465 1.00 37.14 ? 119 TRP A CZ2  1 
ATOM   1002 C CZ3  . TRP A 1 118 ? 10.227  -2.833  -16.989 1.00 37.41 ? 119 TRP A CZ3  1 
ATOM   1003 C CH2  . TRP A 1 118 ? 11.556  -2.593  -16.671 1.00 37.73 ? 119 TRP A CH2  1 
ATOM   1004 H H    . TRP A 1 118 ? 5.105   -0.722  -12.798 1.00 0.00  ? 119 TRP A H    1 
ATOM   1005 H HE1  . TRP A 1 118 ? 11.821  -0.841  -12.874 1.00 0.00  ? 119 TRP A HE1  1 
ATOM   1006 N N    . LEU A 1 119 ? 5.771   -1.083  -16.121 1.00 18.47 ? 120 LEU A N    1 
ATOM   1007 C CA   . LEU A 1 119 ? 5.566   -1.231  -17.550 1.00 19.76 ? 120 LEU A CA   1 
ATOM   1008 C C    . LEU A 1 119 ? 5.050   0.055   -18.201 1.00 20.28 ? 120 LEU A C    1 
ATOM   1009 O O    . LEU A 1 119 ? 5.479   0.391   -19.300 1.00 24.33 ? 120 LEU A O    1 
ATOM   1010 C CB   . LEU A 1 119 ? 4.581   -2.386  -17.778 1.00 23.84 ? 120 LEU A CB   1 
ATOM   1011 C CG   . LEU A 1 119 ? 5.013   -3.862  -18.091 1.00 24.31 ? 120 LEU A CG   1 
ATOM   1012 C CD1  . LEU A 1 119 ? 6.350   -4.304  -17.474 1.00 24.64 ? 120 LEU A CD1  1 
ATOM   1013 C CD2  . LEU A 1 119 ? 3.868   -4.724  -17.601 1.00 23.84 ? 120 LEU A CD2  1 
ATOM   1014 H H    . LEU A 1 119 ? 5.268   -1.659  -15.507 1.00 0.00  ? 120 LEU A H    1 
ATOM   1015 N N    . GLN A 1 120 ? 4.168   0.837   -17.551 1.00 19.09 ? 121 GLN A N    1 
ATOM   1016 C CA   . GLN A 1 120 ? 3.688   2.106   -18.110 1.00 19.50 ? 121 GLN A CA   1 
ATOM   1017 C C    . GLN A 1 120 ? 4.815   3.119   -18.135 1.00 19.66 ? 121 GLN A C    1 
ATOM   1018 O O    . GLN A 1 120 ? 4.949   3.885   -19.091 1.00 23.90 ? 121 GLN A O    1 
ATOM   1019 C CB   . GLN A 1 120 ? 2.529   2.649   -17.287 1.00 24.46 ? 121 GLN A CB   1 
ATOM   1020 C CG   . GLN A 1 120 ? 1.861   3.898   -17.854 1.00 28.37 ? 121 GLN A CG   1 
ATOM   1021 C CD   . GLN A 1 120 ? 1.372   3.781   -19.301 1.00 30.53 ? 121 GLN A CD   1 
ATOM   1022 O OE1  . GLN A 1 120 ? 0.343   3.188   -19.628 1.00 31.60 ? 121 GLN A OE1  1 
ATOM   1023 N NE2  . GLN A 1 120 ? 2.138   4.367   -20.203 1.00 32.48 ? 121 GLN A NE2  1 
ATOM   1024 H H    . GLN A 1 120 ? 3.834   0.548   -16.674 1.00 0.00  ? 121 GLN A H    1 
ATOM   1025 H HE21 . GLN A 1 120 ? 1.956   4.254   -21.158 1.00 0.00  ? 121 GLN A HE21 1 
ATOM   1026 H HE22 . GLN A 1 120 ? 2.930   4.838   -19.869 1.00 0.00  ? 121 GLN A HE22 1 
ATOM   1027 N N    . MET A 1 121 ? 5.638   3.128   -17.092 1.00 25.47 ? 122 MET A N    1 
ATOM   1028 C CA   . MET A 1 121 ? 6.806   3.980   -17.037 1.00 26.68 ? 122 MET A CA   1 
ATOM   1029 C C    . MET A 1 121 ? 7.742   3.627   -18.139 1.00 28.41 ? 122 MET A C    1 
ATOM   1030 O O    . MET A 1 121 ? 8.260   4.529   -18.773 1.00 28.05 ? 122 MET A O    1 
ATOM   1031 C CB   . MET A 1 121 ? 7.544   3.819   -15.773 1.00 24.35 ? 122 MET A CB   1 
ATOM   1032 C CG   . MET A 1 121 ? 6.847   4.550   -14.682 1.00 25.33 ? 122 MET A CG   1 
ATOM   1033 S SD   . MET A 1 121 ? 7.788   4.454   -13.152 1.00 26.73 ? 122 MET A SD   1 
ATOM   1034 C CE   . MET A 1 121 ? 8.922   5.789   -13.412 1.00 23.94 ? 122 MET A CE   1 
ATOM   1035 H H    . MET A 1 121 ? 5.461   2.547   -16.323 1.00 0.00  ? 122 MET A H    1 
ATOM   1036 N N    . GLU A 1 122 ? 7.979   2.346   -18.402 1.00 21.41 ? 123 GLU A N    1 
ATOM   1037 C CA   . GLU A 1 122 ? 8.766   1.922   -19.535 1.00 23.35 ? 123 GLU A CA   1 
ATOM   1038 C C    . GLU A 1 122 ? 8.140   2.413   -20.852 1.00 25.04 ? 123 GLU A C    1 
ATOM   1039 O O    . GLU A 1 122 ? 8.825   3.076   -21.631 1.00 41.41 ? 123 GLU A O    1 
ATOM   1040 C CB   . GLU A 1 122 ? 8.854   0.389   -19.529 1.00 39.39 ? 123 GLU A CB   1 
ATOM   1041 H H    . GLU A 1 122 ? 7.583   1.662   -17.825 1.00 0.00  ? 123 GLU A H    1 
ATOM   1042 N N    . ASP A 1 123 ? 6.859   2.230   -21.163 1.00 25.97 ? 124 ASP A N    1 
ATOM   1043 C CA   . ASP A 1 123 ? 6.305   2.737   -22.418 1.00 27.81 ? 124 ASP A CA   1 
ATOM   1044 C C    . ASP A 1 123 ? 6.251   4.268   -22.603 1.00 28.96 ? 124 ASP A C    1 
ATOM   1045 O O    . ASP A 1 123 ? 5.994   4.769   -23.705 1.00 43.92 ? 124 ASP A O    1 
ATOM   1046 C CB   . ASP A 1 123 ? 4.907   2.130   -22.577 1.00 43.40 ? 124 ASP A CB   1 
ATOM   1047 C CG   . ASP A 1 123 ? 4.955   0.598   -22.642 1.00 46.86 ? 124 ASP A CG   1 
ATOM   1048 O OD1  . ASP A 1 123 ? 5.923   0.027   -23.188 1.00 46.86 ? 124 ASP A OD1  1 
ATOM   1049 O OD2  . ASP A 1 123 ? 4.028   -0.045  -22.146 1.00 47.82 ? 124 ASP A OD2  1 
ATOM   1050 H H    . ASP A 1 123 ? 6.284   1.672   -20.592 1.00 0.00  ? 124 ASP A H    1 
ATOM   1051 N N    . LEU A 1 124 ? 6.488   5.002   -21.506 1.00 30.80 ? 125 LEU A N    1 
ATOM   1052 C CA   . LEU A 1 124 ? 6.503   6.461   -21.432 1.00 31.97 ? 125 LEU A CA   1 
ATOM   1053 C C    . LEU A 1 124 ? 7.947   7.035   -21.379 1.00 33.03 ? 125 LEU A C    1 
ATOM   1054 O O    . LEU A 1 124 ? 8.240   8.033   -22.054 1.00 38.37 ? 125 LEU A O    1 
ATOM   1055 C CB   . LEU A 1 124 ? 5.720   6.874   -20.162 1.00 37.28 ? 125 LEU A CB   1 
ATOM   1056 C CG   . LEU A 1 124 ? 4.421   7.733   -20.051 1.00 36.88 ? 125 LEU A CG   1 
ATOM   1057 C CD1  . LEU A 1 124 ? 3.399   7.443   -21.121 1.00 37.87 ? 125 LEU A CD1  1 
ATOM   1058 C CD2  . LEU A 1 124 ? 3.765   7.396   -18.726 1.00 34.99 ? 125 LEU A CD2  1 
ATOM   1059 H H    . LEU A 1 124 ? 6.647   4.502   -20.682 1.00 0.00  ? 125 LEU A H    1 
ATOM   1060 N N    . GLY A 1 125 ? 8.832   6.510   -20.509 1.00 50.93 ? 126 GLY A N    1 
ATOM   1061 C CA   . GLY A 1 125 ? 10.228  6.932   -20.295 1.00 51.25 ? 126 GLY A CA   1 
ATOM   1062 C C    . GLY A 1 125 ? 10.728  6.679   -18.833 1.00 52.36 ? 126 GLY A C    1 
ATOM   1063 O O    . GLY A 1 125 ? 10.141  7.219   -17.883 1.00 37.35 ? 126 GLY A O    1 
ATOM   1064 H H    . GLY A 1 125 ? 8.497   5.791   -19.965 1.00 0.00  ? 126 GLY A H    1 
ATOM   1065 N N    . ALA A 1 126 ? 11.760  5.775   -18.724 1.00 49.07 ? 127 ALA A N    1 
ATOM   1066 C CA   . ALA A 1 126 ? 12.689  5.319   -17.614 1.00 50.07 ? 127 ALA A CA   1 
ATOM   1067 C C    . ALA A 1 126 ? 12.498  4.864   -16.125 1.00 51.50 ? 127 ALA A C    1 
ATOM   1068 O O    . ALA A 1 126 ? 13.062  5.481   -15.197 1.00 37.12 ? 127 ALA A O    1 
ATOM   1069 C CB   . ALA A 1 126 ? 13.822  6.374   -17.559 1.00 33.17 ? 127 ALA A CB   1 
ATOM   1070 H H    . ALA A 1 126 ? 11.916  5.315   -19.566 1.00 0.00  ? 127 ALA A H    1 
ATOM   1071 N N    . ALA A 1 127 ? 11.808  3.748   -15.787 1.00 51.74 ? 128 ALA A N    1 
ATOM   1072 C CA   . ALA A 1 127 ? 11.709  3.314   -14.368 1.00 53.42 ? 128 ALA A CA   1 
ATOM   1073 C C    . ALA A 1 127 ? 12.940  2.575   -13.851 1.00 55.29 ? 128 ALA A C    1 
ATOM   1074 O O    . ALA A 1 127 ? 13.773  2.079   -14.617 1.00 40.22 ? 128 ALA A O    1 
ATOM   1075 C CB   . ALA A 1 127 ? 10.551  2.358   -14.106 1.00 35.83 ? 128 ALA A CB   1 
ATOM   1076 H H    . ALA A 1 127 ? 11.466  3.148   -16.486 1.00 0.00  ? 128 ALA A H    1 
ATOM   1077 N N    . PRO A 1 128 ? 13.139  2.606   -12.539 1.00 69.77 ? 129 PRO A N    1 
ATOM   1078 C CA   . PRO A 1 128 ? 13.768  1.497   -11.803 1.00 70.51 ? 129 PRO A CA   1 
ATOM   1079 C C    . PRO A 1 128 ? 12.820  0.457   -11.181 1.00 71.56 ? 129 PRO A C    1 
ATOM   1080 O O    . PRO A 1 128 ? 11.761  0.813   -10.630 1.00 73.61 ? 129 PRO A O    1 
ATOM   1081 C CB   . PRO A 1 128 ? 14.615  2.198   -10.781 1.00 72.87 ? 129 PRO A CB   1 
ATOM   1082 C CG   . PRO A 1 128 ? 13.848  3.463   -10.488 1.00 72.49 ? 129 PRO A CG   1 
ATOM   1083 C CD   . PRO A 1 128 ? 13.334  3.874   -11.848 1.00 71.80 ? 129 PRO A CD   1 
ATOM   1084 N N    . ALA A 1 136 ? 16.915  -1.087  6.352   1.00 32.79 ? 137 ALA A N    1 
ATOM   1085 C CA   . ALA A 1 136 ? 15.692  -0.436  5.949   1.00 31.97 ? 137 ALA A CA   1 
ATOM   1086 C C    . ALA A 1 136 ? 14.386  -0.969  6.516   1.00 31.07 ? 137 ALA A C    1 
ATOM   1087 O O    . ALA A 1 136 ? 13.414  -0.229  6.505   1.00 32.86 ? 137 ALA A O    1 
ATOM   1088 C CB   . ALA A 1 136 ? 15.547  -0.458  4.431   1.00 34.55 ? 137 ALA A CB   1 
ATOM   1089 N N    . MET A 1 137 ? 14.255  -2.195  7.030   1.00 28.61 ? 138 MET A N    1 
ATOM   1090 C CA   . MET A 1 137 ? 12.938  -2.690  7.406   1.00 27.20 ? 138 MET A CA   1 
ATOM   1091 C C    . MET A 1 137 ? 12.856  -2.950  8.894   1.00 24.94 ? 138 MET A C    1 
ATOM   1092 O O    . MET A 1 137 ? 13.808  -3.475  9.474   1.00 26.10 ? 138 MET A O    1 
ATOM   1093 C CB   . MET A 1 137 ? 12.581  -4.017  6.677   1.00 32.12 ? 138 MET A CB   1 
ATOM   1094 C CG   . MET A 1 137 ? 12.056  -4.042  5.204   1.00 35.43 ? 138 MET A CG   1 
ATOM   1095 S SD   . MET A 1 137 ? 10.592  -3.046  4.766   1.00 38.70 ? 138 MET A SD   1 
ATOM   1096 C CE   . MET A 1 137 ? 11.474  -1.964  3.681   1.00 37.43 ? 138 MET A CE   1 
ATOM   1097 H H    . MET A 1 137 ? 15.016  -2.798  7.144   1.00 0.00  ? 138 MET A H    1 
ATOM   1098 N N    . PRO A 1 138 ? 11.743  -2.584  9.533   1.00 23.57 ? 139 PRO A N    1 
ATOM   1099 C CA   . PRO A 1 138 ? 11.368  -3.039  10.874  1.00 22.64 ? 139 PRO A CA   1 
ATOM   1100 C C    . PRO A 1 138 ? 11.099  -4.540  10.882  1.00 22.46 ? 139 PRO A C    1 
ATOM   1101 O O    . PRO A 1 138 ? 10.748  -5.156  9.864   1.00 21.04 ? 139 PRO A O    1 
ATOM   1102 C CB   . PRO A 1 138 ? 10.146  -2.233  11.203  1.00 21.10 ? 139 PRO A CB   1 
ATOM   1103 C CG   . PRO A 1 138 ? 9.454   -2.072  9.881   1.00 21.92 ? 139 PRO A CG   1 
ATOM   1104 C CD   . PRO A 1 138 ? 10.617  -1.848  8.906   1.00 22.76 ? 139 PRO A CD   1 
ATOM   1105 N N    . THR A 1 139 ? 11.293  -5.113  12.052  1.00 25.47 ? 140 THR A N    1 
ATOM   1106 C CA   . THR A 1 139 ? 11.013  -6.534  12.297  1.00 26.18 ? 140 THR A CA   1 
ATOM   1107 C C    . THR A 1 139 ? 9.720   -6.605  13.109  1.00 25.69 ? 140 THR A C    1 
ATOM   1108 O O    . THR A 1 139 ? 9.443   -5.685  13.894  1.00 33.05 ? 140 THR A O    1 
ATOM   1109 C CB   . THR A 1 139 ? 12.112  -7.178  13.138  1.00 33.41 ? 140 THR A CB   1 
ATOM   1110 H H    . THR A 1 139 ? 11.553  -4.556  12.814  1.00 0.00  ? 140 THR A H    1 
ATOM   1111 N N    . PHE A 1 140 ? 8.909   -7.652  12.987  1.00 17.95 ? 141 PHE A N    1 
ATOM   1112 C CA   . PHE A 1 140 ? 7.739   -7.806  13.807  1.00 16.07 ? 141 PHE A CA   1 
ATOM   1113 C C    . PHE A 1 140 ? 7.878   -9.192  14.415  1.00 16.58 ? 141 PHE A C    1 
ATOM   1114 O O    . PHE A 1 140 ? 7.617   -10.218 13.807  1.00 19.30 ? 141 PHE A O    1 
ATOM   1115 C CB   . PHE A 1 140 ? 6.537   -7.676  12.928  1.00 20.03 ? 141 PHE A CB   1 
ATOM   1116 C CG   . PHE A 1 140 ? 6.451   -6.313  12.237  1.00 20.08 ? 141 PHE A CG   1 
ATOM   1117 C CD1  . PHE A 1 140 ? 5.927   -5.217  12.919  1.00 21.14 ? 141 PHE A CD1  1 
ATOM   1118 C CD2  . PHE A 1 140 ? 6.870   -6.178  10.918  1.00 19.68 ? 141 PHE A CD2  1 
ATOM   1119 C CE1  . PHE A 1 140 ? 5.812   -3.992  12.274  1.00 21.87 ? 141 PHE A CE1  1 
ATOM   1120 C CE2  . PHE A 1 140 ? 6.751   -4.954  10.285  1.00 20.25 ? 141 PHE A CE2  1 
ATOM   1121 C CZ   . PHE A 1 140 ? 6.222   -3.860  10.964  1.00 20.24 ? 141 PHE A CZ   1 
ATOM   1122 H H    . PHE A 1 140 ? 9.099   -8.346  12.322  1.00 0.00  ? 141 PHE A H    1 
ATOM   1123 N N    . THR A 1 141 ? 8.336   -9.199  15.647  1.00 23.19 ? 142 THR A N    1 
ATOM   1124 C CA   . THR A 1 141 ? 8.720   -10.417 16.349  1.00 24.58 ? 142 THR A CA   1 
ATOM   1125 C C    . THR A 1 141 ? 7.614   -11.071 17.180  1.00 24.38 ? 142 THR A C    1 
ATOM   1126 O O    . THR A 1 141 ? 7.443   -12.308 17.164  1.00 33.09 ? 142 THR A O    1 
ATOM   1127 C CB   . THR A 1 141 ? 9.932   -10.092 17.259  1.00 31.34 ? 142 THR A CB   1 
ATOM   1128 H H    . THR A 1 141 ? 8.350   -8.351  16.140  1.00 0.00  ? 142 THR A H    1 
ATOM   1129 N N    . SER A 1 142 ? 6.797   -10.306 17.891  1.00 20.56 ? 143 SER A N    1 
ATOM   1130 C CA   . SER A 1 142 ? 5.795   -10.921 18.719  1.00 19.23 ? 143 SER A CA   1 
ATOM   1131 C C    . SER A 1 142 ? 4.476   -10.973 17.991  1.00 18.55 ? 143 SER A C    1 
ATOM   1132 O O    . SER A 1 142 ? 4.300   -10.347 16.920  1.00 19.75 ? 143 SER A O    1 
ATOM   1133 C CB   . SER A 1 142 ? 5.678   -10.127 19.998  1.00 20.49 ? 143 SER A CB   1 
ATOM   1134 O OG   . SER A 1 142 ? 5.339   -8.773  19.724  1.00 20.19 ? 143 SER A OG   1 
ATOM   1135 H H    . SER A 1 142 ? 6.844   -9.327  17.869  1.00 0.00  ? 143 SER A H    1 
ATOM   1136 H HG   . SER A 1 142 ? 5.309   -8.315  20.590  1.00 0.00  ? 143 SER A HG   1 
ATOM   1137 N N    . ALA A 1 143 ? 3.555   -11.762 18.551  1.00 18.12 ? 144 ALA A N    1 
ATOM   1138 C CA   . ALA A 1 143 ? 2.221   -11.870 18.015  1.00 18.39 ? 144 ALA A CA   1 
ATOM   1139 C C    . ALA A 1 143 ? 1.569   -10.475 17.962  1.00 19.54 ? 144 ALA A C    1 
ATOM   1140 O O    . ALA A 1 143 ? 1.032   -10.076 16.907  1.00 16.73 ? 144 ALA A O    1 
ATOM   1141 C CB   . ALA A 1 143 ? 1.366   -12.786 18.897  1.00 14.80 ? 144 ALA A CB   1 
ATOM   1142 H H    . ALA A 1 143 ? 3.783   -12.257 19.373  1.00 0.00  ? 144 ALA A H    1 
ATOM   1143 N N    . PHE A 1 144 ? 1.678   -9.674  19.058  1.00 20.60 ? 145 PHE A N    1 
ATOM   1144 C CA   . PHE A 1 144 ? 1.067   -8.338  19.061  1.00 20.61 ? 145 PHE A CA   1 
ATOM   1145 C C    . PHE A 1 144 ? 1.698   -7.461  18.000  1.00 19.49 ? 145 PHE A C    1 
ATOM   1146 O O    . PHE A 1 144 ? 0.959   -6.811  17.254  1.00 18.84 ? 145 PHE A O    1 
ATOM   1147 C CB   . PHE A 1 144 ? 1.190   -7.594  20.415  1.00 18.51 ? 145 PHE A CB   1 
ATOM   1148 C CG   . PHE A 1 144 ? 0.405   -6.266  20.374  1.00 20.11 ? 145 PHE A CG   1 
ATOM   1149 C CD1  . PHE A 1 144 ? -0.984  -6.260  20.245  1.00 20.07 ? 145 PHE A CD1  1 
ATOM   1150 C CD2  . PHE A 1 144 ? 1.086   -5.048  20.438  1.00 20.28 ? 145 PHE A CD2  1 
ATOM   1151 C CE1  . PHE A 1 144 ? -1.681  -5.050  20.156  1.00 20.27 ? 145 PHE A CE1  1 
ATOM   1152 C CE2  . PHE A 1 144 ? 0.373   -3.852  20.353  1.00 20.52 ? 145 PHE A CE2  1 
ATOM   1153 C CZ   . PHE A 1 144 ? -1.008  -3.853  20.216  1.00 18.92 ? 145 PHE A CZ   1 
ATOM   1154 H H    . PHE A 1 144 ? 2.135   -10.001 19.865  1.00 0.00  ? 145 PHE A H    1 
ATOM   1155 N N    . GLN A 1 145 ? 3.028   -7.445  17.896  1.00 16.60 ? 146 GLN A N    1 
ATOM   1156 C CA   . GLN A 1 145 ? 3.676   -6.687  16.862  1.00 17.26 ? 146 GLN A CA   1 
ATOM   1157 C C    . GLN A 1 145 ? 3.199   -7.043  15.482  1.00 17.92 ? 146 GLN A C    1 
ATOM   1158 O O    . GLN A 1 145 ? 2.963   -6.104  14.706  1.00 22.25 ? 146 GLN A O    1 
ATOM   1159 C CB   . GLN A 1 145 ? 5.151   -6.865  16.878  1.00 23.30 ? 146 GLN A CB   1 
ATOM   1160 C CG   . GLN A 1 145 ? 5.675   -6.072  18.038  1.00 26.37 ? 146 GLN A CG   1 
ATOM   1161 C CD   . GLN A 1 145 ? 7.151   -6.214  18.221  1.00 27.77 ? 146 GLN A CD   1 
ATOM   1162 O OE1  . GLN A 1 145 ? 7.814   -7.097  17.686  1.00 30.21 ? 146 GLN A OE1  1 
ATOM   1163 N NE2  . GLN A 1 145 ? 7.710   -5.354  19.027  1.00 31.63 ? 146 GLN A NE2  1 
ATOM   1164 H H    . GLN A 1 145 ? 3.573   -7.942  18.547  1.00 0.00  ? 146 GLN A H    1 
ATOM   1165 H HE21 . GLN A 1 145 ? 8.679   -5.382  19.106  1.00 0.00  ? 146 GLN A HE21 1 
ATOM   1166 H HE22 . GLN A 1 145 ? 7.139   -4.717  19.508  1.00 0.00  ? 146 GLN A HE22 1 
ATOM   1167 N N    . ARG A 1 146 ? 3.003   -8.342  15.179  1.00 17.16 ? 147 ARG A N    1 
ATOM   1168 C CA   . ARG A 1 146 ? 2.533   -8.763  13.876  1.00 16.37 ? 147 ARG A CA   1 
ATOM   1169 C C    . ARG A 1 146 ? 1.079   -8.376  13.644  1.00 16.87 ? 147 ARG A C    1 
ATOM   1170 O O    . ARG A 1 146 ? 0.701   -7.913  12.552  1.00 16.87 ? 147 ARG A O    1 
ATOM   1171 C CB   . ARG A 1 146 ? 2.682   -10.259 13.744  1.00 16.88 ? 147 ARG A CB   1 
ATOM   1172 C CG   . ARG A 1 146 ? 4.111   -10.730 13.639  1.00 21.40 ? 147 ARG A CG   1 
ATOM   1173 C CD   . ARG A 1 146 ? 4.110   -12.250 13.384  1.00 25.91 ? 147 ARG A CD   1 
ATOM   1174 N NE   . ARG A 1 146 ? 4.927   -12.871 14.417  1.00 33.40 ? 147 ARG A NE   1 
ATOM   1175 C CZ   . ARG A 1 146 ? 4.494   -13.853 15.274  1.00 35.70 ? 147 ARG A CZ   1 
ATOM   1176 N NH1  . ARG A 1 146 ? 3.251   -14.366 15.187  1.00 37.02 ? 147 ARG A NH1  1 
ATOM   1177 N NH2  . ARG A 1 146 ? 5.257   -14.169 16.351  1.00 37.62 ? 147 ARG A NH2  1 
ATOM   1178 H H    . ARG A 1 146 ? 3.154   -9.028  15.867  1.00 0.00  ? 147 ARG A H    1 
ATOM   1179 H HE   . ARG A 1 146 ? 5.882   -12.631 14.389  1.00 0.00  ? 147 ARG A HE   1 
ATOM   1180 H HH11 . ARG A 1 146 ? 2.679   -14.091 14.417  1.00 0.00  ? 147 ARG A HH11 1 
ATOM   1181 H HH12 . ARG A 1 146 ? 2.911   -15.137 15.741  1.00 0.00  ? 147 ARG A HH12 1 
ATOM   1182 H HH21 . ARG A 1 146 ? 6.136   -13.690 16.520  1.00 0.00  ? 147 ARG A HH21 1 
ATOM   1183 H HH22 . ARG A 1 146 ? 5.052   -14.973 16.907  1.00 0.00  ? 147 ARG A HH22 1 
ATOM   1184 N N    . ARG A 1 147 ? 0.214   -8.517  14.660  1.00 15.87 ? 148 ARG A N    1 
ATOM   1185 C CA   . ARG A 1 147 ? -1.196  -8.232  14.468  1.00 16.67 ? 148 ARG A CA   1 
ATOM   1186 C C    . ARG A 1 147 ? -1.419  -6.725  14.372  1.00 16.54 ? 148 ARG A C    1 
ATOM   1187 O O    . ARG A 1 147 ? -2.159  -6.251  13.517  1.00 19.60 ? 148 ARG A O    1 
ATOM   1188 C CB   . ARG A 1 147 ? -2.018  -8.805  15.632  1.00 19.34 ? 148 ARG A CB   1 
ATOM   1189 C CG   . ARG A 1 147 ? -2.028  -10.303 15.725  1.00 19.28 ? 148 ARG A CG   1 
ATOM   1190 C CD   . ARG A 1 147 ? -2.598  -10.690 17.080  1.00 21.69 ? 148 ARG A CD   1 
ATOM   1191 N NE   . ARG A 1 147 ? -2.422  -12.121 17.263  1.00 22.82 ? 148 ARG A NE   1 
ATOM   1192 C CZ   . ARG A 1 147 ? -3.018  -12.845 18.240  1.00 23.81 ? 148 ARG A CZ   1 
ATOM   1193 N NH1  . ARG A 1 147 ? -3.824  -12.269 19.155  1.00 22.38 ? 148 ARG A NH1  1 
ATOM   1194 N NH2  . ARG A 1 147 ? -2.837  -14.169 18.232  1.00 23.60 ? 148 ARG A NH2  1 
ATOM   1195 H H    . ARG A 1 147 ? 0.534   -8.828  15.533  1.00 0.00  ? 148 ARG A H    1 
ATOM   1196 H HE   . ARG A 1 147 ? -1.751  -12.550 16.687  1.00 0.00  ? 148 ARG A HE   1 
ATOM   1197 H HH11 . ARG A 1 147 ? -3.948  -11.276 19.198  1.00 0.00  ? 148 ARG A HH11 1 
ATOM   1198 H HH12 . ARG A 1 147 ? -4.343  -12.840 19.812  1.00 0.00  ? 148 ARG A HH12 1 
ATOM   1199 H HH21 . ARG A 1 147 ? -2.272  -14.607 17.510  1.00 0.00  ? 148 ARG A HH21 1 
ATOM   1200 H HH22 . ARG A 1 147 ? -3.221  -14.769 18.935  1.00 0.00  ? 148 ARG A HH22 1 
ATOM   1201 N N    . ALA A 1 148 ? -0.761  -5.922  15.200  1.00 14.34 ? 149 ALA A N    1 
ATOM   1202 C CA   . ALA A 1 148 ? -0.939  -4.489  15.143  1.00 15.46 ? 149 ALA A CA   1 
ATOM   1203 C C    . ALA A 1 148 ? -0.287  -3.948  13.885  1.00 15.27 ? 149 ALA A C    1 
ATOM   1204 O O    . ALA A 1 148 ? -0.811  -3.025  13.277  1.00 20.74 ? 149 ALA A O    1 
ATOM   1205 C CB   . ALA A 1 148 ? -0.293  -3.842  16.354  1.00 22.16 ? 149 ALA A CB   1 
ATOM   1206 H H    . ALA A 1 148 ? -0.141  -6.306  15.844  1.00 0.00  ? 149 ALA A H    1 
ATOM   1207 N N    . GLY A 1 149 ? 0.880   -4.475  13.493  1.00 19.44 ? 150 GLY A N    1 
ATOM   1208 C CA   . GLY A 1 149 ? 1.541   -4.130  12.222  1.00 19.14 ? 150 GLY A CA   1 
ATOM   1209 C C    . GLY A 1 149 ? 0.585   -4.337  11.063  1.00 19.00 ? 150 GLY A C    1 
ATOM   1210 O O    . GLY A 1 149 ? 0.462   -3.457  10.213  1.00 19.05 ? 150 GLY A O    1 
ATOM   1211 H H    . GLY A 1 149 ? 1.355   -5.097  14.082  1.00 0.00  ? 150 GLY A H    1 
ATOM   1212 N N    . GLY A 1 150 ? -0.196  -5.427  11.065  1.00 16.21 ? 151 GLY A N    1 
ATOM   1213 C CA   . GLY A 1 150 ? -1.158  -5.678  10.018  1.00 17.15 ? 151 GLY A CA   1 
ATOM   1214 C C    . GLY A 1 150 ? -2.241  -4.590  9.954   1.00 17.84 ? 151 GLY A C    1 
ATOM   1215 O O    . GLY A 1 150 ? -2.548  -4.073  8.867   1.00 17.62 ? 151 GLY A O    1 
ATOM   1216 H H    . GLY A 1 150 ? -0.096  -6.092  11.780  1.00 0.00  ? 151 GLY A H    1 
ATOM   1217 N N    . VAL A 1 151 ? -2.827  -4.155  11.077  1.00 21.56 ? 152 VAL A N    1 
ATOM   1218 C CA   . VAL A 1 151 ? -3.858  -3.128  10.923  1.00 22.13 ? 152 VAL A CA   1 
ATOM   1219 C C    . VAL A 1 151 ? -3.215  -1.771  10.569  1.00 21.26 ? 152 VAL A C    1 
ATOM   1220 O O    . VAL A 1 151 ? -3.778  -1.055  9.741   1.00 22.37 ? 152 VAL A O    1 
ATOM   1221 C CB   . VAL A 1 151 ? -4.862  -3.048  12.216  1.00 24.09 ? 152 VAL A CB   1 
ATOM   1222 C CG1  . VAL A 1 151 ? -4.488  -4.052  13.297  1.00 21.72 ? 152 VAL A CG1  1 
ATOM   1223 C CG2  . VAL A 1 151 ? -4.938  -1.623  12.758  1.00 24.23 ? 152 VAL A CG2  1 
ATOM   1224 H H    . VAL A 1 151 ? -2.524  -4.479  11.950  1.00 0.00  ? 152 VAL A H    1 
ATOM   1225 N N    . LEU A 1 152 ? -1.997  -1.411  10.988  1.00 15.92 ? 153 LEU A N    1 
ATOM   1226 C CA   . LEU A 1 152 ? -1.422  -0.116  10.576  1.00 16.34 ? 153 LEU A CA   1 
ATOM   1227 C C    . LEU A 1 152 ? -0.978  -0.045  9.109   1.00 16.11 ? 153 LEU A C    1 
ATOM   1228 O O    . LEU A 1 152 ? -1.223  0.971   8.432   1.00 18.64 ? 153 LEU A O    1 
ATOM   1229 C CB   . LEU A 1 152 ? -0.230  0.256   11.467  1.00 19.75 ? 153 LEU A CB   1 
ATOM   1230 C CG   . LEU A 1 152 ? -0.601  0.562   12.927  1.00 21.83 ? 153 LEU A CG   1 
ATOM   1231 C CD1  . LEU A 1 152 ? 0.566   1.210   13.626  1.00 23.89 ? 153 LEU A CD1  1 
ATOM   1232 C CD2  . LEU A 1 152 ? -1.794  1.512   12.995  1.00 23.14 ? 153 LEU A CD2  1 
ATOM   1233 H H    . LEU A 1 152 ? -1.497  -1.991  11.605  1.00 0.00  ? 153 LEU A H    1 
ATOM   1234 N N    . VAL A 1 153 ? -0.326  -1.108  8.608   1.00 17.18 ? 154 VAL A N    1 
ATOM   1235 C CA   . VAL A 1 153 ? 0.072   -1.178  7.199   1.00 18.19 ? 154 VAL A CA   1 
ATOM   1236 C C    . VAL A 1 153 ? -1.162  -1.116  6.306   1.00 18.86 ? 154 VAL A C    1 
ATOM   1237 O O    . VAL A 1 153 ? -1.133  -0.391  5.302   1.00 19.27 ? 154 VAL A O    1 
ATOM   1238 C CB   . VAL A 1 153 ? 0.841   -2.479  6.877   1.00 18.18 ? 154 VAL A CB   1 
ATOM   1239 C CG1  . VAL A 1 153 ? 1.232   -2.564  5.384   1.00 18.08 ? 154 VAL A CG1  1 
ATOM   1240 C CG2  . VAL A 1 153 ? 2.103   -2.491  7.707   1.00 19.72 ? 154 VAL A CG2  1 
ATOM   1241 H H    . VAL A 1 153 ? -0.148  -1.874  9.197   1.00 0.00  ? 154 VAL A H    1 
ATOM   1242 N N    . ALA A 1 154 ? -2.283  -1.798  6.639   1.00 18.86 ? 155 ALA A N    1 
ATOM   1243 C CA   . ALA A 1 154 ? -3.489  -1.722  5.800   1.00 19.93 ? 155 ALA A CA   1 
ATOM   1244 C C    . ALA A 1 154 ? -4.035  -0.291  5.789   1.00 19.13 ? 155 ALA A C    1 
ATOM   1245 O O    . ALA A 1 154 ? -4.403  0.248   4.741   1.00 18.13 ? 155 ALA A O    1 
ATOM   1246 C CB   . ALA A 1 154 ? -4.596  -2.644  6.314   1.00 17.68 ? 155 ALA A CB   1 
ATOM   1247 H H    . ALA A 1 154 ? -2.291  -2.376  7.439   1.00 0.00  ? 155 ALA A H    1 
ATOM   1248 N N    . SER A 1 155 ? -4.084  0.329   6.956   1.00 18.43 ? 156 SER A N    1 
ATOM   1249 C CA   . SER A 1 155 ? -4.504  1.709   7.074   1.00 20.33 ? 156 SER A CA   1 
ATOM   1250 C C    . SER A 1 155 ? -3.639  2.697   6.295   1.00 18.46 ? 156 SER A C    1 
ATOM   1251 O O    . SER A 1 155 ? -4.155  3.555   5.575   1.00 15.36 ? 156 SER A O    1 
ATOM   1252 C CB   . SER A 1 155 ? -4.520  2.076   8.553   1.00 19.69 ? 156 SER A CB   1 
ATOM   1253 O OG   . SER A 1 155 ? -5.760  1.684   9.095   1.00 25.26 ? 156 SER A OG   1 
ATOM   1254 H H    . SER A 1 155 ? -3.941  -0.179  7.787   1.00 0.00  ? 156 SER A H    1 
ATOM   1255 H HG   . SER A 1 155 ? -6.438  1.640   8.419   1.00 0.00  ? 156 SER A HG   1 
ATOM   1256 N N    . GLN A 1 156 ? -2.321  2.537   6.370   1.00 19.28 ? 157 GLN A N    1 
ATOM   1257 C CA   . GLN A 1 156 ? -1.393  3.427   5.693   1.00 20.07 ? 157 GLN A CA   1 
ATOM   1258 C C    . GLN A 1 156 ? -1.430  3.247   4.185   1.00 20.37 ? 157 GLN A C    1 
ATOM   1259 O O    . GLN A 1 156 ? -1.365  4.222   3.419   1.00 24.50 ? 157 GLN A O    1 
ATOM   1260 C CB   . GLN A 1 156 ? 0.000   3.164   6.145   1.00 27.86 ? 157 GLN A CB   1 
ATOM   1261 C CG   . GLN A 1 156 ? 0.419   3.765   7.473   1.00 33.22 ? 157 GLN A CG   1 
ATOM   1262 C CD   . GLN A 1 156 ? 1.949   3.731   7.618   1.00 34.76 ? 157 GLN A CD   1 
ATOM   1263 O OE1  . GLN A 1 156 ? 2.691   3.059   6.891   1.00 34.95 ? 157 GLN A OE1  1 
ATOM   1264 N NE2  . GLN A 1 156 ? 2.482   4.482   8.563   1.00 37.05 ? 157 GLN A NE2  1 
ATOM   1265 H H    . GLN A 1 156 ? -1.957  1.771   6.860   1.00 0.00  ? 157 GLN A H    1 
ATOM   1266 H HE21 . GLN A 1 156 ? 3.455   4.417   8.633   1.00 0.00  ? 157 GLN A HE21 1 
ATOM   1267 H HE22 . GLN A 1 156 ? 1.909   5.024   9.138   1.00 0.00  ? 157 GLN A HE22 1 
ATOM   1268 N N    . LEU A 1 157 ? -1.518  1.983   3.752   1.00 16.63 ? 158 LEU A N    1 
ATOM   1269 C CA   . LEU A 1 157 ? -1.632  1.654   2.354   1.00 15.75 ? 158 LEU A CA   1 
ATOM   1270 C C    . LEU A 1 157 ? -2.932  2.231   1.813   1.00 15.04 ? 158 LEU A C    1 
ATOM   1271 O O    . LEU A 1 157 ? -2.932  2.719   0.686   1.00 20.44 ? 158 LEU A O    1 
ATOM   1272 C CB   . LEU A 1 157 ? -1.591  0.109   2.201   1.00 19.94 ? 158 LEU A CB   1 
ATOM   1273 C CG   . LEU A 1 157 ? -1.851  -0.559  0.828   1.00 21.69 ? 158 LEU A CG   1 
ATOM   1274 C CD1  . LEU A 1 157 ? -0.783  -0.065  -0.175  1.00 20.32 ? 158 LEU A CD1  1 
ATOM   1275 C CD2  . LEU A 1 157 ? -1.838  -2.107  0.964   1.00 18.32 ? 158 LEU A CD2  1 
ATOM   1276 H H    . LEU A 1 157 ? -1.444  1.252   4.396   1.00 0.00  ? 158 LEU A H    1 
ATOM   1277 N N    . HIS A 1 158 ? -4.054  2.283   2.538   1.00 16.91 ? 159 HIS A N    1 
ATOM   1278 C CA   . HIS A 1 158 ? -5.300  2.847   1.978   1.00 17.78 ? 159 HIS A CA   1 
ATOM   1279 C C    . HIS A 1 158 ? -5.126  4.322   1.635   1.00 18.08 ? 159 HIS A C    1 
ATOM   1280 O O    . HIS A 1 158 ? -5.439  4.761   0.534   1.00 16.47 ? 159 HIS A O    1 
ATOM   1281 C CB   . HIS A 1 158 ? -6.483  2.733   2.954   1.00 17.26 ? 159 HIS A CB   1 
ATOM   1282 C CG   . HIS A 1 158 ? -7.811  3.200   2.368   1.00 19.02 ? 159 HIS A CG   1 
ATOM   1283 N ND1  . HIS A 1 158 ? -8.740  2.495   1.718   1.00 20.41 ? 159 HIS A ND1  1 
ATOM   1284 C CD2  . HIS A 1 158 ? -8.229  4.514   2.384   1.00 19.23 ? 159 HIS A CD2  1 
ATOM   1285 C CE1  . HIS A 1 158 ? -9.686  3.343   1.331   1.00 19.42 ? 159 HIS A CE1  1 
ATOM   1286 N NE2  . HIS A 1 158 ? -9.360  4.554   1.731   1.00 19.61 ? 159 HIS A NE2  1 
ATOM   1287 H H    . HIS A 1 158 ? -4.043  1.945   3.460   1.00 0.00  ? 159 HIS A H    1 
ATOM   1288 H HD1  . HIS A 1 158 ? -8.784  1.506   1.688   1.00 0.00  ? 159 HIS A HD1  1 
ATOM   1289 H HE2  . HIS A 1 158 ? -9.678  5.401   1.330   1.00 0.00  ? 159 HIS A HE2  1 
ATOM   1290 N N    . ARG A 1 159 ? -4.602  5.054   2.605   1.00 20.71 ? 160 ARG A N    1 
ATOM   1291 C CA   . ARG A 1 159 ? -4.364  6.465   2.444   1.00 23.31 ? 160 ARG A CA   1 
ATOM   1292 C C    . ARG A 1 159 ? -3.296  6.772   1.359   1.00 21.76 ? 160 ARG A C    1 
ATOM   1293 O O    . ARG A 1 159 ? -3.472  7.668   0.507   1.00 33.18 ? 160 ARG A O    1 
ATOM   1294 C CB   . ARG A 1 159 ? -3.944  7.016   3.801   1.00 38.20 ? 160 ARG A CB   1 
ATOM   1295 C CG   . ARG A 1 159 ? -4.299  8.473   3.844   1.00 45.21 ? 160 ARG A CG   1 
ATOM   1296 C CD   . ARG A 1 159 ? -3.125  9.323   4.299   1.00 50.56 ? 160 ARG A CD   1 
ATOM   1297 N NE   . ARG A 1 159 ? -3.100  9.502   5.746   1.00 56.13 ? 160 ARG A NE   1 
ATOM   1298 C CZ   . ARG A 1 159 ? -3.761  10.517  6.357   1.00 57.94 ? 160 ARG A CZ   1 
ATOM   1299 N NH1  . ARG A 1 159 ? -4.487  11.403  5.631   1.00 58.41 ? 160 ARG A NH1  1 
ATOM   1300 N NH2  . ARG A 1 159 ? -3.687  10.615  7.704   1.00 58.74 ? 160 ARG A NH2  1 
ATOM   1301 H H    . ARG A 1 159 ? -4.383  4.639   3.465   1.00 0.00  ? 160 ARG A H    1 
ATOM   1302 H HE   . ARG A 1 159 ? -2.600  8.834   6.266   1.00 0.00  ? 160 ARG A HE   1 
ATOM   1303 H HH11 . ARG A 1 159 ? -4.592  11.291  4.631   1.00 0.00  ? 160 ARG A HH11 1 
ATOM   1304 H HH12 . ARG A 1 159 ? -4.913  12.220  6.033   1.00 0.00  ? 160 ARG A HH12 1 
ATOM   1305 H HH21 . ARG A 1 159 ? -3.187  9.918   8.222   1.00 0.00  ? 160 ARG A HH21 1 
ATOM   1306 H HH22 . ARG A 1 159 ? -4.143  11.357  8.198   1.00 0.00  ? 160 ARG A HH22 1 
ATOM   1307 N N    . PHE A 1 160 ? -2.184  6.024   1.355   1.00 15.44 ? 161 PHE A N    1 
ATOM   1308 C CA   . PHE A 1 160 ? -1.150  6.171   0.342   1.00 15.37 ? 161 PHE A CA   1 
ATOM   1309 C C    . PHE A 1 160 ? -1.745  6.048   -1.065  1.00 15.75 ? 161 PHE A C    1 
ATOM   1310 O O    . PHE A 1 160 ? -1.358  6.809   -1.969  1.00 18.14 ? 161 PHE A O    1 
ATOM   1311 C CB   . PHE A 1 160 ? -0.102  5.104   0.580   1.00 17.09 ? 161 PHE A CB   1 
ATOM   1312 C CG   . PHE A 1 160 ? 0.852   4.890   -0.566  1.00 16.14 ? 161 PHE A CG   1 
ATOM   1313 C CD1  . PHE A 1 160 ? 1.957   5.700   -0.706  1.00 16.83 ? 161 PHE A CD1  1 
ATOM   1314 C CD2  . PHE A 1 160 ? 0.601   3.894   -1.471  1.00 14.85 ? 161 PHE A CD2  1 
ATOM   1315 C CE1  . PHE A 1 160 ? 2.812   5.499   -1.770  1.00 17.12 ? 161 PHE A CE1  1 
ATOM   1316 C CE2  . PHE A 1 160 ? 1.451   3.703   -2.524  1.00 15.45 ? 161 PHE A CE2  1 
ATOM   1317 C CZ   . PHE A 1 160 ? 2.551   4.501   -2.681  1.00 17.08 ? 161 PHE A CZ   1 
ATOM   1318 H H    . PHE A 1 160 ? -2.077  5.341   2.044   1.00 0.00  ? 161 PHE A H    1 
ATOM   1319 N N    . LEU A 1 161 ? -2.693  5.104   -1.269  1.00 16.39 ? 162 LEU A N    1 
ATOM   1320 C CA   . LEU A 1 161 ? -3.333  4.910   -2.551  1.00 18.28 ? 162 LEU A CA   1 
ATOM   1321 C C    . LEU A 1 161 ? -4.304  6.016   -2.914  1.00 18.94 ? 162 LEU A C    1 
ATOM   1322 O O    . LEU A 1 161 ? -4.409  6.373   -4.099  1.00 22.22 ? 162 LEU A O    1 
ATOM   1323 C CB   . LEU A 1 161 ? -4.072  3.606   -2.562  1.00 22.18 ? 162 LEU A CB   1 
ATOM   1324 C CG   . LEU A 1 161 ? -3.395  2.409   -3.212  1.00 24.15 ? 162 LEU A CG   1 
ATOM   1325 C CD1  . LEU A 1 161 ? -1.991  2.676   -3.751  1.00 22.97 ? 162 LEU A CD1  1 
ATOM   1326 C CD2  . LEU A 1 161 ? -3.388  1.356   -2.157  1.00 25.91 ? 162 LEU A CD2  1 
ATOM   1327 H H    . LEU A 1 161 ? -2.964  4.516   -0.531  1.00 0.00  ? 162 LEU A H    1 
ATOM   1328 N N    . GLU A 1 162 ? -5.024  6.589   -1.948  1.00 19.59 ? 163 GLU A N    1 
ATOM   1329 C CA   . GLU A 1 162 ? -5.854  7.751   -2.230  1.00 22.11 ? 163 GLU A CA   1 
ATOM   1330 C C    . GLU A 1 162 ? -5.051  8.895   -2.779  1.00 21.42 ? 163 GLU A C    1 
ATOM   1331 O O    . GLU A 1 162 ? -5.375  9.447   -3.839  1.00 33.11 ? 163 GLU A O    1 
ATOM   1332 C CB   . GLU A 1 162 ? -6.518  8.192   -1.005  1.00 34.75 ? 163 GLU A CB   1 
ATOM   1333 C CG   . GLU A 1 162 ? -7.627  7.222   -0.918  1.00 41.94 ? 163 GLU A CG   1 
ATOM   1334 C CD   . GLU A 1 162 ? -8.433  7.325   0.341   1.00 46.04 ? 163 GLU A CD   1 
ATOM   1335 O OE1  . GLU A 1 162 ? -7.881  7.642   1.395   1.00 48.07 ? 163 GLU A OE1  1 
ATOM   1336 O OE2  . GLU A 1 162 ? -9.637  7.057   0.266   1.00 50.57 ? 163 GLU A OE2  1 
ATOM   1337 H H    . GLU A 1 162 ? -5.059  6.195   -1.046  1.00 0.00  ? 163 GLU A H    1 
ATOM   1338 N N    . LEU A 1 163 ? -3.945  9.190   -2.106  1.00 21.87 ? 164 LEU A N    1 
ATOM   1339 C CA   . LEU A 1 163 ? -3.049  10.243  -2.557  1.00 21.74 ? 164 LEU A CA   1 
ATOM   1340 C C    . LEU A 1 163 ? -2.422  9.974   -3.915  1.00 21.13 ? 164 LEU A C    1 
ATOM   1341 O O    . LEU A 1 163 ? -2.343  10.874  -4.773  1.00 23.17 ? 164 LEU A O    1 
ATOM   1342 C CB   . LEU A 1 163 ? -1.939  10.444  -1.550  1.00 24.87 ? 164 LEU A CB   1 
ATOM   1343 C CG   . LEU A 1 163 ? -2.377  11.126  -0.301  1.00 26.38 ? 164 LEU A CG   1 
ATOM   1344 C CD1  . LEU A 1 163 ? -1.172  11.274  0.578   1.00 26.95 ? 164 LEU A CD1  1 
ATOM   1345 C CD2  . LEU A 1 163 ? -2.992  12.499  -0.606  1.00 27.91 ? 164 LEU A CD2  1 
ATOM   1346 H H    . LEU A 1 163 ? -3.760  8.697   -1.275  1.00 0.00  ? 164 LEU A H    1 
ATOM   1347 N N    . ALA A 1 164 ? -1.950  8.740   -4.134  1.00 20.55 ? 165 ALA A N    1 
ATOM   1348 C CA   . ALA A 1 164 ? -1.332  8.410   -5.405  1.00 20.16 ? 165 ALA A CA   1 
ATOM   1349 C C    . ALA A 1 164 ? -2.376  8.551   -6.521  1.00 19.23 ? 165 ALA A C    1 
ATOM   1350 O O    . ALA A 1 164 ? -2.123  9.232   -7.521  1.00 18.59 ? 165 ALA A O    1 
ATOM   1351 C CB   . ALA A 1 164 ? -0.801  6.982   -5.367  1.00 18.20 ? 165 ALA A CB   1 
ATOM   1352 H H    . ALA A 1 164 ? -1.988  8.072   -3.418  1.00 0.00  ? 165 ALA A H    1 
ATOM   1353 N N    . TYR A 1 165 ? -3.612  8.070   -6.291  1.00 17.54 ? 166 TYR A N    1 
ATOM   1354 C CA   . TYR A 1 165 ? -4.643  8.097   -7.325  1.00 19.01 ? 166 TYR A CA   1 
ATOM   1355 C C    . TYR A 1 165 ? -5.011  9.534   -7.722  1.00 19.91 ? 166 TYR A C    1 
ATOM   1356 O O    . TYR A 1 165 ? -5.228  9.807   -8.913  1.00 22.77 ? 166 TYR A O    1 
ATOM   1357 C CB   . TYR A 1 165 ? -5.896  7.351   -6.848  1.00 21.73 ? 166 TYR A CB   1 
ATOM   1358 C CG   . TYR A 1 165 ? -6.894  7.209   -7.984  1.00 22.75 ? 166 TYR A CG   1 
ATOM   1359 C CD1  . TYR A 1 165 ? -6.592  6.401   -9.062  1.00 24.10 ? 166 TYR A CD1  1 
ATOM   1360 C CD2  . TYR A 1 165 ? -8.065  7.949   -7.973  1.00 23.90 ? 166 TYR A CD2  1 
ATOM   1361 C CE1  . TYR A 1 165 ? -7.468  6.361   -10.143 1.00 26.95 ? 166 TYR A CE1  1 
ATOM   1362 C CE2  . TYR A 1 165 ? -8.943  7.909   -9.044  1.00 25.34 ? 166 TYR A CE2  1 
ATOM   1363 C CZ   . TYR A 1 165 ? -8.637  7.118   -10.130 1.00 26.09 ? 166 TYR A CZ   1 
ATOM   1364 O OH   . TYR A 1 165 ? -9.483  7.111   -11.225 1.00 26.85 ? 166 TYR A OH   1 
ATOM   1365 H H    . TYR A 1 165 ? -3.825  7.678   -5.419  1.00 0.00  ? 166 TYR A H    1 
ATOM   1366 H HH   . TYR A 1 165 ? -10.353 6.849   -10.912 1.00 0.00  ? 166 TYR A HH   1 
ATOM   1367 N N    . ARG A 1 166 ? -5.091  10.438  -6.725  1.00 21.06 ? 167 ARG A N    1 
ATOM   1368 C CA   . ARG A 1 166 ? -5.281  11.870  -6.951  1.00 21.13 ? 167 ARG A CA   1 
ATOM   1369 C C    . ARG A 1 166 ? -4.147  12.375  -7.865  1.00 21.71 ? 167 ARG A C    1 
ATOM   1370 O O    . ARG A 1 166 ? -4.405  13.049  -8.875  1.00 28.09 ? 167 ARG A O    1 
ATOM   1371 C CB   . ARG A 1 166 ? -5.260  12.590  -5.579  1.00 29.62 ? 167 ARG A CB   1 
ATOM   1372 C CG   . ARG A 1 166 ? -5.393  14.118  -5.589  1.00 33.27 ? 167 ARG A CG   1 
ATOM   1373 C CD   . ARG A 1 166 ? -5.134  14.773  -4.209  1.00 36.06 ? 167 ARG A CD   1 
ATOM   1374 N NE   . ARG A 1 166 ? -3.748  14.596  -3.750  1.00 39.16 ? 167 ARG A NE   1 
ATOM   1375 C CZ   . ARG A 1 166 ? -3.202  15.289  -2.716  1.00 39.76 ? 167 ARG A CZ   1 
ATOM   1376 N NH1  . ARG A 1 166 ? -3.887  16.213  -2.023  1.00 40.45 ? 167 ARG A NH1  1 
ATOM   1377 N NH2  . ARG A 1 166 ? -1.949  15.026  -2.339  1.00 40.89 ? 167 ARG A NH2  1 
ATOM   1378 H H    . ARG A 1 166 ? -5.038  10.114  -5.800  1.00 0.00  ? 167 ARG A H    1 
ATOM   1379 H HE   . ARG A 1 166 ? -3.198  13.940  -4.229  1.00 0.00  ? 167 ARG A HE   1 
ATOM   1380 H HH11 . ARG A 1 166 ? -4.836  16.433  -2.248  1.00 0.00  ? 167 ARG A HH11 1 
ATOM   1381 H HH12 . ARG A 1 166 ? -3.429  16.722  -1.273  1.00 0.00  ? 167 ARG A HH12 1 
ATOM   1382 H HH21 . ARG A 1 166 ? -1.392  14.337  -2.817  1.00 0.00  ? 167 ARG A HH21 1 
ATOM   1383 H HH22 . ARG A 1 166 ? -1.526  15.556  -1.585  1.00 0.00  ? 167 ARG A HH22 1 
ATOM   1384 N N    . GLY A 1 167 ? -2.904  11.955  -7.607  1.00 16.46 ? 168 GLY A N    1 
ATOM   1385 C CA   . GLY A 1 167 ? -1.770  12.379  -8.406  1.00 17.12 ? 168 GLY A CA   1 
ATOM   1386 C C    . GLY A 1 167 ? -1.891  11.889  -9.828  1.00 18.17 ? 168 GLY A C    1 
ATOM   1387 O O    . GLY A 1 167 ? -1.679  12.625  -10.802 1.00 27.06 ? 168 GLY A O    1 
ATOM   1388 H H    . GLY A 1 167 ? -2.759  11.300  -6.893  1.00 0.00  ? 168 GLY A H    1 
ATOM   1389 N N    . LEU A 1 168 ? -2.317  10.628  -9.954  1.00 28.08 ? 169 LEU A N    1 
ATOM   1390 C CA   . LEU A 1 168 ? -2.540  10.007  -11.258 1.00 29.47 ? 169 LEU A CA   1 
ATOM   1391 C C    . LEU A 1 168 ? -3.622  10.759  -12.074 1.00 30.58 ? 169 LEU A C    1 
ATOM   1392 O O    . LEU A 1 168 ? -3.404  11.079  -13.247 1.00 22.58 ? 169 LEU A O    1 
ATOM   1393 C CB   . LEU A 1 168 ? -2.952  8.554   -11.022 1.00 22.18 ? 169 LEU A CB   1 
ATOM   1394 C CG   . LEU A 1 168 ? -2.029  7.399   -11.362 1.00 22.74 ? 169 LEU A CG   1 
ATOM   1395 C CD1  . LEU A 1 168 ? -0.574  7.717   -11.117 1.00 22.22 ? 169 LEU A CD1  1 
ATOM   1396 C CD2  . LEU A 1 168 ? -2.482  6.219   -10.508 1.00 22.16 ? 169 LEU A CD2  1 
ATOM   1397 H H    . LEU A 1 168 ? -2.495  10.121  -9.141  1.00 0.00  ? 169 LEU A H    1 
ATOM   1398 N N    . ARG A 1 169 ? -4.788  11.067  -11.451 1.00 27.76 ? 170 ARG A N    1 
ATOM   1399 C CA   . ARG A 1 169 ? -5.897  11.826  -12.045 1.00 28.54 ? 170 ARG A CA   1 
ATOM   1400 C C    . ARG A 1 169 ? -5.425  13.121  -12.699 1.00 27.54 ? 170 ARG A C    1 
ATOM   1401 O O    . ARG A 1 169 ? -5.830  13.479  -13.797 1.00 28.95 ? 170 ARG A O    1 
ATOM   1402 C CB   . ARG A 1 169 ? -6.900  12.185  -10.973 1.00 30.35 ? 170 ARG A CB   1 
ATOM   1403 C CG   . ARG A 1 169 ? -7.948  11.150  -10.792 1.00 35.06 ? 170 ARG A CG   1 
ATOM   1404 C CD   . ARG A 1 169 ? -8.980  11.222  -11.925 1.00 37.86 ? 170 ARG A CD   1 
ATOM   1405 N NE   . ARG A 1 169 ? -9.770  9.998   -11.919 1.00 41.52 ? 170 ARG A NE   1 
ATOM   1406 C CZ   . ARG A 1 169 ? -10.870 9.835   -11.161 1.00 41.11 ? 170 ARG A CZ   1 
ATOM   1407 N NH1  . ARG A 1 169 ? -11.320 10.812  -10.355 1.00 43.61 ? 170 ARG A NH1  1 
ATOM   1408 N NH2  . ARG A 1 169 ? -11.543 8.693   -11.258 1.00 39.54 ? 170 ARG A NH2  1 
ATOM   1409 H H    . ARG A 1 169 ? -4.876  10.788  -10.518 1.00 0.00  ? 170 ARG A H    1 
ATOM   1410 H HE   . ARG A 1 169 ? -9.430  9.241   -12.443 1.00 0.00  ? 170 ARG A HE   1 
ATOM   1411 H HH11 . ARG A 1 169 ? -10.920 11.737  -10.411 1.00 0.00  ? 170 ARG A HH11 1 
ATOM   1412 H HH12 . ARG A 1 169 ? -12.190 10.719  -9.863  1.00 0.00  ? 170 ARG A HH12 1 
ATOM   1413 H HH21 . ARG A 1 169 ? -11.366 8.075   -12.033 1.00 0.00  ? 170 ARG A HH21 1 
ATOM   1414 H HH22 . ARG A 1 169 ? -12.357 8.548   -10.696 1.00 0.00  ? 170 ARG A HH22 1 
ATOM   1415 N N    . TYR A 1 170 ? -4.535  13.806  -11.997 1.00 22.75 ? 171 TYR A N    1 
ATOM   1416 C CA   . TYR A 1 170 ? -3.994  15.076  -12.427 1.00 22.70 ? 171 TYR A CA   1 
ATOM   1417 C C    . TYR A 1 170 ? -3.173  14.936  -13.676 1.00 23.45 ? 171 TYR A C    1 
ATOM   1418 O O    . TYR A 1 170 ? -3.033  15.906  -14.412 1.00 28.18 ? 171 TYR A O    1 
ATOM   1419 C CB   . TYR A 1 170 ? -3.071  15.681  -11.387 1.00 27.13 ? 171 TYR A CB   1 
ATOM   1420 C CG   . TYR A 1 170 ? -3.638  16.249  -10.104 1.00 25.66 ? 171 TYR A CG   1 
ATOM   1421 C CD1  . TYR A 1 170 ? -4.856  16.906  -10.043 1.00 27.41 ? 171 TYR A CD1  1 
ATOM   1422 C CD2  . TYR A 1 170 ? -2.864  16.158  -8.990  1.00 26.82 ? 171 TYR A CD2  1 
ATOM   1423 C CE1  . TYR A 1 170 ? -5.282  17.493  -8.869  1.00 28.30 ? 171 TYR A CE1  1 
ATOM   1424 C CE2  . TYR A 1 170 ? -3.289  16.734  -7.833  1.00 28.66 ? 171 TYR A CE2  1 
ATOM   1425 C CZ   . TYR A 1 170 ? -4.485  17.387  -7.768  1.00 28.64 ? 171 TYR A CZ   1 
ATOM   1426 O OH   . TYR A 1 170 ? -4.872  17.935  -6.561  1.00 31.50 ? 171 TYR A OH   1 
ATOM   1427 H H    . TYR A 1 170 ? -4.236  13.438  -11.137 1.00 0.00  ? 171 TYR A H    1 
ATOM   1428 H HH   . TYR A 1 170 ? -5.587  18.562  -6.722  1.00 0.00  ? 171 TYR A HH   1 
ATOM   1429 N N    . LEU A 1 171 ? -2.564  13.772  -13.922 1.00 28.60 ? 172 LEU A N    1 
ATOM   1430 C CA   . LEU A 1 171 ? -1.672  13.584  -15.070 1.00 29.02 ? 172 LEU A CA   1 
ATOM   1431 C C    . LEU A 1 171 ? -2.352  12.981  -16.288 1.00 28.56 ? 172 LEU A C    1 
ATOM   1432 O O    . LEU A 1 171 ? -1.684  12.690  -17.300 1.00 27.61 ? 172 LEU A O    1 
ATOM   1433 C CB   . LEU A 1 171 ? -0.504  12.695  -14.634 1.00 25.28 ? 172 LEU A CB   1 
ATOM   1434 C CG   . LEU A 1 171 ? 0.430   13.289  -13.608 1.00 24.32 ? 172 LEU A CG   1 
ATOM   1435 C CD1  . LEU A 1 171 ? 1.252   12.203  -12.983 1.00 26.51 ? 172 LEU A CD1  1 
ATOM   1436 C CD2  . LEU A 1 171 ? 1.312   14.318  -14.268 1.00 24.52 ? 172 LEU A CD2  1 
ATOM   1437 H H    . LEU A 1 171 ? -2.750  12.999  -13.352 1.00 0.00  ? 172 LEU A H    1 
ATOM   1438 N N    . ALA A 1 172 ? -3.658  12.778  -16.175 1.00 32.93 ? 173 ALA A N    1 
ATOM   1439 C CA   . ALA A 1 172 ? -4.461  12.103  -17.174 1.00 35.48 ? 173 ALA A CA   1 
ATOM   1440 C C    . ALA A 1 172 ? -4.657  13.022  -18.361 1.00 36.41 ? 173 ALA A C    1 
ATOM   1441 O O    . ALA A 1 172 ? -4.347  12.622  -19.493 1.00 39.49 ? 173 ALA A O    1 
ATOM   1442 C CB   . ALA A 1 172 ? -5.825  11.762  -16.596 1.00 36.31 ? 173 ALA A CB   1 
ATOM   1443 H H    . ALA A 1 172 ? -4.143  13.199  -15.441 1.00 0.00  ? 173 ALA A H    1 
HETATM 1444 O O    . HOH B 2 .   ? -2.658  -0.458  -13.939 1.00 25.48 ? 201 HOH A O    1 
HETATM 1445 H H1   . HOH B 2 .   ? -2.526  -0.785  -14.849 1.00 0.00  ? 201 HOH A H1   1 
HETATM 1446 H H2   . HOH B 2 .   ? -1.984  0.230   -13.866 1.00 0.00  ? 201 HOH A H2   1 
HETATM 1447 O O    . HOH B 2 .   ? -5.231  11.435  3.002   1.00 35.82 ? 202 HOH A O    1 
HETATM 1448 H H1   . HOH B 2 .   ? -6.017  11.819  2.602   1.00 0.00  ? 202 HOH A H1   1 
HETATM 1449 H H2   . HOH B 2 .   ? -4.634  11.358  2.250   1.00 0.00  ? 202 HOH A H2   1 
HETATM 1450 O O    . HOH B 2 .   ? -1.762  16.242  -5.508  1.00 44.14 ? 203 HOH A O    1 
HETATM 1451 H H1   . HOH B 2 .   ? -1.491  16.124  -6.425  1.00 0.00  ? 203 HOH A H1   1 
HETATM 1452 H H2   . HOH B 2 .   ? -1.704  15.326  -5.202  1.00 0.00  ? 203 HOH A H2   1 
HETATM 1453 O O    . HOH B 2 .   ? 9.681   -9.292  10.799  1.00 22.29 ? 204 HOH A O    1 
HETATM 1454 H H1   . HOH B 2 .   ? 8.847   -9.431  10.325  1.00 0.00  ? 204 HOH A H1   1 
HETATM 1455 H H2   . HOH B 2 .   ? 10.332  -9.639  10.184  1.00 0.00  ? 204 HOH A H2   1 
HETATM 1456 O O    . HOH B 2 .   ? -11.941 -0.360  6.567   1.00 37.79 ? 205 HOH A O    1 
HETATM 1457 H H1   . HOH B 2 .   ? -11.700 0.527   6.287   1.00 0.00  ? 205 HOH A H1   1 
HETATM 1458 H H2   . HOH B 2 .   ? -12.719 -0.211  7.112   1.00 0.00  ? 205 HOH A H2   1 
HETATM 1459 O O    . HOH B 2 .   ? -6.872  -9.365  1.376   1.00 35.50 ? 206 HOH A O    1 
HETATM 1460 H H1   . HOH B 2 .   ? -5.955  -9.528  1.163   1.00 0.00  ? 206 HOH A H1   1 
HETATM 1461 H H2   . HOH B 2 .   ? -7.208  -8.896  0.604   1.00 0.00  ? 206 HOH A H2   1 
HETATM 1462 O O    . HOH B 2 .   ? 10.724  -7.314  4.728   1.00 36.65 ? 207 HOH A O    1 
HETATM 1463 H H1   . HOH B 2 .   ? 9.821   -6.983  4.731   1.00 0.00  ? 207 HOH A H1   1 
HETATM 1464 H H2   . HOH B 2 .   ? 11.032  -7.152  3.836   1.00 0.00  ? 207 HOH A H2   1 
HETATM 1465 O O    . HOH B 2 .   ? 7.502   6.399   -2.352  1.00 21.00 ? 208 HOH A O    1 
HETATM 1466 H H1   . HOH B 2 .   ? 6.928   6.991   -2.846  1.00 0.00  ? 208 HOH A H1   1 
HETATM 1467 H H2   . HOH B 2 .   ? 8.394   6.734   -2.552  1.00 0.00  ? 208 HOH A H2   1 
HETATM 1468 O O    . HOH B 2 .   ? 4.335   5.348   18.601  1.00 26.70 ? 209 HOH A O    1 
HETATM 1469 H H1   . HOH B 2 .   ? 3.935   5.387   19.488  1.00 0.00  ? 209 HOH A H1   1 
HETATM 1470 H H2   . HOH B 2 .   ? 3.738   5.972   18.165  1.00 0.00  ? 209 HOH A H2   1 
HETATM 1471 O O    . HOH B 2 .   ? 10.382  4.743   14.376  1.00 49.63 ? 210 HOH A O    1 
HETATM 1472 H H1   . HOH B 2 .   ? 10.086  3.957   14.856  1.00 0.00  ? 210 HOH A H1   1 
HETATM 1473 H H2   . HOH B 2 .   ? 11.343  4.633   14.346  1.00 0.00  ? 210 HOH A H2   1 
HETATM 1474 O O    . HOH B 2 .   ? 1.239   -7.150  -13.892 1.00 15.72 ? 211 HOH A O    1 
HETATM 1475 H H1   . HOH B 2 .   ? 0.774   -7.327  -13.057 1.00 0.00  ? 211 HOH A H1   1 
HETATM 1476 H H2   . HOH B 2 .   ? 0.907   -6.271  -14.097 1.00 0.00  ? 211 HOH A H2   1 
HETATM 1477 O O    . HOH B 2 .   ? 0.630   -0.791  -17.643 1.00 28.40 ? 212 HOH A O    1 
HETATM 1478 H H1   . HOH B 2 .   ? 0.832   0.056   -18.043 1.00 0.00  ? 212 HOH A H1   1 
HETATM 1479 H H2   . HOH B 2 .   ? 1.384   -0.929  -17.058 1.00 0.00  ? 212 HOH A H2   1 
HETATM 1480 O O    . HOH B 2 .   ? -2.077  -0.327  -19.867 1.00 43.09 ? 213 HOH A O    1 
HETATM 1481 H H1   . HOH B 2 .   ? -2.080  0.201   -19.064 1.00 0.00  ? 213 HOH A H1   1 
HETATM 1482 H H2   . HOH B 2 .   ? -1.141  -0.524  -19.986 1.00 0.00  ? 213 HOH A H2   1 
HETATM 1483 O O    . HOH B 2 .   ? -2.453  -1.242  -16.533 1.00 32.62 ? 214 HOH A O    1 
HETATM 1484 H H1   . HOH B 2 .   ? -2.075  -1.660  -17.317 1.00 0.00  ? 214 HOH A H1   1 
HETATM 1485 H H2   . HOH B 2 .   ? -3.099  -0.626  -16.899 1.00 0.00  ? 214 HOH A H2   1 
HETATM 1486 O O    . HOH B 2 .   ? -5.002  -7.954  -9.642  1.00 39.24 ? 215 HOH A O    1 
HETATM 1487 H H1   . HOH B 2 .   ? -4.514  -7.136  -9.716  1.00 0.00  ? 215 HOH A H1   1 
HETATM 1488 H H2   . HOH B 2 .   ? -4.289  -8.599  -9.570  1.00 0.00  ? 215 HOH A H2   1 
HETATM 1489 O O    . HOH B 2 .   ? -9.124  -3.787  12.541  1.00 25.58 ? 216 HOH A O    1 
HETATM 1490 H H1   . HOH B 2 .   ? -8.350  -3.896  11.991  1.00 0.00  ? 216 HOH A H1   1 
HETATM 1491 H H2   . HOH B 2 .   ? -9.268  -4.665  12.912  1.00 0.00  ? 216 HOH A H2   1 
HETATM 1492 O O    . HOH B 2 .   ? -5.775  -0.919  2.148   1.00 32.05 ? 217 HOH A O    1 
HETATM 1493 H H1   . HOH B 2 .   ? -5.061  -1.541  1.980   1.00 0.00  ? 217 HOH A H1   1 
HETATM 1494 H H2   . HOH B 2 .   ? -5.419  -0.378  2.869   1.00 0.00  ? 217 HOH A H2   1 
HETATM 1495 O O    . HOH B 2 .   ? -1.705  -16.009 16.711  1.00 33.10 ? 218 HOH A O    1 
HETATM 1496 H H1   . HOH B 2 .   ? -2.438  -16.669 16.621  1.00 0.00  ? 218 HOH A H1   1 
HETATM 1497 H H2   . HOH B 2 .   ? -0.941  -16.599 16.757  1.00 0.00  ? 218 HOH A H2   1 
HETATM 1498 O O    . HOH B 2 .   ? -7.604  -1.642  17.947  1.00 33.59 ? 219 HOH A O    1 
HETATM 1499 H H1   . HOH B 2 .   ? -6.725  -1.765  17.579  1.00 0.00  ? 219 HOH A H1   1 
HETATM 1500 H H2   . HOH B 2 .   ? -7.429  -1.126  18.748  1.00 0.00  ? 219 HOH A H2   1 
HETATM 1501 O O    . HOH B 2 .   ? 10.385  13.727  -12.358 1.00 30.50 ? 220 HOH A O    1 
HETATM 1502 H H1   . HOH B 2 .   ? 10.533  14.635  -12.054 1.00 0.00  ? 220 HOH A H1   1 
HETATM 1503 H H2   . HOH B 2 .   ? 11.269  13.332  -12.290 1.00 0.00  ? 220 HOH A H2   1 
HETATM 1504 O O    . HOH B 2 .   ? 3.452   -12.219 5.093   1.00 22.98 ? 221 HOH A O    1 
HETATM 1505 H H1   . HOH B 2 .   ? 3.603   -12.830 4.367   1.00 0.00  ? 221 HOH A H1   1 
HETATM 1506 H H2   . HOH B 2 .   ? 2.964   -11.507 4.653   1.00 0.00  ? 221 HOH A H2   1 
HETATM 1507 O O    . HOH B 2 .   ? -0.109  -6.479  -17.141 1.00 23.53 ? 222 HOH A O    1 
HETATM 1508 H H1   . HOH B 2 .   ? 0.279   -6.084  -16.344 1.00 0.00  ? 222 HOH A H1   1 
HETATM 1509 H H2   . HOH B 2 .   ? -0.579  -5.722  -17.507 1.00 0.00  ? 222 HOH A H2   1 
HETATM 1510 O O    . HOH B 2 .   ? -8.221  -0.135  2.517   1.00 33.37 ? 223 HOH A O    1 
HETATM 1511 H H1   . HOH B 2 .   ? -7.321  -0.439  2.259   1.00 0.00  ? 223 HOH A H1   1 
HETATM 1512 H H2   . HOH B 2 .   ? -8.611  -0.954  2.838   1.00 0.00  ? 223 HOH A H2   1 
HETATM 1513 O O    . HOH B 2 .   ? -16.862 -2.563  2.666   1.00 40.18 ? 224 HOH A O    1 
HETATM 1514 H H1   . HOH B 2 .   ? -16.484 -2.806  3.524   1.00 0.00  ? 224 HOH A H1   1 
HETATM 1515 H H2   . HOH B 2 .   ? -16.085 -2.597  2.070   1.00 0.00  ? 224 HOH A H2   1 
HETATM 1516 O O    . HOH B 2 .   ? -12.438 -0.640  -2.552  1.00 23.19 ? 225 HOH A O    1 
HETATM 1517 H H1   . HOH B 2 .   ? -11.678 -1.239  -2.612  1.00 0.00  ? 225 HOH A H1   1 
HETATM 1518 H H2   . HOH B 2 .   ? -12.039 0.223   -2.347  1.00 0.00  ? 225 HOH A H2   1 
HETATM 1519 O O    . HOH B 2 .   ? -4.600  -17.034 -0.508  1.00 42.05 ? 226 HOH A O    1 
HETATM 1520 H H1   . HOH B 2 .   ? -3.704  -16.735 -0.292  1.00 0.00  ? 226 HOH A H1   1 
HETATM 1521 H H2   . HOH B 2 .   ? -5.130  -16.284 -0.236  1.00 0.00  ? 226 HOH A H2   1 
HETATM 1522 O O    . HOH B 2 .   ? -12.455 -7.592  -8.375  1.00 57.91 ? 227 HOH A O    1 
HETATM 1523 H H1   . HOH B 2 .   ? -11.924 -6.881  -8.750  1.00 0.00  ? 227 HOH A H1   1 
HETATM 1524 H H2   . HOH B 2 .   ? -12.919 -7.151  -7.654  1.00 0.00  ? 227 HOH A H2   1 
HETATM 1525 O O    . HOH B 2 .   ? -1.093  15.564  -19.348 1.00 38.44 ? 228 HOH A O    1 
HETATM 1526 H H1   . HOH B 2 .   ? -2.009  15.688  -19.027 1.00 0.00  ? 228 HOH A H1   1 
HETATM 1527 H H2   . HOH B 2 .   ? -0.598  16.182  -18.794 1.00 0.00  ? 228 HOH A H2   1 
HETATM 1528 O O    . HOH B 2 .   ? -7.411  5.929   -23.384 1.00 36.83 ? 229 HOH A O    1 
HETATM 1529 H H1   . HOH B 2 .   ? -8.049  6.041   -24.093 1.00 0.00  ? 229 HOH A H1   1 
HETATM 1530 H H2   . HOH B 2 .   ? -6.941  6.781   -23.412 1.00 0.00  ? 229 HOH A H2   1 
HETATM 1531 O O    . HOH B 2 .   ? -4.303  1.441   -20.640 1.00 44.39 ? 230 HOH A O    1 
HETATM 1532 H H1   . HOH B 2 .   ? -3.548  0.832   -20.611 1.00 0.00  ? 230 HOH A H1   1 
HETATM 1533 H H2   . HOH B 2 .   ? -4.740  1.231   -21.470 1.00 0.00  ? 230 HOH A H2   1 
HETATM 1534 O O    . HOH B 2 .   ? -9.668  2.958   -5.541  1.00 63.73 ? 231 HOH A O    1 
HETATM 1535 H H1   . HOH B 2 .   ? -9.657  2.479   -6.382  1.00 0.00  ? 231 HOH A H1   1 
HETATM 1536 H H2   . HOH B 2 .   ? -9.267  2.326   -4.931  1.00 0.00  ? 231 HOH A H2   1 
HETATM 1537 O O    . HOH B 2 .   ? -3.708  -6.530  -13.793 1.00 35.90 ? 232 HOH A O    1 
HETATM 1538 H H1   . HOH B 2 .   ? -3.426  -7.439  -13.618 1.00 0.00  ? 232 HOH A H1   1 
HETATM 1539 H H2   . HOH B 2 .   ? -3.434  -6.104  -12.966 1.00 0.00  ? 232 HOH A H2   1 
HETATM 1540 O O    . HOH B 2 .   ? -11.838 -3.288  -8.205  1.00 36.20 ? 233 HOH A O    1 
HETATM 1541 H H1   . HOH B 2 .   ? -10.949 -2.958  -8.053  1.00 0.00  ? 233 HOH A H1   1 
HETATM 1542 H H2   . HOH B 2 .   ? -11.899 -3.300  -9.161  1.00 0.00  ? 233 HOH A H2   1 
HETATM 1543 O O    . HOH B 2 .   ? -14.468 -2.769  1.238   1.00 42.68 ? 234 HOH A O    1 
HETATM 1544 H H1   . HOH B 2 .   ? -13.993 -2.262  0.578   1.00 0.00  ? 234 HOH A H1   1 
HETATM 1545 H H2   . HOH B 2 .   ? -14.105 -3.673  1.140   1.00 0.00  ? 234 HOH A H2   1 
HETATM 1546 O O    . HOH B 2 .   ? -13.594 -5.574  1.379   1.00 32.32 ? 235 HOH A O    1 
HETATM 1547 H H1   . HOH B 2 .   ? -14.104 -6.246  1.844   1.00 0.00  ? 235 HOH A H1   1 
HETATM 1548 H H2   . HOH B 2 .   ? -12.701 -5.854  1.577   1.00 0.00  ? 235 HOH A H2   1 
HETATM 1549 O O    . HOH B 2 .   ? -12.808 -3.158  7.541   1.00 25.66 ? 236 HOH A O    1 
HETATM 1550 H H1   . HOH B 2 .   ? -13.316 -3.957  7.317   1.00 0.00  ? 236 HOH A H1   1 
HETATM 1551 H H2   . HOH B 2 .   ? -12.878 -2.620  6.749   1.00 0.00  ? 236 HOH A H2   1 
HETATM 1552 O O    . HOH B 2 .   ? -15.464 -7.805  11.955  1.00 37.83 ? 237 HOH A O    1 
HETATM 1553 H H1   . HOH B 2 .   ? -15.723 -7.906  11.025  1.00 0.00  ? 237 HOH A H1   1 
HETATM 1554 H H2   . HOH B 2 .   ? -14.509 -7.962  11.917  1.00 0.00  ? 237 HOH A H2   1 
HETATM 1555 O O    . HOH B 2 .   ? -0.512  -13.521 15.838  1.00 33.34 ? 238 HOH A O    1 
HETATM 1556 H H1   . HOH B 2 .   ? -0.476  -14.474 16.020  1.00 0.00  ? 238 HOH A H1   1 
HETATM 1557 H H2   . HOH B 2 .   ? 0.171   -13.403 15.167  1.00 0.00  ? 238 HOH A H2   1 
HETATM 1558 O O    . HOH B 2 .   ? -8.241  -12.925 20.830  1.00 39.21 ? 239 HOH A O    1 
HETATM 1559 H H1   . HOH B 2 .   ? -9.056  -13.001 20.320  1.00 0.00  ? 239 HOH A H1   1 
HETATM 1560 H H2   . HOH B 2 .   ? -8.541  -12.600 21.686  1.00 0.00  ? 239 HOH A H2   1 
HETATM 1561 O O    . HOH B 2 .   ? -10.104 5.584   13.228  1.00 48.20 ? 240 HOH A O    1 
HETATM 1562 H H1   . HOH B 2 .   ? -9.779  6.429   12.905  1.00 0.00  ? 240 HOH A H1   1 
HETATM 1563 H H2   . HOH B 2 .   ? -10.863 5.406   12.665  1.00 0.00  ? 240 HOH A H2   1 
HETATM 1564 O O    . HOH B 2 .   ? -10.283 3.857   16.726  1.00 41.18 ? 241 HOH A O    1 
HETATM 1565 H H1   . HOH B 2 .   ? -10.401 4.166   17.640  1.00 0.00  ? 241 HOH A H1   1 
HETATM 1566 H H2   . HOH B 2 .   ? -10.328 4.662   16.202  1.00 0.00  ? 241 HOH A H2   1 
HETATM 1567 O O    . HOH B 2 .   ? 9.373   -2.213  18.277  1.00 39.97 ? 242 HOH A O    1 
HETATM 1568 H H1   . HOH B 2 .   ? 9.951   -2.955  18.117  1.00 0.00  ? 242 HOH A H1   1 
HETATM 1569 H H2   . HOH B 2 .   ? 8.957   -2.084  17.420  1.00 0.00  ? 242 HOH A H2   1 
HETATM 1570 O O    . HOH B 2 .   ? 2.457   5.808   3.224   1.00 28.79 ? 243 HOH A O    1 
HETATM 1571 H H1   . HOH B 2 .   ? 2.424   5.989   4.171   1.00 0.00  ? 243 HOH A H1   1 
HETATM 1572 H H2   . HOH B 2 .   ? 2.399   6.703   2.816   1.00 0.00  ? 243 HOH A H2   1 
HETATM 1573 O O    . HOH B 2 .   ? 0.543   13.639  -2.587  1.00 33.19 ? 244 HOH A O    1 
HETATM 1574 H H1   . HOH B 2 .   ? 1.436   13.680  -2.962  1.00 0.00  ? 244 HOH A H1   1 
HETATM 1575 H H2   . HOH B 2 .   ? 0.718   13.614  -1.638  1.00 0.00  ? 244 HOH A H2   1 
HETATM 1576 O O    . HOH B 2 .   ? -1.428  13.373  -4.442  1.00 24.21 ? 245 HOH A O    1 
HETATM 1577 H H1   . HOH B 2 .   ? -0.613  13.151  -3.951  1.00 0.00  ? 245 HOH A H1   1 
HETATM 1578 H H2   . HOH B 2 .   ? -1.614  12.548  -4.910  1.00 0.00  ? 245 HOH A H2   1 
HETATM 1579 O O    . HOH B 2 .   ? -1.720  18.606  -3.256  1.00 42.23 ? 246 HOH A O    1 
HETATM 1580 H H1   . HOH B 2 .   ? -1.931  17.673  -3.330  1.00 0.00  ? 246 HOH A H1   1 
HETATM 1581 H H2   . HOH B 2 .   ? -1.377  18.643  -2.338  1.00 0.00  ? 246 HOH A H2   1 
HETATM 1582 O O    . HOH B 2 .   ? 8.595   14.036  -15.454 1.00 29.74 ? 247 HOH A O    1 
HETATM 1583 H H1   . HOH B 2 .   ? 8.765   13.816  -16.376 1.00 0.00  ? 247 HOH A H1   1 
HETATM 1584 H H2   . HOH B 2 .   ? 9.156   14.806  -15.310 1.00 0.00  ? 247 HOH A H2   1 
HETATM 1585 O O    . HOH B 2 .   ? 1.464   22.124  -10.608 1.00 32.77 ? 248 HOH A O    1 
HETATM 1586 H H1   . HOH B 2 .   ? 1.066   22.158  -11.496 1.00 0.00  ? 248 HOH A H1   1 
HETATM 1587 H H2   . HOH B 2 .   ? 2.397   22.005  -10.792 1.00 0.00  ? 248 HOH A H2   1 
HETATM 1588 O O    . HOH B 2 .   ? 11.298  7.313   -15.700 1.00 36.11 ? 249 HOH A O    1 
HETATM 1589 H H1   . HOH B 2 .   ? 10.762  7.836   -16.299 1.00 0.00  ? 249 HOH A H1   1 
HETATM 1590 H H2   . HOH B 2 .   ? 10.835  6.471   -15.714 1.00 0.00  ? 249 HOH A H2   1 
HETATM 1591 O O    . HOH B 2 .   ? 10.956  -4.303  -0.043  1.00 39.10 ? 250 HOH A O    1 
HETATM 1592 H H1   . HOH B 2 .   ? 10.937  -4.341  0.912   1.00 0.00  ? 250 HOH A H1   1 
HETATM 1593 H H2   . HOH B 2 .   ? 10.091  -3.940  -0.278  1.00 0.00  ? 250 HOH A H2   1 
HETATM 1594 O O    . HOH B 2 .   ? 16.592  -3.790  6.489   1.00 54.36 ? 251 HOH A O    1 
HETATM 1595 H H1   . HOH B 2 .   ? 16.342  -4.457  7.149   1.00 0.00  ? 251 HOH A H1   1 
HETATM 1596 H H2   . HOH B 2 .   ? 17.047  -4.346  5.832   1.00 0.00  ? 251 HOH A H2   1 
HETATM 1597 O O    . HOH B 2 .   ? -8.769  -12.686 0.318   1.00 54.49 ? 252 HOH A O    1 
HETATM 1598 H H1   . HOH B 2 .   ? -9.083  -13.450 0.786   1.00 0.00  ? 252 HOH A H1   1 
HETATM 1599 H H2   . HOH B 2 .   ? -7.917  -12.968 -0.034  1.00 0.00  ? 252 HOH A H2   1 
HETATM 1600 O O    . HOH B 2 .   ? 12.352  -7.343  8.474   1.00 32.50 ? 253 HOH A O    1 
HETATM 1601 H H1   . HOH B 2 .   ? 11.598  -6.743  8.423   1.00 0.00  ? 253 HOH A H1   1 
HETATM 1602 H H2   . HOH B 2 .   ? 12.233  -7.920  7.716   1.00 0.00  ? 253 HOH A H2   1 
HETATM 1603 O O    . HOH B 2 .   ? -3.762  -17.600 16.173  1.00 36.98 ? 254 HOH A O    1 
HETATM 1604 H H1   . HOH B 2 .   ? -4.677  -17.887 16.306  1.00 0.00  ? 254 HOH A H1   1 
HETATM 1605 H H2   . HOH B 2 .   ? -3.726  -17.695 15.215  1.00 0.00  ? 254 HOH A H2   1 
HETATM 1606 O O    . HOH B 2 .   ? 1.262   -15.981 15.254  1.00 50.60 ? 255 HOH A O    1 
HETATM 1607 H H1   . HOH B 2 .   ? 1.607   -16.841 14.939  1.00 0.00  ? 255 HOH A H1   1 
HETATM 1608 H H2   . HOH B 2 .   ? 0.675   -15.754 14.525  1.00 0.00  ? 255 HOH A H2   1 
HETATM 1609 O O    . HOH B 2 .   ? 1.000   -17.516 10.097  1.00 45.22 ? 256 HOH A O    1 
HETATM 1610 H H1   . HOH B 2 .   ? 1.761   -17.226 9.581   1.00 0.00  ? 256 HOH A H1   1 
HETATM 1611 H H2   . HOH B 2 .   ? 0.776   -18.357 9.682   1.00 0.00  ? 256 HOH A H2   1 
HETATM 1612 O O    . HOH B 2 .   ? 15.725  -8.412  11.855  1.00 41.13 ? 257 HOH A O    1 
HETATM 1613 H H1   . HOH B 2 .   ? 14.761  -8.490  11.844  1.00 0.00  ? 257 HOH A H1   1 
HETATM 1614 H H2   . HOH B 2 .   ? 16.020  -9.279  12.150  1.00 0.00  ? 257 HOH A H2   1 
HETATM 1615 O O    . HOH B 2 .   ? 2.169   14.992  -18.703 1.00 44.18 ? 258 HOH A O    1 
HETATM 1616 H H1   . HOH B 2 .   ? 2.668   14.655  -17.957 1.00 0.00  ? 258 HOH A H1   1 
HETATM 1617 H H2   . HOH B 2 .   ? 2.643   15.791  -18.948 1.00 0.00  ? 258 HOH A H2   1 
HETATM 1618 O O    . HOH B 2 .   ? -10.802 6.437   -13.617 1.00 33.62 ? 259 HOH A O    1 
HETATM 1619 H H1   . HOH B 2 .   ? -10.611 5.854   -14.359 1.00 0.00  ? 259 HOH A H1   1 
HETATM 1620 H H2   . HOH B 2 .   ? -10.000 6.362   -13.078 1.00 0.00  ? 259 HOH A H2   1 
HETATM 1621 O O    . HOH B 2 .   ? -0.058  6.599   4.279   1.00 41.04 ? 260 HOH A O    1 
HETATM 1622 H H1   . HOH B 2 .   ? 0.647   6.280   3.704   1.00 0.00  ? 260 HOH A H1   1 
HETATM 1623 H H2   . HOH B 2 .   ? -0.755  5.965   4.093   1.00 0.00  ? 260 HOH A H2   1 
HETATM 1624 O O    . HOH B 2 .   ? 6.865   8.170   9.600   1.00 40.46 ? 261 HOH A O    1 
HETATM 1625 H H1   . HOH B 2 .   ? 6.100   7.669   9.326   1.00 0.00  ? 261 HOH A H1   1 
HETATM 1626 H H2   . HOH B 2 .   ? 6.978   7.926   10.525  1.00 0.00  ? 261 HOH A H2   1 
HETATM 1627 O O    . HOH B 2 .   ? 8.025   5.404   12.388  1.00 43.33 ? 262 HOH A O    1 
HETATM 1628 H H1   . HOH B 2 .   ? 7.582   4.961   11.650  1.00 0.00  ? 262 HOH A H1   1 
HETATM 1629 H H2   . HOH B 2 .   ? 8.902   5.005   12.408  1.00 0.00  ? 262 HOH A H2   1 
HETATM 1630 O O    . HOH B 2 .   ? -5.855  -13.975 19.839  1.00 56.61 ? 263 HOH A O    1 
HETATM 1631 H H1   . HOH B 2 .   ? -6.280  -14.839 19.809  1.00 0.00  ? 263 HOH A H1   1 
HETATM 1632 H H2   . HOH B 2 .   ? -6.581  -13.444 20.247  1.00 0.00  ? 263 HOH A H2   1 
HETATM 1633 O O    . HOH B 2 .   ? -10.428 -3.320  19.505  1.00 46.95 ? 264 HOH A O    1 
HETATM 1634 H H1   . HOH B 2 .   ? -10.927 -4.156  19.531  1.00 0.00  ? 264 HOH A H1   1 
HETATM 1635 H H2   . HOH B 2 .   ? -9.593  -3.621  19.890  1.00 0.00  ? 264 HOH A H2   1 
HETATM 1636 O O    . HOH B 2 .   ? 7.390   -13.522 12.815  1.00 43.02 ? 265 HOH A O    1 
HETATM 1637 H H1   . HOH B 2 .   ? 8.045   -12.847 13.026  1.00 0.00  ? 265 HOH A H1   1 
HETATM 1638 H H2   . HOH B 2 .   ? 6.994   -13.180 12.010  1.00 0.00  ? 265 HOH A H2   1 
HETATM 1639 O O    . HOH B 2 .   ? 13.003  -3.618  13.906  1.00 48.24 ? 266 HOH A O    1 
HETATM 1640 H H1   . HOH B 2 .   ? 12.911  -4.102  14.735  1.00 0.00  ? 266 HOH A H1   1 
HETATM 1641 H H2   . HOH B 2 .   ? 13.409  -2.777  14.211  1.00 0.00  ? 266 HOH A H2   1 
HETATM 1642 O O    . HOH B 2 .   ? 8.588   -3.282  15.192  1.00 50.36 ? 267 HOH A O    1 
HETATM 1643 H H1   . HOH B 2 .   ? 8.857   -3.987  14.596  1.00 0.00  ? 267 HOH A H1   1 
HETATM 1644 H H2   . HOH B 2 .   ? 8.482   -2.537  14.599  1.00 0.00  ? 267 HOH A H2   1 
HETATM 1645 O O    . HOH B 2 .   ? 15.252  -0.228  1.497   1.00 42.09 ? 268 HOH A O    1 
HETATM 1646 H H1   . HOH B 2 .   ? 14.683  -0.947  1.196   1.00 0.00  ? 268 HOH A H1   1 
HETATM 1647 H H2   . HOH B 2 .   ? 16.138  -0.620  1.379   1.00 0.00  ? 268 HOH A H2   1 
HETATM 1648 O O    . HOH B 2 .   ? 12.175  -3.795  -3.902  1.00 46.21 ? 269 HOH A O    1 
HETATM 1649 H H1   . HOH B 2 .   ? 11.882  -3.973  -3.003  1.00 0.00  ? 269 HOH A H1   1 
HETATM 1650 H H2   . HOH B 2 .   ? 12.670  -4.578  -4.141  1.00 0.00  ? 269 HOH A H2   1 
HETATM 1651 O O    . HOH B 2 .   ? -4.261  -4.864  -7.942  1.00 60.12 ? 270 HOH A O    1 
HETATM 1652 H H1   . HOH B 2 .   ? -4.221  -5.804  -8.147  1.00 0.00  ? 270 HOH A H1   1 
HETATM 1653 H H2   . HOH B 2 .   ? -3.981  -4.848  -7.026  1.00 0.00  ? 270 HOH A H2   1 
HETATM 1654 O O    . HOH B 2 .   ? 8.769   -8.082  -7.765  1.00 47.70 ? 271 HOH A O    1 
HETATM 1655 H H1   . HOH B 2 .   ? 9.181   -8.405  -8.573  1.00 0.00  ? 271 HOH A H1   1 
HETATM 1656 H H2   . HOH B 2 .   ? 8.071   -7.503  -8.082  1.00 0.00  ? 271 HOH A H2   1 
HETATM 1657 O O    . HOH B 2 .   ? -8.315  -15.641 5.984   1.00 47.09 ? 272 HOH A O    1 
HETATM 1658 H H1   . HOH B 2 .   ? -7.583  -16.255 5.911   1.00 0.00  ? 272 HOH A H1   1 
HETATM 1659 H H2   . HOH B 2 .   ? -8.052  -15.114 6.747   1.00 0.00  ? 272 HOH A H2   1 
HETATM 1660 O O    . HOH B 2 .   ? 10.986  1.552   -1.622  1.00 45.90 ? 273 HOH A O    1 
HETATM 1661 H H1   . HOH B 2 .   ? 11.071  0.819   -2.239  1.00 0.00  ? 273 HOH A H1   1 
HETATM 1662 H H2   . HOH B 2 .   ? 10.111  1.907   -1.814  1.00 0.00  ? 273 HOH A H2   1 
HETATM 1663 O O    . HOH B 2 .   ? 5.324   12.795  0.814   1.00 49.08 ? 274 HOH A O    1 
HETATM 1664 H H1   . HOH B 2 .   ? 5.641   12.572  1.693   1.00 0.00  ? 274 HOH A H1   1 
HETATM 1665 H H2   . HOH B 2 .   ? 4.522   13.293  0.994   1.00 0.00  ? 274 HOH A H2   1 
HETATM 1666 O O    . HOH B 2 .   ? 15.236  8.227   -9.899  1.00 41.87 ? 275 HOH A O    1 
HETATM 1667 H H1   . HOH B 2 .   ? 14.970  8.150   -8.954  1.00 0.00  ? 275 HOH A H1   1 
HETATM 1668 H H2   . HOH B 2 .   ? 16.189  8.342   -9.822  1.00 0.00  ? 275 HOH A H2   1 
HETATM 1669 O O    . HOH B 2 .   ? -9.477  12.471  -15.211 1.00 44.39 ? 276 HOH A O    1 
HETATM 1670 H H1   . HOH B 2 .   ? -9.559  13.122  -15.910 1.00 0.00  ? 276 HOH A H1   1 
HETATM 1671 H H2   . HOH B 2 .   ? -8.527  12.346  -15.141 1.00 0.00  ? 276 HOH A H2   1 
HETATM 1672 O O    . HOH B 2 .   ? 4.947   19.004  -2.453  1.00 50.20 ? 277 HOH A O    1 
HETATM 1673 H H1   . HOH B 2 .   ? 4.711   18.903  -1.530  1.00 0.00  ? 277 HOH A H1   1 
HETATM 1674 H H2   . HOH B 2 .   ? 4.426   18.310  -2.890  1.00 0.00  ? 277 HOH A H2   1 
HETATM 1675 O O    . HOH B 2 .   ? 2.578   20.049  -14.550 1.00 37.87 ? 278 HOH A O    1 
HETATM 1676 H H1   . HOH B 2 .   ? 3.248   19.861  -13.888 1.00 0.00  ? 278 HOH A H1   1 
HETATM 1677 H H2   . HOH B 2 .   ? 3.083   20.377  -15.297 1.00 0.00  ? 278 HOH A H2   1 
HETATM 1678 O O    . HOH B 2 .   ? 11.015  2.233   -8.258  1.00 48.21 ? 279 HOH A O    1 
HETATM 1679 H H1   . HOH B 2 .   ? 11.536  2.798   -7.657  1.00 0.00  ? 279 HOH A H1   1 
HETATM 1680 H H2   . HOH B 2 .   ? 11.677  1.836   -8.857  1.00 0.00  ? 279 HOH A H2   1 
HETATM 1681 O O    . HOH B 2 .   ? -16.004 -9.136  15.602  1.00 33.39 ? 280 HOH A O    1 
HETATM 1682 H H1   . HOH B 2 .   ? -16.260 -9.558  14.767  1.00 0.00  ? 280 HOH A H1   1 
HETATM 1683 H H2   . HOH B 2 .   ? -16.495 -8.306  15.563  1.00 0.00  ? 280 HOH A H2   1 
HETATM 1684 O O    . HOH B 2 .   ? -6.871  11.623  -2.340  1.00 62.07 ? 281 HOH A O    1 
HETATM 1685 H H1   . HOH B 2 .   ? -6.614  11.095  -3.102  1.00 0.00  ? 281 HOH A H1   1 
HETATM 1686 H H2   . HOH B 2 .   ? -7.687  11.175  -2.036  1.00 0.00  ? 281 HOH A H2   1 
HETATM 1687 O O    . HOH B 2 .   ? -12.127 1.948   -1.575  1.00 46.25 ? 282 HOH A O    1 
HETATM 1688 H H1   . HOH B 2 .   ? -12.085 2.915   -1.468  1.00 0.00  ? 282 HOH A H1   1 
HETATM 1689 H H2   . HOH B 2 .   ? -12.596 1.675   -0.776  1.00 0.00  ? 282 HOH A H2   1 
HETATM 1690 O O    . HOH B 2 .   ? 4.366   -9.147  0.102   1.00 30.47 ? 283 HOH A O    1 
HETATM 1691 H H1   . HOH B 2 .   ? 4.047   -8.500  0.738   1.00 0.00  ? 283 HOH A H1   1 
HETATM 1692 H H2   . HOH B 2 .   ? 5.028   -8.645  -0.382  1.00 0.00  ? 283 HOH A H2   1 
HETATM 1693 O O    . HOH B 2 .   ? -6.736  8.865   -23.382 1.00 42.79 ? 284 HOH A O    1 
HETATM 1694 H H1   . HOH B 2 .   ? -6.142  9.626   -23.441 1.00 0.00  ? 284 HOH A H1   1 
HETATM 1695 H H2   . HOH B 2 .   ? -7.379  9.041   -24.098 1.00 0.00  ? 284 HOH A H2   1 
HETATM 1696 O O    . HOH B 2 .   ? 0.822   5.236   -22.393 1.00 49.60 ? 285 HOH A O    1 
HETATM 1697 H H1   . HOH B 2 .   ? 0.635   5.661   -21.553 1.00 0.00  ? 285 HOH A H1   1 
HETATM 1698 H H2   . HOH B 2 .   ? 0.280   4.443   -22.373 1.00 0.00  ? 285 HOH A H2   1 
HETATM 1699 O O    . HOH B 2 .   ? 8.789   -2.491  -21.209 1.00 54.54 ? 286 HOH A O    1 
HETATM 1700 H H1   . HOH B 2 .   ? 7.832   -2.378  -21.273 1.00 0.00  ? 286 HOH A H1   1 
HETATM 1701 H H2   . HOH B 2 .   ? 8.950   -3.259  -21.762 1.00 0.00  ? 286 HOH A H2   1 
HETATM 1702 O O    . HOH B 2 .   ? 11.264  1.249   -16.775 1.00 46.17 ? 287 HOH A O    1 
HETATM 1703 H H1   . HOH B 2 .   ? 10.897  0.530   -17.298 1.00 0.00  ? 287 HOH A H1   1 
HETATM 1704 H H2   . HOH B 2 .   ? 11.694  0.798   -16.034 1.00 0.00  ? 287 HOH A H2   1 
HETATM 1705 O O    . HOH B 2 .   ? 14.734  2.138   -7.592  1.00 45.89 ? 288 HOH A O    1 
HETATM 1706 H H1   . HOH B 2 .   ? 14.344  1.308   -7.896  1.00 0.00  ? 288 HOH A H1   1 
HETATM 1707 H H2   . HOH B 2 .   ? 14.108  2.796   -7.900  1.00 0.00  ? 288 HOH A H2   1 
HETATM 1708 O O    . HOH B 2 .   ? 7.707   7.892   -16.855 1.00 48.80 ? 289 HOH A O    1 
HETATM 1709 H H1   . HOH B 2 .   ? 8.311   8.460   -16.385 1.00 0.00  ? 289 HOH A H1   1 
HETATM 1710 H H2   . HOH B 2 .   ? 8.207   7.626   -17.631 1.00 0.00  ? 289 HOH A H2   1 
HETATM 1711 O O    . HOH B 2 .   ? 12.069  4.009   -6.326  1.00 43.91 ? 290 HOH A O    1 
HETATM 1712 H H1   . HOH B 2 .   ? 11.811  4.918   -6.542  1.00 0.00  ? 290 HOH A H1   1 
HETATM 1713 H H2   . HOH B 2 .   ? 12.057  4.012   -5.362  1.00 0.00  ? 290 HOH A H2   1 
HETATM 1714 O O    . HOH B 2 .   ? -10.679 -4.983  -16.351 1.00 42.03 ? 291 HOH A O    1 
HETATM 1715 H H1   . HOH B 2 .   ? -11.046 -5.723  -15.861 1.00 0.00  ? 291 HOH A H1   1 
HETATM 1716 H H2   . HOH B 2 .   ? -10.565 -4.328  -15.646 1.00 0.00  ? 291 HOH A H2   1 
HETATM 1717 O O    . HOH B 2 .   ? -15.733 4.167   -6.209  1.00 53.52 ? 292 HOH A O    1 
HETATM 1718 H H1   . HOH B 2 .   ? -15.101 4.372   -6.905  1.00 0.00  ? 292 HOH A H1   1 
HETATM 1719 H H2   . HOH B 2 .   ? -16.496 4.717   -6.419  1.00 0.00  ? 292 HOH A H2   1 
HETATM 1720 O O    . HOH B 2 .   ? -8.955  10.206  -1.168  1.00 46.29 ? 293 HOH A O    1 
HETATM 1721 H H1   . HOH B 2 .   ? -9.521  10.602  -0.502  1.00 0.00  ? 293 HOH A H1   1 
HETATM 1722 H H2   . HOH B 2 .   ? -8.716  9.374   -0.740  1.00 0.00  ? 293 HOH A H2   1 
HETATM 1723 O O    . HOH B 2 .   ? -2.225  7.260   7.159   1.00 43.77 ? 294 HOH A O    1 
HETATM 1724 H H1   . HOH B 2 .   ? -2.643  6.447   7.462   1.00 0.00  ? 294 HOH A H1   1 
HETATM 1725 H H2   . HOH B 2 .   ? -1.365  6.965   6.831   1.00 0.00  ? 294 HOH A H2   1 
HETATM 1726 O O    . HOH B 2 .   ? 2.132   8.167   1.925   1.00 63.82 ? 295 HOH A O    1 
HETATM 1727 H H1   . HOH B 2 .   ? 1.366   8.455   1.420   1.00 0.00  ? 295 HOH A H1   1 
HETATM 1728 H H2   . HOH B 2 .   ? 2.876   8.297   1.318   1.00 0.00  ? 295 HOH A H2   1 
HETATM 1729 O O    . HOH B 2 .   ? -17.875 -5.342  7.642   1.00 57.52 ? 296 HOH A O    1 
HETATM 1730 H H1   . HOH B 2 .   ? -17.496 -6.110  7.196   1.00 0.00  ? 296 HOH A H1   1 
HETATM 1731 H H2   . HOH B 2 .   ? -17.104 -4.767  7.699   1.00 0.00  ? 296 HOH A H2   1 
HETATM 1732 O O    . HOH B 2 .   ? -15.580 -3.537  5.468   1.00 45.27 ? 297 HOH A O    1 
HETATM 1733 H H1   . HOH B 2 .   ? -15.474 -4.503  5.512   1.00 0.00  ? 297 HOH A H1   1 
HETATM 1734 H H2   . HOH B 2 .   ? -15.548 -3.352  6.418   1.00 0.00  ? 297 HOH A H2   1 
# 
